data_1PCS
# 
_entry.id   1PCS 
# 
_audit_conform.dict_name       mmcif_pdbx.dic 
_audit_conform.dict_version    5.392 
_audit_conform.dict_location   http://mmcif.pdb.org/dictionaries/ascii/mmcif_pdbx.dic 
# 
loop_
_database_2.database_id 
_database_2.database_code 
_database_2.pdbx_database_accession 
_database_2.pdbx_DOI 
PDB   1PCS         pdb_00001pcs 10.2210/pdb1pcs/pdb 
WWPDB D_1000175608 ?            ?                   
# 
loop_
_pdbx_audit_revision_history.ordinal 
_pdbx_audit_revision_history.data_content_type 
_pdbx_audit_revision_history.major_revision 
_pdbx_audit_revision_history.minor_revision 
_pdbx_audit_revision_history.revision_date 
1 'Structure model' 1 0 1997-12-17 
2 'Structure model' 1 1 2008-03-24 
3 'Structure model' 1 2 2011-07-13 
4 'Structure model' 1 3 2021-11-03 
5 'Structure model' 1 4 2023-08-09 
6 'Structure model' 1 5 2024-05-22 
# 
_pdbx_audit_revision_details.ordinal             1 
_pdbx_audit_revision_details.revision_ordinal    1 
_pdbx_audit_revision_details.data_content_type   'Structure model' 
_pdbx_audit_revision_details.provider            repository 
_pdbx_audit_revision_details.type                'Initial release' 
_pdbx_audit_revision_details.description         ? 
_pdbx_audit_revision_details.details             ? 
# 
loop_
_pdbx_audit_revision_group.ordinal 
_pdbx_audit_revision_group.revision_ordinal 
_pdbx_audit_revision_group.data_content_type 
_pdbx_audit_revision_group.group 
1 2 'Structure model' 'Version format compliance' 
2 3 'Structure model' 'Source and taxonomy'       
3 3 'Structure model' 'Version format compliance' 
4 4 'Structure model' 'Database references'       
5 4 'Structure model' 'Derived calculations'      
6 5 'Structure model' 'Refinement description'    
7 6 'Structure model' 'Data collection'           
# 
loop_
_pdbx_audit_revision_category.ordinal 
_pdbx_audit_revision_category.revision_ordinal 
_pdbx_audit_revision_category.data_content_type 
_pdbx_audit_revision_category.category 
1 4 'Structure model' database_2                    
2 4 'Structure model' struct_conn                   
3 4 'Structure model' struct_ref_seq_dif            
4 4 'Structure model' struct_site                   
5 5 'Structure model' pdbx_initial_refinement_model 
6 6 'Structure model' chem_comp_atom                
7 6 'Structure model' chem_comp_bond                
# 
loop_
_pdbx_audit_revision_item.ordinal 
_pdbx_audit_revision_item.revision_ordinal 
_pdbx_audit_revision_item.data_content_type 
_pdbx_audit_revision_item.item 
1  4 'Structure model' '_database_2.pdbx_DOI'                
2  4 'Structure model' '_database_2.pdbx_database_accession' 
3  4 'Structure model' '_struct_conn.ptnr1_auth_comp_id'     
4  4 'Structure model' '_struct_conn.ptnr1_auth_seq_id'      
5  4 'Structure model' '_struct_conn.ptnr1_label_asym_id'    
6  4 'Structure model' '_struct_conn.ptnr1_label_atom_id'    
7  4 'Structure model' '_struct_conn.ptnr1_label_comp_id'    
8  4 'Structure model' '_struct_conn.ptnr1_label_seq_id'     
9  4 'Structure model' '_struct_conn.ptnr2_auth_comp_id'     
10 4 'Structure model' '_struct_conn.ptnr2_auth_seq_id'      
11 4 'Structure model' '_struct_conn.ptnr2_label_asym_id'    
12 4 'Structure model' '_struct_conn.ptnr2_label_atom_id'    
13 4 'Structure model' '_struct_conn.ptnr2_label_comp_id'    
14 4 'Structure model' '_struct_conn.ptnr2_label_seq_id'     
15 4 'Structure model' '_struct_ref_seq_dif.details'         
16 4 'Structure model' '_struct_site.pdbx_auth_asym_id'      
17 4 'Structure model' '_struct_site.pdbx_auth_comp_id'      
18 4 'Structure model' '_struct_site.pdbx_auth_seq_id'       
# 
_pdbx_database_status.status_code                     REL 
_pdbx_database_status.entry_id                        1PCS 
_pdbx_database_status.recvd_initial_deposition_date   1997-06-17 
_pdbx_database_status.deposit_site                    ? 
_pdbx_database_status.process_site                    BNL 
_pdbx_database_status.status_code_sf                  REL 
_pdbx_database_status.status_code_mr                  ? 
_pdbx_database_status.SG_entry                        ? 
_pdbx_database_status.pdb_format_compatible           Y 
_pdbx_database_status.status_code_cs                  ? 
_pdbx_database_status.status_code_nmr_data            ? 
_pdbx_database_status.methods_development_category    ? 
# 
loop_
_audit_author.name 
_audit_author.pdbx_ordinal 
'Romero, A.'       1 
'De La Cerda, B.'  2 
'Varela, P.F.'     3 
'Navarro, J.A.'    4 
'Hervas, M.'       5 
'De La Rosa, M.A.' 6 
# 
loop_
_citation.id 
_citation.title 
_citation.journal_abbrev 
_citation.journal_volume 
_citation.page_first 
_citation.page_last 
_citation.year 
_citation.journal_id_ASTM 
_citation.country 
_citation.journal_id_ISSN 
_citation.journal_id_CSD 
_citation.book_publisher 
_citation.pdbx_database_id_PubMed 
_citation.pdbx_database_id_DOI 
primary 'The 2.15 A crystal structure of a triple mutant plastocyanin from the cyanobacterium Synechocystis sp. PCC 6803.' 
J.Mol.Biol.  275 327  336 1998 JMOBAK UK 0022-2836 0070 ? 9466912 10.1006/jmbi.1997.1455 
1       'Solution Structure of Reduced Plastocyanin from the Blue-Green Alga Anabaena Variabilis'                          
Biochemistry 35  7021 ?   1996 BICHAW US 0006-2960 0033 ? ?       ?                      
2       'Structure of Oxidized Poplar Plastocyanin at 1.6 A Resolution'                                                    
J.Mol.Biol.  169 521  ?   1983 JMOBAK UK 0022-2836 0070 ? ?       ?                      
# 
loop_
_citation_author.citation_id 
_citation_author.name 
_citation_author.ordinal 
_citation_author.identifier_ORCID 
primary 'Romero, A.'       1  ? 
primary 'De la Cerda, B.'  2  ? 
primary 'Varela, P.F.'     3  ? 
primary 'Navarro, J.A.'    4  ? 
primary 'Hervas, M.'       5  ? 
primary 'De la Rosa, M.A.' 6  ? 
1       'Badsberg, U.'     7  ? 
1       'Jorgensen, A.M.'  8  ? 
1       'Gesmar, H.'       9  ? 
1       'Led, J.J.'        10 ? 
1       'Hammerstad, J.M.' 11 ? 
1       'Jespersen, L.L.'  12 ? 
1       'Ulstrup, J.'      13 ? 
2       'Guss, J.M.'       14 ? 
2       'Freeman, H.C.'    15 ? 
# 
loop_
_entity.id 
_entity.type 
_entity.src_method 
_entity.pdbx_description 
_entity.formula_weight 
_entity.pdbx_number_of_molecules 
_entity.pdbx_ec 
_entity.pdbx_mutation 
_entity.pdbx_fragment 
_entity.details 
1 polymer     man PLASTOCYANIN      10331.574 1  ? 'A42D, D47P, A63L' ? ? 
2 non-polymer syn 'COPPER (II) ION' 63.546    1  ? ?                  ? ? 
3 water       nat water             18.015    75 ? ?                  ? ? 
# 
_entity_poly.entity_id                      1 
_entity_poly.type                           'polypeptide(L)' 
_entity_poly.nstd_linkage                   no 
_entity_poly.nstd_monomer                   no 
_entity_poly.pdbx_seq_one_letter_code       
;ANATVKMGSDSGALVFEPSTVTIKAGEEVKWVNNKLSPHNIVFDADGVPADTAAKLSHKGLLFAAGESFTSTFTEPGTYT
YYCEPHRGAGMVGKVVVE
;
_entity_poly.pdbx_seq_one_letter_code_can   
;ANATVKMGSDSGALVFEPSTVTIKAGEEVKWVNNKLSPHNIVFDADGVPADTAAKLSHKGLLFAAGESFTSTFTEPGTYT
YYCEPHRGAGMVGKVVVE
;
_entity_poly.pdbx_strand_id                 A 
_entity_poly.pdbx_target_identifier         ? 
# 
loop_
_pdbx_entity_nonpoly.entity_id 
_pdbx_entity_nonpoly.name 
_pdbx_entity_nonpoly.comp_id 
2 'COPPER (II) ION' CU  
3 water             HOH 
# 
loop_
_entity_poly_seq.entity_id 
_entity_poly_seq.num 
_entity_poly_seq.mon_id 
_entity_poly_seq.hetero 
1 1  ALA n 
1 2  ASN n 
1 3  ALA n 
1 4  THR n 
1 5  VAL n 
1 6  LYS n 
1 7  MET n 
1 8  GLY n 
1 9  SER n 
1 10 ASP n 
1 11 SER n 
1 12 GLY n 
1 13 ALA n 
1 14 LEU n 
1 15 VAL n 
1 16 PHE n 
1 17 GLU n 
1 18 PRO n 
1 19 SER n 
1 20 THR n 
1 21 VAL n 
1 22 THR n 
1 23 ILE n 
1 24 LYS n 
1 25 ALA n 
1 26 GLY n 
1 27 GLU n 
1 28 GLU n 
1 29 VAL n 
1 30 LYS n 
1 31 TRP n 
1 32 VAL n 
1 33 ASN n 
1 34 ASN n 
1 35 LYS n 
1 36 LEU n 
1 37 SER n 
1 38 PRO n 
1 39 HIS n 
1 40 ASN n 
1 41 ILE n 
1 42 VAL n 
1 43 PHE n 
1 44 ASP n 
1 45 ALA n 
1 46 ASP n 
1 47 GLY n 
1 48 VAL n 
1 49 PRO n 
1 50 ALA n 
1 51 ASP n 
1 52 THR n 
1 53 ALA n 
1 54 ALA n 
1 55 LYS n 
1 56 LEU n 
1 57 SER n 
1 58 HIS n 
1 59 LYS n 
1 60 GLY n 
1 61 LEU n 
1 62 LEU n 
1 63 PHE n 
1 64 ALA n 
1 65 ALA n 
1 66 GLY n 
1 67 GLU n 
1 68 SER n 
1 69 PHE n 
1 70 THR n 
1 71 SER n 
1 72 THR n 
1 73 PHE n 
1 74 THR n 
1 75 GLU n 
1 76 PRO n 
1 77 GLY n 
1 78 THR n 
1 79 TYR n 
1 80 THR n 
1 81 TYR n 
1 82 TYR n 
1 83 CYS n 
1 84 GLU n 
1 85 PRO n 
1 86 HIS n 
1 87 ARG n 
1 88 GLY n 
1 89 ALA n 
1 90 GLY n 
1 91 MET n 
1 92 VAL n 
1 93 GLY n 
1 94 LYS n 
1 95 VAL n 
1 96 VAL n 
1 97 VAL n 
1 98 GLU n 
# 
_entity_src_gen.entity_id                          1 
_entity_src_gen.pdbx_src_id                        1 
_entity_src_gen.pdbx_alt_source_flag               sample 
_entity_src_gen.pdbx_seq_type                      ? 
_entity_src_gen.pdbx_beg_seq_num                   ? 
_entity_src_gen.pdbx_end_seq_num                   ? 
_entity_src_gen.gene_src_common_name               ? 
_entity_src_gen.gene_src_genus                     Synechocystis 
_entity_src_gen.pdbx_gene_src_gene                 ? 
_entity_src_gen.gene_src_species                   ? 
_entity_src_gen.gene_src_strain                    'PCC 6803' 
_entity_src_gen.gene_src_tissue                    ? 
_entity_src_gen.gene_src_tissue_fraction           ? 
_entity_src_gen.gene_src_details                   ? 
_entity_src_gen.pdbx_gene_src_fragment             ? 
_entity_src_gen.pdbx_gene_src_scientific_name      'Synechocystis sp.' 
_entity_src_gen.pdbx_gene_src_ncbi_taxonomy_id     1148 
_entity_src_gen.pdbx_gene_src_variant              ? 
_entity_src_gen.pdbx_gene_src_cell_line            ? 
_entity_src_gen.pdbx_gene_src_atcc                 ? 
_entity_src_gen.pdbx_gene_src_organ                ? 
_entity_src_gen.pdbx_gene_src_organelle            ? 
_entity_src_gen.pdbx_gene_src_cell                 ? 
_entity_src_gen.pdbx_gene_src_cellular_location    ? 
_entity_src_gen.host_org_common_name               ? 
_entity_src_gen.pdbx_host_org_scientific_name      'Escherichia coli' 
_entity_src_gen.pdbx_host_org_ncbi_taxonomy_id     562 
_entity_src_gen.host_org_genus                     Escherichia 
_entity_src_gen.pdbx_host_org_gene                 ? 
_entity_src_gen.pdbx_host_org_organ                ? 
_entity_src_gen.host_org_species                   ? 
_entity_src_gen.pdbx_host_org_tissue               ? 
_entity_src_gen.pdbx_host_org_tissue_fraction      ? 
_entity_src_gen.pdbx_host_org_strain               DH-5A 
_entity_src_gen.pdbx_host_org_variant              ? 
_entity_src_gen.pdbx_host_org_cell_line            ? 
_entity_src_gen.pdbx_host_org_atcc                 ? 
_entity_src_gen.pdbx_host_org_culture_collection   ? 
_entity_src_gen.pdbx_host_org_cell                 ? 
_entity_src_gen.pdbx_host_org_organelle            ? 
_entity_src_gen.pdbx_host_org_cellular_location    PERIPLASM 
_entity_src_gen.pdbx_host_org_vector_type          ? 
_entity_src_gen.pdbx_host_org_vector               'PBLUESCRIPT II (SK+)' 
_entity_src_gen.host_org_details                   ? 
_entity_src_gen.expression_system_id               ? 
_entity_src_gen.plasmid_name                       ? 
_entity_src_gen.plasmid_details                    ? 
_entity_src_gen.pdbx_description                   ? 
# 
loop_
_chem_comp.id 
_chem_comp.type 
_chem_comp.mon_nstd_flag 
_chem_comp.name 
_chem_comp.pdbx_synonyms 
_chem_comp.formula 
_chem_comp.formula_weight 
ALA 'L-peptide linking' y ALANINE           ? 'C3 H7 N O2'     89.093  
ARG 'L-peptide linking' y ARGININE          ? 'C6 H15 N4 O2 1' 175.209 
ASN 'L-peptide linking' y ASPARAGINE        ? 'C4 H8 N2 O3'    132.118 
ASP 'L-peptide linking' y 'ASPARTIC ACID'   ? 'C4 H7 N O4'     133.103 
CU  non-polymer         . 'COPPER (II) ION' ? 'Cu 2'           63.546  
CYS 'L-peptide linking' y CYSTEINE          ? 'C3 H7 N O2 S'   121.158 
GLU 'L-peptide linking' y 'GLUTAMIC ACID'   ? 'C5 H9 N O4'     147.129 
GLY 'peptide linking'   y GLYCINE           ? 'C2 H5 N O2'     75.067  
HIS 'L-peptide linking' y HISTIDINE         ? 'C6 H10 N3 O2 1' 156.162 
HOH non-polymer         . WATER             ? 'H2 O'           18.015  
ILE 'L-peptide linking' y ISOLEUCINE        ? 'C6 H13 N O2'    131.173 
LEU 'L-peptide linking' y LEUCINE           ? 'C6 H13 N O2'    131.173 
LYS 'L-peptide linking' y LYSINE            ? 'C6 H15 N2 O2 1' 147.195 
MET 'L-peptide linking' y METHIONINE        ? 'C5 H11 N O2 S'  149.211 
PHE 'L-peptide linking' y PHENYLALANINE     ? 'C9 H11 N O2'    165.189 
PRO 'L-peptide linking' y PROLINE           ? 'C5 H9 N O2'     115.130 
SER 'L-peptide linking' y SERINE            ? 'C3 H7 N O3'     105.093 
THR 'L-peptide linking' y THREONINE         ? 'C4 H9 N O3'     119.119 
TRP 'L-peptide linking' y TRYPTOPHAN        ? 'C11 H12 N2 O2'  204.225 
TYR 'L-peptide linking' y TYROSINE          ? 'C9 H11 N O3'    181.189 
VAL 'L-peptide linking' y VALINE            ? 'C5 H11 N O2'    117.146 
# 
loop_
_pdbx_poly_seq_scheme.asym_id 
_pdbx_poly_seq_scheme.entity_id 
_pdbx_poly_seq_scheme.seq_id 
_pdbx_poly_seq_scheme.mon_id 
_pdbx_poly_seq_scheme.ndb_seq_num 
_pdbx_poly_seq_scheme.pdb_seq_num 
_pdbx_poly_seq_scheme.auth_seq_num 
_pdbx_poly_seq_scheme.pdb_mon_id 
_pdbx_poly_seq_scheme.auth_mon_id 
_pdbx_poly_seq_scheme.pdb_strand_id 
_pdbx_poly_seq_scheme.pdb_ins_code 
_pdbx_poly_seq_scheme.hetero 
A 1 1  ALA 1  -2 -2 ALA ALA A . n 
A 1 2  ASN 2  -1 -1 ASN ASN A . n 
A 1 3  ALA 3  1  1  ALA ALA A . n 
A 1 4  THR 4  2  2  THR THR A . n 
A 1 5  VAL 5  3  3  VAL VAL A . n 
A 1 6  LYS 6  4  4  LYS LYS A . n 
A 1 7  MET 7  5  5  MET MET A . n 
A 1 8  GLY 8  6  6  GLY GLY A . n 
A 1 9  SER 9  7  7  SER SER A . n 
A 1 10 ASP 10 8  8  ASP ASP A . n 
A 1 11 SER 11 9  9  SER SER A . n 
A 1 12 GLY 12 10 10 GLY GLY A . n 
A 1 13 ALA 13 11 11 ALA ALA A . n 
A 1 14 LEU 14 12 12 LEU LEU A . n 
A 1 15 VAL 15 13 13 VAL VAL A . n 
A 1 16 PHE 16 14 14 PHE PHE A . n 
A 1 17 GLU 17 15 15 GLU GLU A . n 
A 1 18 PRO 18 16 16 PRO PRO A . n 
A 1 19 SER 19 17 17 SER SER A . n 
A 1 20 THR 20 18 18 THR THR A . n 
A 1 21 VAL 21 19 19 VAL VAL A . n 
A 1 22 THR 22 20 20 THR THR A . n 
A 1 23 ILE 23 21 21 ILE ILE A . n 
A 1 24 LYS 24 22 22 LYS LYS A . n 
A 1 25 ALA 25 23 23 ALA ALA A . n 
A 1 26 GLY 26 24 24 GLY GLY A . n 
A 1 27 GLU 27 25 25 GLU GLU A . n 
A 1 28 GLU 28 26 26 GLU GLU A . n 
A 1 29 VAL 29 27 27 VAL VAL A . n 
A 1 30 LYS 30 28 28 LYS LYS A . n 
A 1 31 TRP 31 29 29 TRP TRP A . n 
A 1 32 VAL 32 30 30 VAL VAL A . n 
A 1 33 ASN 33 31 31 ASN ASN A . n 
A 1 34 ASN 34 32 32 ASN ASN A . n 
A 1 35 LYS 35 33 33 LYS LYS A . n 
A 1 36 LEU 36 34 34 LEU LEU A . n 
A 1 37 SER 37 35 35 SER SER A . n 
A 1 38 PRO 38 36 36 PRO PRO A . n 
A 1 39 HIS 39 37 37 HIS HIS A . n 
A 1 40 ASN 40 38 38 ASN ASN A . n 
A 1 41 ILE 41 39 39 ILE ILE A . n 
A 1 42 VAL 42 40 40 VAL VAL A . n 
A 1 43 PHE 43 41 41 PHE PHE A . n 
A 1 44 ASP 44 42 42 ASP ASP A . n 
A 1 45 ALA 45 43 43 ALA ALA A . n 
A 1 46 ASP 46 44 44 ASP ASP A . n 
A 1 47 GLY 47 45 45 GLY GLY A . n 
A 1 48 VAL 48 46 46 VAL VAL A . n 
A 1 49 PRO 49 47 47 PRO PRO A . n 
A 1 50 ALA 50 48 48 ALA ALA A . n 
A 1 51 ASP 51 50 50 ASP ASP A . n 
A 1 52 THR 52 51 51 THR THR A . n 
A 1 53 ALA 53 52 52 ALA ALA A . n 
A 1 54 ALA 54 53 53 ALA ALA A . n 
A 1 55 LYS 55 54 54 LYS LYS A . n 
A 1 56 LEU 56 55 55 LEU LEU A . n 
A 1 57 SER 57 56 56 SER SER A . n 
A 1 58 HIS 58 57 57 HIS HIS A . n 
A 1 59 LYS 59 58 58 LYS LYS A . n 
A 1 60 GLY 60 61 61 GLY GLY A . n 
A 1 61 LEU 61 62 62 LEU LEU A . n 
A 1 62 LEU 62 63 63 LEU LEU A . n 
A 1 63 PHE 63 64 64 PHE PHE A . n 
A 1 64 ALA 64 65 65 ALA ALA A . n 
A 1 65 ALA 65 66 66 ALA ALA A . n 
A 1 66 GLY 66 67 67 GLY GLY A . n 
A 1 67 GLU 67 68 68 GLU GLU A . n 
A 1 68 SER 68 69 69 SER SER A . n 
A 1 69 PHE 69 70 70 PHE PHE A . n 
A 1 70 THR 70 71 71 THR THR A . n 
A 1 71 SER 71 72 72 SER SER A . n 
A 1 72 THR 72 73 73 THR THR A . n 
A 1 73 PHE 73 74 74 PHE PHE A . n 
A 1 74 THR 74 75 75 THR THR A . n 
A 1 75 GLU 75 76 76 GLU GLU A . n 
A 1 76 PRO 76 77 77 PRO PRO A . n 
A 1 77 GLY 77 78 78 GLY GLY A . n 
A 1 78 THR 78 79 79 THR THR A . n 
A 1 79 TYR 79 80 80 TYR TYR A . n 
A 1 80 THR 80 81 81 THR THR A . n 
A 1 81 TYR 81 82 82 TYR TYR A . n 
A 1 82 TYR 82 83 83 TYR TYR A . n 
A 1 83 CYS 83 84 84 CYS CYS A . n 
A 1 84 GLU 84 85 85 GLU GLU A . n 
A 1 85 PRO 85 86 86 PRO PRO A . n 
A 1 86 HIS 86 87 87 HIS HIS A . n 
A 1 87 ARG 87 88 88 ARG ARG A . n 
A 1 88 GLY 88 89 89 GLY GLY A . n 
A 1 89 ALA 89 90 90 ALA ALA A . n 
A 1 90 GLY 90 91 91 GLY GLY A . n 
A 1 91 MET 91 92 92 MET MET A . n 
A 1 92 VAL 92 93 93 VAL VAL A . n 
A 1 93 GLY 93 94 94 GLY GLY A . n 
A 1 94 LYS 94 95 95 LYS LYS A . n 
A 1 95 VAL 95 96 96 VAL VAL A . n 
A 1 96 VAL 96 97 97 VAL VAL A . n 
A 1 97 VAL 97 98 98 VAL VAL A . n 
A 1 98 GLU 98 99 99 GLU GLU A . n 
# 
loop_
_pdbx_nonpoly_scheme.asym_id 
_pdbx_nonpoly_scheme.entity_id 
_pdbx_nonpoly_scheme.mon_id 
_pdbx_nonpoly_scheme.ndb_seq_num 
_pdbx_nonpoly_scheme.pdb_seq_num 
_pdbx_nonpoly_scheme.auth_seq_num 
_pdbx_nonpoly_scheme.pdb_mon_id 
_pdbx_nonpoly_scheme.auth_mon_id 
_pdbx_nonpoly_scheme.pdb_strand_id 
_pdbx_nonpoly_scheme.pdb_ins_code 
B 2 CU  1  275 275 CU  CU  A . 
C 3 HOH 1  200 200 HOH HOH A . 
C 3 HOH 2  201 201 HOH HOH A . 
C 3 HOH 3  202 202 HOH HOH A . 
C 3 HOH 4  203 203 HOH HOH A . 
C 3 HOH 5  204 204 HOH HOH A . 
C 3 HOH 6  205 205 HOH HOH A . 
C 3 HOH 7  206 206 HOH HOH A . 
C 3 HOH 8  207 207 HOH HOH A . 
C 3 HOH 9  208 208 HOH HOH A . 
C 3 HOH 10 209 209 HOH HOH A . 
C 3 HOH 11 210 210 HOH HOH A . 
C 3 HOH 12 211 211 HOH HOH A . 
C 3 HOH 13 212 212 HOH HOH A . 
C 3 HOH 14 213 213 HOH HOH A . 
C 3 HOH 15 214 214 HOH HOH A . 
C 3 HOH 16 215 215 HOH HOH A . 
C 3 HOH 17 216 216 HOH HOH A . 
C 3 HOH 18 217 217 HOH HOH A . 
C 3 HOH 19 218 218 HOH HOH A . 
C 3 HOH 20 219 219 HOH HOH A . 
C 3 HOH 21 220 220 HOH HOH A . 
C 3 HOH 22 221 221 HOH HOH A . 
C 3 HOH 23 222 222 HOH HOH A . 
C 3 HOH 24 223 223 HOH HOH A . 
C 3 HOH 25 224 224 HOH HOH A . 
C 3 HOH 26 225 225 HOH HOH A . 
C 3 HOH 27 226 226 HOH HOH A . 
C 3 HOH 28 227 227 HOH HOH A . 
C 3 HOH 29 228 228 HOH HOH A . 
C 3 HOH 30 229 229 HOH HOH A . 
C 3 HOH 31 230 230 HOH HOH A . 
C 3 HOH 32 231 231 HOH HOH A . 
C 3 HOH 33 232 232 HOH HOH A . 
C 3 HOH 34 233 233 HOH HOH A . 
C 3 HOH 35 234 234 HOH HOH A . 
C 3 HOH 36 235 235 HOH HOH A . 
C 3 HOH 37 236 236 HOH HOH A . 
C 3 HOH 38 237 237 HOH HOH A . 
C 3 HOH 39 238 238 HOH HOH A . 
C 3 HOH 40 239 239 HOH HOH A . 
C 3 HOH 41 240 240 HOH HOH A . 
C 3 HOH 42 241 241 HOH HOH A . 
C 3 HOH 43 242 242 HOH HOH A . 
C 3 HOH 44 243 243 HOH HOH A . 
C 3 HOH 45 244 244 HOH HOH A . 
C 3 HOH 46 245 245 HOH HOH A . 
C 3 HOH 47 246 246 HOH HOH A . 
C 3 HOH 48 247 247 HOH HOH A . 
C 3 HOH 49 248 248 HOH HOH A . 
C 3 HOH 50 249 249 HOH HOH A . 
C 3 HOH 51 250 250 HOH HOH A . 
C 3 HOH 52 251 251 HOH HOH A . 
C 3 HOH 53 252 252 HOH HOH A . 
C 3 HOH 54 253 253 HOH HOH A . 
C 3 HOH 55 254 254 HOH HOH A . 
C 3 HOH 56 255 255 HOH HOH A . 
C 3 HOH 57 256 256 HOH HOH A . 
C 3 HOH 58 257 257 HOH HOH A . 
C 3 HOH 59 258 258 HOH HOH A . 
C 3 HOH 60 259 259 HOH HOH A . 
C 3 HOH 61 260 260 HOH HOH A . 
C 3 HOH 62 261 261 HOH HOH A . 
C 3 HOH 63 262 262 HOH HOH A . 
C 3 HOH 64 263 263 HOH HOH A . 
C 3 HOH 65 264 264 HOH HOH A . 
C 3 HOH 66 265 265 HOH HOH A . 
C 3 HOH 67 266 266 HOH HOH A . 
C 3 HOH 68 267 267 HOH HOH A . 
C 3 HOH 69 268 268 HOH HOH A . 
C 3 HOH 70 269 269 HOH HOH A . 
C 3 HOH 71 270 270 HOH HOH A . 
C 3 HOH 72 271 271 HOH HOH A . 
C 3 HOH 73 272 272 HOH HOH A . 
C 3 HOH 74 273 273 HOH HOH A . 
C 3 HOH 75 274 274 HOH HOH A . 
# 
loop_
_software.name 
_software.classification 
_software.version 
_software.citation_id 
_software.pdbx_ordinal 
AMoRE  phasing          .            ? 1 
X-PLOR refinement       3.1          ? 2 
MOSFLM 'data reduction' .            ? 3 
CCP4   'data scaling'   '(ROTAVATA)' ? 4 
# 
_cell.entry_id           1PCS 
_cell.length_a           34.300 
_cell.length_b           34.300 
_cell.length_c           111.800 
_cell.angle_alpha        90.00 
_cell.angle_beta         90.00 
_cell.angle_gamma        120.00 
_cell.Z_PDB              6 
_cell.pdbx_unique_axis   ? 
# 
_symmetry.entry_id                         1PCS 
_symmetry.space_group_name_H-M             'P 32 2 1' 
_symmetry.pdbx_full_space_group_name_H-M   ? 
_symmetry.cell_setting                     ? 
_symmetry.Int_Tables_number                154 
# 
_exptl.entry_id          1PCS 
_exptl.method            'X-RAY DIFFRACTION' 
_exptl.crystals_number   1 
# 
_exptl_crystal.id                    1 
_exptl_crystal.density_meas          ? 
_exptl_crystal.density_Matthews      1.94 
_exptl_crystal.density_percent_sol   37. 
_exptl_crystal.description           ? 
# 
_exptl_crystal_grow.crystal_id      1 
_exptl_crystal_grow.method          ? 
_exptl_crystal_grow.temp            ? 
_exptl_crystal_grow.temp_details    ? 
_exptl_crystal_grow.pH              6.0 
_exptl_crystal_grow.pdbx_pH_range   ? 
_exptl_crystal_grow.pdbx_details    
'PROTEIN WAS CRYSTALLIZED FROM 3.2M AMMONIUM SULFATE, 0.1M NA,K.PHOSPHATE, PH 6.0 WITH A PROTEIN CONCENTRATION OF 10 MG/ML' 
# 
_diffrn.id                     1 
_diffrn.ambient_temp           295 
_diffrn.ambient_temp_details   ? 
_diffrn.crystal_id             1 
# 
_diffrn_detector.diffrn_id              1 
_diffrn_detector.detector               'IMAGE PLATE' 
_diffrn_detector.type                   MARRESEARCH 
_diffrn_detector.pdbx_collection_date   1996-04 
_diffrn_detector.details                ? 
# 
_diffrn_radiation.diffrn_id                        1 
_diffrn_radiation.wavelength_id                    1 
_diffrn_radiation.pdbx_monochromatic_or_laue_m_l   M 
_diffrn_radiation.monochromator                    'GRAPHITE(002)' 
_diffrn_radiation.pdbx_diffrn_protocol             ? 
_diffrn_radiation.pdbx_scattering_type             x-ray 
# 
_diffrn_radiation_wavelength.id           1 
_diffrn_radiation_wavelength.wavelength   1.5418 
_diffrn_radiation_wavelength.wt           1.0 
# 
_diffrn_source.diffrn_id                   1 
_diffrn_source.source                      ? 
_diffrn_source.type                        ENRAF-NONIUS 
_diffrn_source.pdbx_synchrotron_site       ? 
_diffrn_source.pdbx_synchrotron_beamline   ? 
_diffrn_source.pdbx_wavelength             1.5418 
_diffrn_source.pdbx_wavelength_list        ? 
# 
_reflns.entry_id                     1PCS 
_reflns.observed_criterion_sigma_I   2. 
_reflns.observed_criterion_sigma_F   ? 
_reflns.d_resolution_low             20.3 
_reflns.d_resolution_high            2.15 
_reflns.number_obs                   4422 
_reflns.number_all                   ? 
_reflns.percent_possible_obs         92.7 
_reflns.pdbx_Rmerge_I_obs            ? 
_reflns.pdbx_Rsym_value              0.0650000 
_reflns.pdbx_netI_over_sigmaI        8. 
_reflns.B_iso_Wilson_estimate        12.72 
_reflns.pdbx_redundancy              5.5 
_reflns.pdbx_ordinal                 1 
_reflns.pdbx_diffrn_id               1 
# 
_reflns_shell.d_res_high             2.15 
_reflns_shell.d_res_low              2.25 
_reflns_shell.percent_possible_all   98.0 
_reflns_shell.Rmerge_I_obs           ? 
_reflns_shell.pdbx_Rsym_value        0.0740000 
_reflns_shell.meanI_over_sigI_obs    8.2 
_reflns_shell.pdbx_redundancy        5.2 
_reflns_shell.pdbx_ordinal           1 
_reflns_shell.pdbx_diffrn_id         1 
# 
_refine.entry_id                                 1PCS 
_refine.ls_number_reflns_obs                     4173 
_refine.ls_number_reflns_all                     ? 
_refine.pdbx_ls_sigma_I                          ? 
_refine.pdbx_ls_sigma_F                          0. 
_refine.pdbx_data_cutoff_high_absF               ? 
_refine.pdbx_data_cutoff_low_absF                ? 
_refine.pdbx_data_cutoff_high_rms_absF           ? 
_refine.ls_d_res_low                             8.0 
_refine.ls_d_res_high                            2.15 
_refine.ls_percent_reflns_obs                    91.6 
_refine.ls_R_factor_obs                          0.1670000 
_refine.ls_R_factor_all                          ? 
_refine.ls_R_factor_R_work                       0.1670000 
_refine.ls_R_factor_R_free                       0.2200000 
_refine.ls_R_factor_R_free_error                 ? 
_refine.ls_R_factor_R_free_error_details         ? 
_refine.ls_percent_reflns_R_free                 12.0 
_refine.ls_number_reflns_R_free                  ? 
_refine.ls_number_parameters                     ? 
_refine.ls_number_restraints                     ? 
_refine.occupancy_min                            ? 
_refine.occupancy_max                            ? 
_refine.B_iso_mean                               11.90 
_refine.aniso_B[1][1]                            ? 
_refine.aniso_B[2][2]                            ? 
_refine.aniso_B[3][3]                            ? 
_refine.aniso_B[1][2]                            ? 
_refine.aniso_B[1][3]                            ? 
_refine.aniso_B[2][3]                            ? 
_refine.solvent_model_details                    ? 
_refine.solvent_model_param_ksol                 ? 
_refine.solvent_model_param_bsol                 ? 
_refine.pdbx_ls_cross_valid_method               THROUGHOUT 
_refine.details                                  ? 
_refine.pdbx_starting_model                      'PDB ENTRY 1PCY' 
_refine.pdbx_method_to_determine_struct          'MOLECULAR REPLACEMENT' 
_refine.pdbx_isotropic_thermal_model             RESTRAINED 
_refine.pdbx_stereochemistry_target_values       ? 
_refine.pdbx_stereochem_target_val_spec_case     ? 
_refine.pdbx_R_Free_selection_details            RANDOM 
_refine.pdbx_overall_ESU_R                       ? 
_refine.pdbx_overall_ESU_R_Free                  ? 
_refine.overall_SU_ML                            ? 
_refine.overall_SU_B                             ? 
_refine.pdbx_refine_id                           'X-RAY DIFFRACTION' 
_refine.pdbx_diffrn_id                           1 
_refine.pdbx_TLS_residual_ADP_flag               ? 
_refine.correlation_coeff_Fo_to_Fc               ? 
_refine.correlation_coeff_Fo_to_Fc_free          ? 
_refine.pdbx_solvent_vdw_probe_radii             ? 
_refine.pdbx_solvent_ion_probe_radii             ? 
_refine.pdbx_solvent_shrinkage_radii             ? 
_refine.pdbx_overall_phase_error                 ? 
_refine.overall_SU_R_Cruickshank_DPI             ? 
_refine.pdbx_overall_SU_R_free_Cruickshank_DPI   ? 
_refine.pdbx_overall_SU_R_Blow_DPI               ? 
_refine.pdbx_overall_SU_R_free_Blow_DPI          ? 
# 
_refine_analyze.entry_id                        1PCS 
_refine_analyze.Luzzati_coordinate_error_obs    0.19 
_refine_analyze.Luzzati_sigma_a_obs             ? 
_refine_analyze.Luzzati_d_res_low_obs           8.0 
_refine_analyze.Luzzati_coordinate_error_free   ? 
_refine_analyze.Luzzati_sigma_a_free            ? 
_refine_analyze.Luzzati_d_res_low_free          ? 
_refine_analyze.number_disordered_residues      ? 
_refine_analyze.occupancy_sum_hydrogen          ? 
_refine_analyze.occupancy_sum_non_hydrogen      ? 
_refine_analyze.pdbx_refine_id                  'X-RAY DIFFRACTION' 
# 
_refine_hist.pdbx_refine_id                   'X-RAY DIFFRACTION' 
_refine_hist.cycle_id                         LAST 
_refine_hist.pdbx_number_atoms_protein        727 
_refine_hist.pdbx_number_atoms_nucleic_acid   0 
_refine_hist.pdbx_number_atoms_ligand         1 
_refine_hist.number_atoms_solvent             75 
_refine_hist.number_atoms_total               803 
_refine_hist.d_res_high                       2.15 
_refine_hist.d_res_low                        8.0 
# 
loop_
_refine_ls_restr.type 
_refine_ls_restr.dev_ideal 
_refine_ls_restr.dev_ideal_target 
_refine_ls_restr.weight 
_refine_ls_restr.number 
_refine_ls_restr.pdbx_refine_id 
_refine_ls_restr.pdbx_restraint_function 
x_bond_d                0.013 ?   ? ? 'X-RAY DIFFRACTION' ? 
x_bond_d_na             ?     ?   ? ? 'X-RAY DIFFRACTION' ? 
x_bond_d_prot           ?     ?   ? ? 'X-RAY DIFFRACTION' ? 
x_angle_d               ?     ?   ? ? 'X-RAY DIFFRACTION' ? 
x_angle_d_na            ?     ?   ? ? 'X-RAY DIFFRACTION' ? 
x_angle_d_prot          ?     ?   ? ? 'X-RAY DIFFRACTION' ? 
x_angle_deg             1.627 ?   ? ? 'X-RAY DIFFRACTION' ? 
x_angle_deg_na          ?     ?   ? ? 'X-RAY DIFFRACTION' ? 
x_angle_deg_prot        ?     ?   ? ? 'X-RAY DIFFRACTION' ? 
x_dihedral_angle_d      27.08 ?   ? ? 'X-RAY DIFFRACTION' ? 
x_dihedral_angle_d_na   ?     ?   ? ? 'X-RAY DIFFRACTION' ? 
x_dihedral_angle_d_prot ?     ?   ? ? 'X-RAY DIFFRACTION' ? 
x_improper_angle_d      1.148 ?   ? ? 'X-RAY DIFFRACTION' ? 
x_improper_angle_d_na   ?     ?   ? ? 'X-RAY DIFFRACTION' ? 
x_improper_angle_d_prot ?     ?   ? ? 'X-RAY DIFFRACTION' ? 
x_mcbond_it             2.0   2.0 ? ? 'X-RAY DIFFRACTION' ? 
x_mcangle_it            2.5   2.5 ? ? 'X-RAY DIFFRACTION' ? 
x_scbond_it             2.5   2.5 ? ? 'X-RAY DIFFRACTION' ? 
x_scangle_it            3.0   3.0 ? ? 'X-RAY DIFFRACTION' ? 
# 
_refine_ls_shell.pdbx_total_number_of_bins_used   8 
_refine_ls_shell.d_res_high                       2.15 
_refine_ls_shell.d_res_low                        2.30 
_refine_ls_shell.number_reflns_R_work             644 
_refine_ls_shell.R_factor_R_work                  0.1740000 
_refine_ls_shell.percent_reflns_obs               94.0 
_refine_ls_shell.R_factor_R_free                  0.2690000 
_refine_ls_shell.R_factor_R_free_error            ? 
_refine_ls_shell.percent_reflns_R_free            ? 
_refine_ls_shell.number_reflns_R_free             ? 
_refine_ls_shell.pdbx_refine_id                   'X-RAY DIFFRACTION' 
_refine_ls_shell.number_reflns_all                ? 
_refine_ls_shell.R_factor_all                     ? 
# 
loop_
_pdbx_xplor_file.serial_no 
_pdbx_xplor_file.param_file 
_pdbx_xplor_file.topol_file 
_pdbx_xplor_file.pdbx_refine_id 
1 PARAMCSDX.PRO TOPHCSD.PRO  'X-RAY DIFFRACTION' 
2 PARAM19.SOL   AMTOPH19.SOL 'X-RAY DIFFRACTION' 
# 
_struct.entry_id                  1PCS 
_struct.title                     
'THE 2.15 A CRYSTAL STRUCTURE OF A TRIPLE MUTANT PLASTOCYANIN FROM THE CYANOBACTERIUM SYNECHOCYSTIS SP. PCC 6803' 
_struct.pdbx_model_details        ? 
_struct.pdbx_CASP_flag            ? 
_struct.pdbx_model_type_details   ? 
# 
_struct_keywords.entry_id        1PCS 
_struct_keywords.pdbx_keywords   'ELECTRON TRANSPORT' 
_struct_keywords.text            'ELECTRON TRANSPORT, PLASTOCYANIN' 
# 
loop_
_struct_asym.id 
_struct_asym.pdbx_blank_PDB_chainid_flag 
_struct_asym.pdbx_modified 
_struct_asym.entity_id 
_struct_asym.details 
A N N 1 ? 
B N N 2 ? 
C N N 3 ? 
# 
_struct_ref.id                         1 
_struct_ref.db_name                    UNP 
_struct_ref.db_code                    PLAS_SYNY3 
_struct_ref.entity_id                  1 
_struct_ref.pdbx_db_accession          P21697 
_struct_ref.pdbx_align_begin           1 
_struct_ref.pdbx_seq_one_letter_code   
;MSKKFLTILAGLLLVVSSFFLSVSPAAAANATVKMGSDSGALVFEPSTVTIKAGEEVKWVNNKLSPHNIVFAADGVDADT
AAKLSHKGLAFAAGESFTSTFTEPGTYTYYCEPHRGAGMVGKVVVE
;
_struct_ref.pdbx_db_isoform            ? 
# 
_struct_ref_seq.align_id                      1 
_struct_ref_seq.ref_id                        1 
_struct_ref_seq.pdbx_PDB_id_code              1PCS 
_struct_ref_seq.pdbx_strand_id                A 
_struct_ref_seq.seq_align_beg                 1 
_struct_ref_seq.pdbx_seq_align_beg_ins_code   ? 
_struct_ref_seq.seq_align_end                 98 
_struct_ref_seq.pdbx_seq_align_end_ins_code   ? 
_struct_ref_seq.pdbx_db_accession             P21697 
_struct_ref_seq.db_align_beg                  29 
_struct_ref_seq.pdbx_db_align_beg_ins_code    ? 
_struct_ref_seq.db_align_end                  126 
_struct_ref_seq.pdbx_db_align_end_ins_code    ? 
_struct_ref_seq.pdbx_auth_seq_align_beg       -2 
_struct_ref_seq.pdbx_auth_seq_align_end       99 
# 
loop_
_struct_ref_seq_dif.align_id 
_struct_ref_seq_dif.pdbx_pdb_id_code 
_struct_ref_seq_dif.mon_id 
_struct_ref_seq_dif.pdbx_pdb_strand_id 
_struct_ref_seq_dif.seq_num 
_struct_ref_seq_dif.pdbx_pdb_ins_code 
_struct_ref_seq_dif.pdbx_seq_db_name 
_struct_ref_seq_dif.pdbx_seq_db_accession_code 
_struct_ref_seq_dif.db_mon_id 
_struct_ref_seq_dif.pdbx_seq_db_seq_num 
_struct_ref_seq_dif.details 
_struct_ref_seq_dif.pdbx_auth_seq_num 
_struct_ref_seq_dif.pdbx_ordinal 
1 1PCS ASP A 44 ? UNP P21697 ALA 72 'engineered mutation' 42 1 
1 1PCS PRO A 49 ? UNP P21697 ASP 77 'engineered mutation' 47 2 
1 1PCS LEU A 62 ? UNP P21697 ALA 90 'engineered mutation' 63 3 
# 
_pdbx_struct_assembly.id                   1 
_pdbx_struct_assembly.details              author_defined_assembly 
_pdbx_struct_assembly.method_details       ? 
_pdbx_struct_assembly.oligomeric_details   dimeric 
_pdbx_struct_assembly.oligomeric_count     2 
# 
_pdbx_struct_assembly_gen.assembly_id       1 
_pdbx_struct_assembly_gen.oper_expression   1,2 
_pdbx_struct_assembly_gen.asym_id_list      A,B,C 
# 
loop_
_pdbx_struct_oper_list.id 
_pdbx_struct_oper_list.type 
_pdbx_struct_oper_list.name 
_pdbx_struct_oper_list.symmetry_operation 
_pdbx_struct_oper_list.matrix[1][1] 
_pdbx_struct_oper_list.matrix[1][2] 
_pdbx_struct_oper_list.matrix[1][3] 
_pdbx_struct_oper_list.vector[1] 
_pdbx_struct_oper_list.matrix[2][1] 
_pdbx_struct_oper_list.matrix[2][2] 
_pdbx_struct_oper_list.matrix[2][3] 
_pdbx_struct_oper_list.vector[2] 
_pdbx_struct_oper_list.matrix[3][1] 
_pdbx_struct_oper_list.matrix[3][2] 
_pdbx_struct_oper_list.matrix[3][3] 
_pdbx_struct_oper_list.vector[3] 
1 'identity operation'         1_555 x,y,z    1.0000000000  0.0000000000 0.0000000000  0.0000000000   0.0000000000 1.0000000000  0.0000000000  0.0000000000  0.0000000000  0.0000000000  1.0000000000 0.0000000000 
2 'crystal symmetry operation' 4_556 y,x,-z+1 -0.9821457694 0.0185515905 -0.1872045036 -15.4440948506 0.0185515905 -0.9807238117 -0.1945164354 16.5912156709 -0.1872045036 -0.1945164354 0.9628695811 0.1712085334 
# 
_struct_biol.id   1 
# 
loop_
_struct_conf.conf_type_id 
_struct_conf.id 
_struct_conf.pdbx_PDB_helix_id 
_struct_conf.beg_label_comp_id 
_struct_conf.beg_label_asym_id 
_struct_conf.beg_label_seq_id 
_struct_conf.pdbx_beg_PDB_ins_code 
_struct_conf.end_label_comp_id 
_struct_conf.end_label_asym_id 
_struct_conf.end_label_seq_id 
_struct_conf.pdbx_end_PDB_ins_code 
_struct_conf.beg_auth_comp_id 
_struct_conf.beg_auth_asym_id 
_struct_conf.beg_auth_seq_id 
_struct_conf.end_auth_comp_id 
_struct_conf.end_auth_asym_id 
_struct_conf.end_auth_seq_id 
_struct_conf.pdbx_PDB_helix_class 
_struct_conf.details 
_struct_conf.pdbx_PDB_helix_length 
HELX_P HELX_P1 1 ALA A 50 ? LEU A 56 ? ALA A 48 LEU A 55 1 ? 7 
HELX_P HELX_P2 2 GLU A 84 ? HIS A 86 ? GLU A 85 HIS A 87 5 ? 3 
# 
_struct_conf_type.id          HELX_P 
_struct_conf_type.criteria    ? 
_struct_conf_type.reference   ? 
# 
loop_
_struct_conn.id 
_struct_conn.conn_type_id 
_struct_conn.pdbx_leaving_atom_flag 
_struct_conn.pdbx_PDB_id 
_struct_conn.ptnr1_label_asym_id 
_struct_conn.ptnr1_label_comp_id 
_struct_conn.ptnr1_label_seq_id 
_struct_conn.ptnr1_label_atom_id 
_struct_conn.pdbx_ptnr1_label_alt_id 
_struct_conn.pdbx_ptnr1_PDB_ins_code 
_struct_conn.pdbx_ptnr1_standard_comp_id 
_struct_conn.ptnr1_symmetry 
_struct_conn.ptnr2_label_asym_id 
_struct_conn.ptnr2_label_comp_id 
_struct_conn.ptnr2_label_seq_id 
_struct_conn.ptnr2_label_atom_id 
_struct_conn.pdbx_ptnr2_label_alt_id 
_struct_conn.pdbx_ptnr2_PDB_ins_code 
_struct_conn.ptnr1_auth_asym_id 
_struct_conn.ptnr1_auth_comp_id 
_struct_conn.ptnr1_auth_seq_id 
_struct_conn.ptnr2_auth_asym_id 
_struct_conn.ptnr2_auth_comp_id 
_struct_conn.ptnr2_auth_seq_id 
_struct_conn.ptnr2_symmetry 
_struct_conn.pdbx_ptnr3_label_atom_id 
_struct_conn.pdbx_ptnr3_label_seq_id 
_struct_conn.pdbx_ptnr3_label_comp_id 
_struct_conn.pdbx_ptnr3_label_asym_id 
_struct_conn.pdbx_ptnr3_label_alt_id 
_struct_conn.pdbx_ptnr3_PDB_ins_code 
_struct_conn.details 
_struct_conn.pdbx_dist_value 
_struct_conn.pdbx_value_order 
_struct_conn.pdbx_role 
metalc1 metalc ? ? A HIS 39 ND1 ? ? ? 1_555 B CU . CU ? ? A HIS 37 A CU 275 1_555 ? ? ? ? ? ? ? 2.032 ? ? 
metalc2 metalc ? ? A CYS 83 SG  ? ? ? 1_555 B CU . CU ? ? A CYS 84 A CU 275 1_555 ? ? ? ? ? ? ? 2.254 ? ? 
metalc3 metalc ? ? A HIS 86 ND1 ? ? ? 1_555 B CU . CU ? ? A HIS 87 A CU 275 1_555 ? ? ? ? ? ? ? 2.073 ? ? 
metalc4 metalc ? ? A MET 91 SD  ? ? ? 1_555 B CU . CU ? ? A MET 92 A CU 275 1_555 ? ? ? ? ? ? ? 2.651 ? ? 
# 
_struct_conn_type.id          metalc 
_struct_conn_type.criteria    ? 
_struct_conn_type.reference   ? 
# 
loop_
_pdbx_struct_conn_angle.id 
_pdbx_struct_conn_angle.ptnr1_label_atom_id 
_pdbx_struct_conn_angle.ptnr1_label_alt_id 
_pdbx_struct_conn_angle.ptnr1_label_asym_id 
_pdbx_struct_conn_angle.ptnr1_label_comp_id 
_pdbx_struct_conn_angle.ptnr1_label_seq_id 
_pdbx_struct_conn_angle.ptnr1_auth_atom_id 
_pdbx_struct_conn_angle.ptnr1_auth_asym_id 
_pdbx_struct_conn_angle.ptnr1_auth_comp_id 
_pdbx_struct_conn_angle.ptnr1_auth_seq_id 
_pdbx_struct_conn_angle.ptnr1_PDB_ins_code 
_pdbx_struct_conn_angle.ptnr1_symmetry 
_pdbx_struct_conn_angle.ptnr2_label_atom_id 
_pdbx_struct_conn_angle.ptnr2_label_alt_id 
_pdbx_struct_conn_angle.ptnr2_label_asym_id 
_pdbx_struct_conn_angle.ptnr2_label_comp_id 
_pdbx_struct_conn_angle.ptnr2_label_seq_id 
_pdbx_struct_conn_angle.ptnr2_auth_atom_id 
_pdbx_struct_conn_angle.ptnr2_auth_asym_id 
_pdbx_struct_conn_angle.ptnr2_auth_comp_id 
_pdbx_struct_conn_angle.ptnr2_auth_seq_id 
_pdbx_struct_conn_angle.ptnr2_PDB_ins_code 
_pdbx_struct_conn_angle.ptnr2_symmetry 
_pdbx_struct_conn_angle.ptnr3_label_atom_id 
_pdbx_struct_conn_angle.ptnr3_label_alt_id 
_pdbx_struct_conn_angle.ptnr3_label_asym_id 
_pdbx_struct_conn_angle.ptnr3_label_comp_id 
_pdbx_struct_conn_angle.ptnr3_label_seq_id 
_pdbx_struct_conn_angle.ptnr3_auth_atom_id 
_pdbx_struct_conn_angle.ptnr3_auth_asym_id 
_pdbx_struct_conn_angle.ptnr3_auth_comp_id 
_pdbx_struct_conn_angle.ptnr3_auth_seq_id 
_pdbx_struct_conn_angle.ptnr3_PDB_ins_code 
_pdbx_struct_conn_angle.ptnr3_symmetry 
_pdbx_struct_conn_angle.value 
_pdbx_struct_conn_angle.value_esd 
1 ND1 ? A HIS 39 ? A HIS 37 ? 1_555 CU ? B CU . ? A CU 275 ? 1_555 SG  ? A CYS 83 ? A CYS 84 ? 1_555 129.6 ? 
2 ND1 ? A HIS 39 ? A HIS 37 ? 1_555 CU ? B CU . ? A CU 275 ? 1_555 ND1 ? A HIS 86 ? A HIS 87 ? 1_555 105.5 ? 
3 SG  ? A CYS 83 ? A CYS 84 ? 1_555 CU ? B CU . ? A CU 275 ? 1_555 ND1 ? A HIS 86 ? A HIS 87 ? 1_555 115.3 ? 
4 ND1 ? A HIS 39 ? A HIS 37 ? 1_555 CU ? B CU . ? A CU 275 ? 1_555 SD  ? A MET 91 ? A MET 92 ? 1_555 85.4  ? 
5 SG  ? A CYS 83 ? A CYS 84 ? 1_555 CU ? B CU . ? A CU 275 ? 1_555 SD  ? A MET 91 ? A MET 92 ? 1_555 109.1 ? 
6 ND1 ? A HIS 86 ? A HIS 87 ? 1_555 CU ? B CU . ? A CU 275 ? 1_555 SD  ? A MET 91 ? A MET 92 ? 1_555 106.1 ? 
# 
loop_
_struct_mon_prot_cis.pdbx_id 
_struct_mon_prot_cis.label_comp_id 
_struct_mon_prot_cis.label_seq_id 
_struct_mon_prot_cis.label_asym_id 
_struct_mon_prot_cis.label_alt_id 
_struct_mon_prot_cis.pdbx_PDB_ins_code 
_struct_mon_prot_cis.auth_comp_id 
_struct_mon_prot_cis.auth_seq_id 
_struct_mon_prot_cis.auth_asym_id 
_struct_mon_prot_cis.pdbx_label_comp_id_2 
_struct_mon_prot_cis.pdbx_label_seq_id_2 
_struct_mon_prot_cis.pdbx_label_asym_id_2 
_struct_mon_prot_cis.pdbx_PDB_ins_code_2 
_struct_mon_prot_cis.pdbx_auth_comp_id_2 
_struct_mon_prot_cis.pdbx_auth_seq_id_2 
_struct_mon_prot_cis.pdbx_auth_asym_id_2 
_struct_mon_prot_cis.pdbx_PDB_model_num 
_struct_mon_prot_cis.pdbx_omega_angle 
1 GLU 17 A . ? GLU 15 A PRO 18 A ? PRO 16 A 1 -0.08 
2 SER 37 A . ? SER 35 A PRO 38 A ? PRO 36 A 1 0.12  
# 
loop_
_struct_sheet.id 
_struct_sheet.type 
_struct_sheet.number_strands 
_struct_sheet.details 
A ? 3 ? 
B ? 3 ? 
# 
loop_
_struct_sheet_order.sheet_id 
_struct_sheet_order.range_id_1 
_struct_sheet_order.range_id_2 
_struct_sheet_order.offset 
_struct_sheet_order.sense 
A 1 2 ? parallel      
A 2 3 ? anti-parallel 
B 1 2 ? parallel      
B 2 3 ? anti-parallel 
# 
loop_
_struct_sheet_range.sheet_id 
_struct_sheet_range.id 
_struct_sheet_range.beg_label_comp_id 
_struct_sheet_range.beg_label_asym_id 
_struct_sheet_range.beg_label_seq_id 
_struct_sheet_range.pdbx_beg_PDB_ins_code 
_struct_sheet_range.end_label_comp_id 
_struct_sheet_range.end_label_asym_id 
_struct_sheet_range.end_label_seq_id 
_struct_sheet_range.pdbx_end_PDB_ins_code 
_struct_sheet_range.beg_auth_comp_id 
_struct_sheet_range.beg_auth_asym_id 
_struct_sheet_range.beg_auth_seq_id 
_struct_sheet_range.end_auth_comp_id 
_struct_sheet_range.end_auth_asym_id 
_struct_sheet_range.end_auth_seq_id 
A 1 ALA A 3  ? MET A 7  ? ALA A 1  MET A 5  
A 2 GLU A 28 ? ASN A 33 ? GLU A 26 ASN A 31 
A 3 SER A 68 ? THR A 72 ? SER A 69 THR A 73 
B 1 THR A 20 ? LYS A 24 ? THR A 18 LYS A 22 
B 2 VAL A 92 ? GLU A 98 ? VAL A 93 GLU A 99 
B 3 GLY A 77 ? TYR A 82 ? GLY A 78 TYR A 83 
# 
loop_
_pdbx_struct_sheet_hbond.sheet_id 
_pdbx_struct_sheet_hbond.range_id_1 
_pdbx_struct_sheet_hbond.range_id_2 
_pdbx_struct_sheet_hbond.range_1_label_atom_id 
_pdbx_struct_sheet_hbond.range_1_label_comp_id 
_pdbx_struct_sheet_hbond.range_1_label_asym_id 
_pdbx_struct_sheet_hbond.range_1_label_seq_id 
_pdbx_struct_sheet_hbond.range_1_PDB_ins_code 
_pdbx_struct_sheet_hbond.range_1_auth_atom_id 
_pdbx_struct_sheet_hbond.range_1_auth_comp_id 
_pdbx_struct_sheet_hbond.range_1_auth_asym_id 
_pdbx_struct_sheet_hbond.range_1_auth_seq_id 
_pdbx_struct_sheet_hbond.range_2_label_atom_id 
_pdbx_struct_sheet_hbond.range_2_label_comp_id 
_pdbx_struct_sheet_hbond.range_2_label_asym_id 
_pdbx_struct_sheet_hbond.range_2_label_seq_id 
_pdbx_struct_sheet_hbond.range_2_PDB_ins_code 
_pdbx_struct_sheet_hbond.range_2_auth_atom_id 
_pdbx_struct_sheet_hbond.range_2_auth_comp_id 
_pdbx_struct_sheet_hbond.range_2_auth_asym_id 
_pdbx_struct_sheet_hbond.range_2_auth_seq_id 
A 1 2 O ALA A 3  ? O ALA A 1  N LYS A 30 ? N LYS A 28 
A 2 3 O VAL A 29 ? O VAL A 27 N SER A 71 ? N SER A 72 
B 1 2 O VAL A 21 ? O VAL A 19 N LYS A 94 ? N LYS A 95 
B 2 3 O GLY A 93 ? O GLY A 94 N TYR A 81 ? N TYR A 82 
# 
loop_
_struct_site.id 
_struct_site.pdbx_evidence_code 
_struct_site.pdbx_auth_asym_id 
_struct_site.pdbx_auth_comp_id 
_struct_site.pdbx_auth_seq_id 
_struct_site.pdbx_auth_ins_code 
_struct_site.pdbx_num_residues 
_struct_site.details 
CU  Unknown  ? ?  ?   ? 4 'CU BINDING SITE.'                  
AC1 Software A CU 275 ? 5 'BINDING SITE FOR RESIDUE CU A 275' 
# 
loop_
_struct_site_gen.id 
_struct_site_gen.site_id 
_struct_site_gen.pdbx_num_res 
_struct_site_gen.label_comp_id 
_struct_site_gen.label_asym_id 
_struct_site_gen.label_seq_id 
_struct_site_gen.pdbx_auth_ins_code 
_struct_site_gen.auth_comp_id 
_struct_site_gen.auth_asym_id 
_struct_site_gen.auth_seq_id 
_struct_site_gen.label_atom_id 
_struct_site_gen.label_alt_id 
_struct_site_gen.symmetry 
_struct_site_gen.details 
1 CU  4 HIS A 39 ? HIS A 37 . ? 1_555 ? 
2 CU  4 HIS A 86 ? HIS A 87 . ? 1_555 ? 
3 CU  4 CYS A 83 ? CYS A 84 . ? 1_555 ? 
4 CU  4 MET A 91 ? MET A 92 . ? 1_555 ? 
5 AC1 5 PRO A 38 ? PRO A 36 . ? 1_555 ? 
6 AC1 5 HIS A 39 ? HIS A 37 . ? 1_555 ? 
7 AC1 5 CYS A 83 ? CYS A 84 . ? 1_555 ? 
8 AC1 5 HIS A 86 ? HIS A 87 . ? 1_555 ? 
9 AC1 5 MET A 91 ? MET A 92 . ? 1_555 ? 
# 
_pdbx_validate_torsion.id              1 
_pdbx_validate_torsion.PDB_model_num   1 
_pdbx_validate_torsion.auth_comp_id    ASN 
_pdbx_validate_torsion.auth_asym_id    A 
_pdbx_validate_torsion.auth_seq_id     32 
_pdbx_validate_torsion.PDB_ins_code    ? 
_pdbx_validate_torsion.label_alt_id    ? 
_pdbx_validate_torsion.phi             -112.56 
_pdbx_validate_torsion.psi             -70.75 
# 
_pdbx_entry_details.entry_id                 1PCS 
_pdbx_entry_details.compound_details         ? 
_pdbx_entry_details.source_details           ? 
_pdbx_entry_details.nonpolymer_details       ? 
_pdbx_entry_details.sequence_details         
;WHEN SYNECHOCYSTIS PS IS ALIGNED WITH THE AMINO ACID
SEQUENCE OF POPLAR PC, THE SEQUENCE OF SYNECHOCYSTIS PC HAS
TWO ADDITIONAL RESIDUES AT THE N-TERMINAL REGION BUT LACKS
THREE AMINO ACIDS IN THE REGION FROM 50 - 61.  THUS THE
NUMBERING IN SYNECHOCYSTIS PC HAS BEEN CHOSEN IN ACCORDANCE
WITH POPLAR PC, WITH THE FIRST TWO RESIDUES NUMBERED AS -2
FOR ALA AND -1 FOR ASN.
;
_pdbx_entry_details.has_ligand_of_interest   ? 
# 
loop_
_chem_comp_atom.comp_id 
_chem_comp_atom.atom_id 
_chem_comp_atom.type_symbol 
_chem_comp_atom.pdbx_aromatic_flag 
_chem_comp_atom.pdbx_stereo_config 
_chem_comp_atom.pdbx_ordinal 
ALA N    N  N N 1   
ALA CA   C  N S 2   
ALA C    C  N N 3   
ALA O    O  N N 4   
ALA CB   C  N N 5   
ALA OXT  O  N N 6   
ALA H    H  N N 7   
ALA H2   H  N N 8   
ALA HA   H  N N 9   
ALA HB1  H  N N 10  
ALA HB2  H  N N 11  
ALA HB3  H  N N 12  
ALA HXT  H  N N 13  
ARG N    N  N N 14  
ARG CA   C  N S 15  
ARG C    C  N N 16  
ARG O    O  N N 17  
ARG CB   C  N N 18  
ARG CG   C  N N 19  
ARG CD   C  N N 20  
ARG NE   N  N N 21  
ARG CZ   C  N N 22  
ARG NH1  N  N N 23  
ARG NH2  N  N N 24  
ARG OXT  O  N N 25  
ARG H    H  N N 26  
ARG H2   H  N N 27  
ARG HA   H  N N 28  
ARG HB2  H  N N 29  
ARG HB3  H  N N 30  
ARG HG2  H  N N 31  
ARG HG3  H  N N 32  
ARG HD2  H  N N 33  
ARG HD3  H  N N 34  
ARG HE   H  N N 35  
ARG HH11 H  N N 36  
ARG HH12 H  N N 37  
ARG HH21 H  N N 38  
ARG HH22 H  N N 39  
ARG HXT  H  N N 40  
ASN N    N  N N 41  
ASN CA   C  N S 42  
ASN C    C  N N 43  
ASN O    O  N N 44  
ASN CB   C  N N 45  
ASN CG   C  N N 46  
ASN OD1  O  N N 47  
ASN ND2  N  N N 48  
ASN OXT  O  N N 49  
ASN H    H  N N 50  
ASN H2   H  N N 51  
ASN HA   H  N N 52  
ASN HB2  H  N N 53  
ASN HB3  H  N N 54  
ASN HD21 H  N N 55  
ASN HD22 H  N N 56  
ASN HXT  H  N N 57  
ASP N    N  N N 58  
ASP CA   C  N S 59  
ASP C    C  N N 60  
ASP O    O  N N 61  
ASP CB   C  N N 62  
ASP CG   C  N N 63  
ASP OD1  O  N N 64  
ASP OD2  O  N N 65  
ASP OXT  O  N N 66  
ASP H    H  N N 67  
ASP H2   H  N N 68  
ASP HA   H  N N 69  
ASP HB2  H  N N 70  
ASP HB3  H  N N 71  
ASP HD2  H  N N 72  
ASP HXT  H  N N 73  
CU  CU   CU N N 74  
CYS N    N  N N 75  
CYS CA   C  N R 76  
CYS C    C  N N 77  
CYS O    O  N N 78  
CYS CB   C  N N 79  
CYS SG   S  N N 80  
CYS OXT  O  N N 81  
CYS H    H  N N 82  
CYS H2   H  N N 83  
CYS HA   H  N N 84  
CYS HB2  H  N N 85  
CYS HB3  H  N N 86  
CYS HG   H  N N 87  
CYS HXT  H  N N 88  
GLU N    N  N N 89  
GLU CA   C  N S 90  
GLU C    C  N N 91  
GLU O    O  N N 92  
GLU CB   C  N N 93  
GLU CG   C  N N 94  
GLU CD   C  N N 95  
GLU OE1  O  N N 96  
GLU OE2  O  N N 97  
GLU OXT  O  N N 98  
GLU H    H  N N 99  
GLU H2   H  N N 100 
GLU HA   H  N N 101 
GLU HB2  H  N N 102 
GLU HB3  H  N N 103 
GLU HG2  H  N N 104 
GLU HG3  H  N N 105 
GLU HE2  H  N N 106 
GLU HXT  H  N N 107 
GLY N    N  N N 108 
GLY CA   C  N N 109 
GLY C    C  N N 110 
GLY O    O  N N 111 
GLY OXT  O  N N 112 
GLY H    H  N N 113 
GLY H2   H  N N 114 
GLY HA2  H  N N 115 
GLY HA3  H  N N 116 
GLY HXT  H  N N 117 
HIS N    N  N N 118 
HIS CA   C  N S 119 
HIS C    C  N N 120 
HIS O    O  N N 121 
HIS CB   C  N N 122 
HIS CG   C  Y N 123 
HIS ND1  N  Y N 124 
HIS CD2  C  Y N 125 
HIS CE1  C  Y N 126 
HIS NE2  N  Y N 127 
HIS OXT  O  N N 128 
HIS H    H  N N 129 
HIS H2   H  N N 130 
HIS HA   H  N N 131 
HIS HB2  H  N N 132 
HIS HB3  H  N N 133 
HIS HD1  H  N N 134 
HIS HD2  H  N N 135 
HIS HE1  H  N N 136 
HIS HE2  H  N N 137 
HIS HXT  H  N N 138 
HOH O    O  N N 139 
HOH H1   H  N N 140 
HOH H2   H  N N 141 
ILE N    N  N N 142 
ILE CA   C  N S 143 
ILE C    C  N N 144 
ILE O    O  N N 145 
ILE CB   C  N S 146 
ILE CG1  C  N N 147 
ILE CG2  C  N N 148 
ILE CD1  C  N N 149 
ILE OXT  O  N N 150 
ILE H    H  N N 151 
ILE H2   H  N N 152 
ILE HA   H  N N 153 
ILE HB   H  N N 154 
ILE HG12 H  N N 155 
ILE HG13 H  N N 156 
ILE HG21 H  N N 157 
ILE HG22 H  N N 158 
ILE HG23 H  N N 159 
ILE HD11 H  N N 160 
ILE HD12 H  N N 161 
ILE HD13 H  N N 162 
ILE HXT  H  N N 163 
LEU N    N  N N 164 
LEU CA   C  N S 165 
LEU C    C  N N 166 
LEU O    O  N N 167 
LEU CB   C  N N 168 
LEU CG   C  N N 169 
LEU CD1  C  N N 170 
LEU CD2  C  N N 171 
LEU OXT  O  N N 172 
LEU H    H  N N 173 
LEU H2   H  N N 174 
LEU HA   H  N N 175 
LEU HB2  H  N N 176 
LEU HB3  H  N N 177 
LEU HG   H  N N 178 
LEU HD11 H  N N 179 
LEU HD12 H  N N 180 
LEU HD13 H  N N 181 
LEU HD21 H  N N 182 
LEU HD22 H  N N 183 
LEU HD23 H  N N 184 
LEU HXT  H  N N 185 
LYS N    N  N N 186 
LYS CA   C  N S 187 
LYS C    C  N N 188 
LYS O    O  N N 189 
LYS CB   C  N N 190 
LYS CG   C  N N 191 
LYS CD   C  N N 192 
LYS CE   C  N N 193 
LYS NZ   N  N N 194 
LYS OXT  O  N N 195 
LYS H    H  N N 196 
LYS H2   H  N N 197 
LYS HA   H  N N 198 
LYS HB2  H  N N 199 
LYS HB3  H  N N 200 
LYS HG2  H  N N 201 
LYS HG3  H  N N 202 
LYS HD2  H  N N 203 
LYS HD3  H  N N 204 
LYS HE2  H  N N 205 
LYS HE3  H  N N 206 
LYS HZ1  H  N N 207 
LYS HZ2  H  N N 208 
LYS HZ3  H  N N 209 
LYS HXT  H  N N 210 
MET N    N  N N 211 
MET CA   C  N S 212 
MET C    C  N N 213 
MET O    O  N N 214 
MET CB   C  N N 215 
MET CG   C  N N 216 
MET SD   S  N N 217 
MET CE   C  N N 218 
MET OXT  O  N N 219 
MET H    H  N N 220 
MET H2   H  N N 221 
MET HA   H  N N 222 
MET HB2  H  N N 223 
MET HB3  H  N N 224 
MET HG2  H  N N 225 
MET HG3  H  N N 226 
MET HE1  H  N N 227 
MET HE2  H  N N 228 
MET HE3  H  N N 229 
MET HXT  H  N N 230 
PHE N    N  N N 231 
PHE CA   C  N S 232 
PHE C    C  N N 233 
PHE O    O  N N 234 
PHE CB   C  N N 235 
PHE CG   C  Y N 236 
PHE CD1  C  Y N 237 
PHE CD2  C  Y N 238 
PHE CE1  C  Y N 239 
PHE CE2  C  Y N 240 
PHE CZ   C  Y N 241 
PHE OXT  O  N N 242 
PHE H    H  N N 243 
PHE H2   H  N N 244 
PHE HA   H  N N 245 
PHE HB2  H  N N 246 
PHE HB3  H  N N 247 
PHE HD1  H  N N 248 
PHE HD2  H  N N 249 
PHE HE1  H  N N 250 
PHE HE2  H  N N 251 
PHE HZ   H  N N 252 
PHE HXT  H  N N 253 
PRO N    N  N N 254 
PRO CA   C  N S 255 
PRO C    C  N N 256 
PRO O    O  N N 257 
PRO CB   C  N N 258 
PRO CG   C  N N 259 
PRO CD   C  N N 260 
PRO OXT  O  N N 261 
PRO H    H  N N 262 
PRO HA   H  N N 263 
PRO HB2  H  N N 264 
PRO HB3  H  N N 265 
PRO HG2  H  N N 266 
PRO HG3  H  N N 267 
PRO HD2  H  N N 268 
PRO HD3  H  N N 269 
PRO HXT  H  N N 270 
SER N    N  N N 271 
SER CA   C  N S 272 
SER C    C  N N 273 
SER O    O  N N 274 
SER CB   C  N N 275 
SER OG   O  N N 276 
SER OXT  O  N N 277 
SER H    H  N N 278 
SER H2   H  N N 279 
SER HA   H  N N 280 
SER HB2  H  N N 281 
SER HB3  H  N N 282 
SER HG   H  N N 283 
SER HXT  H  N N 284 
THR N    N  N N 285 
THR CA   C  N S 286 
THR C    C  N N 287 
THR O    O  N N 288 
THR CB   C  N R 289 
THR OG1  O  N N 290 
THR CG2  C  N N 291 
THR OXT  O  N N 292 
THR H    H  N N 293 
THR H2   H  N N 294 
THR HA   H  N N 295 
THR HB   H  N N 296 
THR HG1  H  N N 297 
THR HG21 H  N N 298 
THR HG22 H  N N 299 
THR HG23 H  N N 300 
THR HXT  H  N N 301 
TRP N    N  N N 302 
TRP CA   C  N S 303 
TRP C    C  N N 304 
TRP O    O  N N 305 
TRP CB   C  N N 306 
TRP CG   C  Y N 307 
TRP CD1  C  Y N 308 
TRP CD2  C  Y N 309 
TRP NE1  N  Y N 310 
TRP CE2  C  Y N 311 
TRP CE3  C  Y N 312 
TRP CZ2  C  Y N 313 
TRP CZ3  C  Y N 314 
TRP CH2  C  Y N 315 
TRP OXT  O  N N 316 
TRP H    H  N N 317 
TRP H2   H  N N 318 
TRP HA   H  N N 319 
TRP HB2  H  N N 320 
TRP HB3  H  N N 321 
TRP HD1  H  N N 322 
TRP HE1  H  N N 323 
TRP HE3  H  N N 324 
TRP HZ2  H  N N 325 
TRP HZ3  H  N N 326 
TRP HH2  H  N N 327 
TRP HXT  H  N N 328 
TYR N    N  N N 329 
TYR CA   C  N S 330 
TYR C    C  N N 331 
TYR O    O  N N 332 
TYR CB   C  N N 333 
TYR CG   C  Y N 334 
TYR CD1  C  Y N 335 
TYR CD2  C  Y N 336 
TYR CE1  C  Y N 337 
TYR CE2  C  Y N 338 
TYR CZ   C  Y N 339 
TYR OH   O  N N 340 
TYR OXT  O  N N 341 
TYR H    H  N N 342 
TYR H2   H  N N 343 
TYR HA   H  N N 344 
TYR HB2  H  N N 345 
TYR HB3  H  N N 346 
TYR HD1  H  N N 347 
TYR HD2  H  N N 348 
TYR HE1  H  N N 349 
TYR HE2  H  N N 350 
TYR HH   H  N N 351 
TYR HXT  H  N N 352 
VAL N    N  N N 353 
VAL CA   C  N S 354 
VAL C    C  N N 355 
VAL O    O  N N 356 
VAL CB   C  N N 357 
VAL CG1  C  N N 358 
VAL CG2  C  N N 359 
VAL OXT  O  N N 360 
VAL H    H  N N 361 
VAL H2   H  N N 362 
VAL HA   H  N N 363 
VAL HB   H  N N 364 
VAL HG11 H  N N 365 
VAL HG12 H  N N 366 
VAL HG13 H  N N 367 
VAL HG21 H  N N 368 
VAL HG22 H  N N 369 
VAL HG23 H  N N 370 
VAL HXT  H  N N 371 
# 
loop_
_chem_comp_bond.comp_id 
_chem_comp_bond.atom_id_1 
_chem_comp_bond.atom_id_2 
_chem_comp_bond.value_order 
_chem_comp_bond.pdbx_aromatic_flag 
_chem_comp_bond.pdbx_stereo_config 
_chem_comp_bond.pdbx_ordinal 
ALA N   CA   sing N N 1   
ALA N   H    sing N N 2   
ALA N   H2   sing N N 3   
ALA CA  C    sing N N 4   
ALA CA  CB   sing N N 5   
ALA CA  HA   sing N N 6   
ALA C   O    doub N N 7   
ALA C   OXT  sing N N 8   
ALA CB  HB1  sing N N 9   
ALA CB  HB2  sing N N 10  
ALA CB  HB3  sing N N 11  
ALA OXT HXT  sing N N 12  
ARG N   CA   sing N N 13  
ARG N   H    sing N N 14  
ARG N   H2   sing N N 15  
ARG CA  C    sing N N 16  
ARG CA  CB   sing N N 17  
ARG CA  HA   sing N N 18  
ARG C   O    doub N N 19  
ARG C   OXT  sing N N 20  
ARG CB  CG   sing N N 21  
ARG CB  HB2  sing N N 22  
ARG CB  HB3  sing N N 23  
ARG CG  CD   sing N N 24  
ARG CG  HG2  sing N N 25  
ARG CG  HG3  sing N N 26  
ARG CD  NE   sing N N 27  
ARG CD  HD2  sing N N 28  
ARG CD  HD3  sing N N 29  
ARG NE  CZ   sing N N 30  
ARG NE  HE   sing N N 31  
ARG CZ  NH1  sing N N 32  
ARG CZ  NH2  doub N N 33  
ARG NH1 HH11 sing N N 34  
ARG NH1 HH12 sing N N 35  
ARG NH2 HH21 sing N N 36  
ARG NH2 HH22 sing N N 37  
ARG OXT HXT  sing N N 38  
ASN N   CA   sing N N 39  
ASN N   H    sing N N 40  
ASN N   H2   sing N N 41  
ASN CA  C    sing N N 42  
ASN CA  CB   sing N N 43  
ASN CA  HA   sing N N 44  
ASN C   O    doub N N 45  
ASN C   OXT  sing N N 46  
ASN CB  CG   sing N N 47  
ASN CB  HB2  sing N N 48  
ASN CB  HB3  sing N N 49  
ASN CG  OD1  doub N N 50  
ASN CG  ND2  sing N N 51  
ASN ND2 HD21 sing N N 52  
ASN ND2 HD22 sing N N 53  
ASN OXT HXT  sing N N 54  
ASP N   CA   sing N N 55  
ASP N   H    sing N N 56  
ASP N   H2   sing N N 57  
ASP CA  C    sing N N 58  
ASP CA  CB   sing N N 59  
ASP CA  HA   sing N N 60  
ASP C   O    doub N N 61  
ASP C   OXT  sing N N 62  
ASP CB  CG   sing N N 63  
ASP CB  HB2  sing N N 64  
ASP CB  HB3  sing N N 65  
ASP CG  OD1  doub N N 66  
ASP CG  OD2  sing N N 67  
ASP OD2 HD2  sing N N 68  
ASP OXT HXT  sing N N 69  
CYS N   CA   sing N N 70  
CYS N   H    sing N N 71  
CYS N   H2   sing N N 72  
CYS CA  C    sing N N 73  
CYS CA  CB   sing N N 74  
CYS CA  HA   sing N N 75  
CYS C   O    doub N N 76  
CYS C   OXT  sing N N 77  
CYS CB  SG   sing N N 78  
CYS CB  HB2  sing N N 79  
CYS CB  HB3  sing N N 80  
CYS SG  HG   sing N N 81  
CYS OXT HXT  sing N N 82  
GLU N   CA   sing N N 83  
GLU N   H    sing N N 84  
GLU N   H2   sing N N 85  
GLU CA  C    sing N N 86  
GLU CA  CB   sing N N 87  
GLU CA  HA   sing N N 88  
GLU C   O    doub N N 89  
GLU C   OXT  sing N N 90  
GLU CB  CG   sing N N 91  
GLU CB  HB2  sing N N 92  
GLU CB  HB3  sing N N 93  
GLU CG  CD   sing N N 94  
GLU CG  HG2  sing N N 95  
GLU CG  HG3  sing N N 96  
GLU CD  OE1  doub N N 97  
GLU CD  OE2  sing N N 98  
GLU OE2 HE2  sing N N 99  
GLU OXT HXT  sing N N 100 
GLY N   CA   sing N N 101 
GLY N   H    sing N N 102 
GLY N   H2   sing N N 103 
GLY CA  C    sing N N 104 
GLY CA  HA2  sing N N 105 
GLY CA  HA3  sing N N 106 
GLY C   O    doub N N 107 
GLY C   OXT  sing N N 108 
GLY OXT HXT  sing N N 109 
HIS N   CA   sing N N 110 
HIS N   H    sing N N 111 
HIS N   H2   sing N N 112 
HIS CA  C    sing N N 113 
HIS CA  CB   sing N N 114 
HIS CA  HA   sing N N 115 
HIS C   O    doub N N 116 
HIS C   OXT  sing N N 117 
HIS CB  CG   sing N N 118 
HIS CB  HB2  sing N N 119 
HIS CB  HB3  sing N N 120 
HIS CG  ND1  sing Y N 121 
HIS CG  CD2  doub Y N 122 
HIS ND1 CE1  doub Y N 123 
HIS ND1 HD1  sing N N 124 
HIS CD2 NE2  sing Y N 125 
HIS CD2 HD2  sing N N 126 
HIS CE1 NE2  sing Y N 127 
HIS CE1 HE1  sing N N 128 
HIS NE2 HE2  sing N N 129 
HIS OXT HXT  sing N N 130 
HOH O   H1   sing N N 131 
HOH O   H2   sing N N 132 
ILE N   CA   sing N N 133 
ILE N   H    sing N N 134 
ILE N   H2   sing N N 135 
ILE CA  C    sing N N 136 
ILE CA  CB   sing N N 137 
ILE CA  HA   sing N N 138 
ILE C   O    doub N N 139 
ILE C   OXT  sing N N 140 
ILE CB  CG1  sing N N 141 
ILE CB  CG2  sing N N 142 
ILE CB  HB   sing N N 143 
ILE CG1 CD1  sing N N 144 
ILE CG1 HG12 sing N N 145 
ILE CG1 HG13 sing N N 146 
ILE CG2 HG21 sing N N 147 
ILE CG2 HG22 sing N N 148 
ILE CG2 HG23 sing N N 149 
ILE CD1 HD11 sing N N 150 
ILE CD1 HD12 sing N N 151 
ILE CD1 HD13 sing N N 152 
ILE OXT HXT  sing N N 153 
LEU N   CA   sing N N 154 
LEU N   H    sing N N 155 
LEU N   H2   sing N N 156 
LEU CA  C    sing N N 157 
LEU CA  CB   sing N N 158 
LEU CA  HA   sing N N 159 
LEU C   O    doub N N 160 
LEU C   OXT  sing N N 161 
LEU CB  CG   sing N N 162 
LEU CB  HB2  sing N N 163 
LEU CB  HB3  sing N N 164 
LEU CG  CD1  sing N N 165 
LEU CG  CD2  sing N N 166 
LEU CG  HG   sing N N 167 
LEU CD1 HD11 sing N N 168 
LEU CD1 HD12 sing N N 169 
LEU CD1 HD13 sing N N 170 
LEU CD2 HD21 sing N N 171 
LEU CD2 HD22 sing N N 172 
LEU CD2 HD23 sing N N 173 
LEU OXT HXT  sing N N 174 
LYS N   CA   sing N N 175 
LYS N   H    sing N N 176 
LYS N   H2   sing N N 177 
LYS CA  C    sing N N 178 
LYS CA  CB   sing N N 179 
LYS CA  HA   sing N N 180 
LYS C   O    doub N N 181 
LYS C   OXT  sing N N 182 
LYS CB  CG   sing N N 183 
LYS CB  HB2  sing N N 184 
LYS CB  HB3  sing N N 185 
LYS CG  CD   sing N N 186 
LYS CG  HG2  sing N N 187 
LYS CG  HG3  sing N N 188 
LYS CD  CE   sing N N 189 
LYS CD  HD2  sing N N 190 
LYS CD  HD3  sing N N 191 
LYS CE  NZ   sing N N 192 
LYS CE  HE2  sing N N 193 
LYS CE  HE3  sing N N 194 
LYS NZ  HZ1  sing N N 195 
LYS NZ  HZ2  sing N N 196 
LYS NZ  HZ3  sing N N 197 
LYS OXT HXT  sing N N 198 
MET N   CA   sing N N 199 
MET N   H    sing N N 200 
MET N   H2   sing N N 201 
MET CA  C    sing N N 202 
MET CA  CB   sing N N 203 
MET CA  HA   sing N N 204 
MET C   O    doub N N 205 
MET C   OXT  sing N N 206 
MET CB  CG   sing N N 207 
MET CB  HB2  sing N N 208 
MET CB  HB3  sing N N 209 
MET CG  SD   sing N N 210 
MET CG  HG2  sing N N 211 
MET CG  HG3  sing N N 212 
MET SD  CE   sing N N 213 
MET CE  HE1  sing N N 214 
MET CE  HE2  sing N N 215 
MET CE  HE3  sing N N 216 
MET OXT HXT  sing N N 217 
PHE N   CA   sing N N 218 
PHE N   H    sing N N 219 
PHE N   H2   sing N N 220 
PHE CA  C    sing N N 221 
PHE CA  CB   sing N N 222 
PHE CA  HA   sing N N 223 
PHE C   O    doub N N 224 
PHE C   OXT  sing N N 225 
PHE CB  CG   sing N N 226 
PHE CB  HB2  sing N N 227 
PHE CB  HB3  sing N N 228 
PHE CG  CD1  doub Y N 229 
PHE CG  CD2  sing Y N 230 
PHE CD1 CE1  sing Y N 231 
PHE CD1 HD1  sing N N 232 
PHE CD2 CE2  doub Y N 233 
PHE CD2 HD2  sing N N 234 
PHE CE1 CZ   doub Y N 235 
PHE CE1 HE1  sing N N 236 
PHE CE2 CZ   sing Y N 237 
PHE CE2 HE2  sing N N 238 
PHE CZ  HZ   sing N N 239 
PHE OXT HXT  sing N N 240 
PRO N   CA   sing N N 241 
PRO N   CD   sing N N 242 
PRO N   H    sing N N 243 
PRO CA  C    sing N N 244 
PRO CA  CB   sing N N 245 
PRO CA  HA   sing N N 246 
PRO C   O    doub N N 247 
PRO C   OXT  sing N N 248 
PRO CB  CG   sing N N 249 
PRO CB  HB2  sing N N 250 
PRO CB  HB3  sing N N 251 
PRO CG  CD   sing N N 252 
PRO CG  HG2  sing N N 253 
PRO CG  HG3  sing N N 254 
PRO CD  HD2  sing N N 255 
PRO CD  HD3  sing N N 256 
PRO OXT HXT  sing N N 257 
SER N   CA   sing N N 258 
SER N   H    sing N N 259 
SER N   H2   sing N N 260 
SER CA  C    sing N N 261 
SER CA  CB   sing N N 262 
SER CA  HA   sing N N 263 
SER C   O    doub N N 264 
SER C   OXT  sing N N 265 
SER CB  OG   sing N N 266 
SER CB  HB2  sing N N 267 
SER CB  HB3  sing N N 268 
SER OG  HG   sing N N 269 
SER OXT HXT  sing N N 270 
THR N   CA   sing N N 271 
THR N   H    sing N N 272 
THR N   H2   sing N N 273 
THR CA  C    sing N N 274 
THR CA  CB   sing N N 275 
THR CA  HA   sing N N 276 
THR C   O    doub N N 277 
THR C   OXT  sing N N 278 
THR CB  OG1  sing N N 279 
THR CB  CG2  sing N N 280 
THR CB  HB   sing N N 281 
THR OG1 HG1  sing N N 282 
THR CG2 HG21 sing N N 283 
THR CG2 HG22 sing N N 284 
THR CG2 HG23 sing N N 285 
THR OXT HXT  sing N N 286 
TRP N   CA   sing N N 287 
TRP N   H    sing N N 288 
TRP N   H2   sing N N 289 
TRP CA  C    sing N N 290 
TRP CA  CB   sing N N 291 
TRP CA  HA   sing N N 292 
TRP C   O    doub N N 293 
TRP C   OXT  sing N N 294 
TRP CB  CG   sing N N 295 
TRP CB  HB2  sing N N 296 
TRP CB  HB3  sing N N 297 
TRP CG  CD1  doub Y N 298 
TRP CG  CD2  sing Y N 299 
TRP CD1 NE1  sing Y N 300 
TRP CD1 HD1  sing N N 301 
TRP CD2 CE2  doub Y N 302 
TRP CD2 CE3  sing Y N 303 
TRP NE1 CE2  sing Y N 304 
TRP NE1 HE1  sing N N 305 
TRP CE2 CZ2  sing Y N 306 
TRP CE3 CZ3  doub Y N 307 
TRP CE3 HE3  sing N N 308 
TRP CZ2 CH2  doub Y N 309 
TRP CZ2 HZ2  sing N N 310 
TRP CZ3 CH2  sing Y N 311 
TRP CZ3 HZ3  sing N N 312 
TRP CH2 HH2  sing N N 313 
TRP OXT HXT  sing N N 314 
TYR N   CA   sing N N 315 
TYR N   H    sing N N 316 
TYR N   H2   sing N N 317 
TYR CA  C    sing N N 318 
TYR CA  CB   sing N N 319 
TYR CA  HA   sing N N 320 
TYR C   O    doub N N 321 
TYR C   OXT  sing N N 322 
TYR CB  CG   sing N N 323 
TYR CB  HB2  sing N N 324 
TYR CB  HB3  sing N N 325 
TYR CG  CD1  doub Y N 326 
TYR CG  CD2  sing Y N 327 
TYR CD1 CE1  sing Y N 328 
TYR CD1 HD1  sing N N 329 
TYR CD2 CE2  doub Y N 330 
TYR CD2 HD2  sing N N 331 
TYR CE1 CZ   doub Y N 332 
TYR CE1 HE1  sing N N 333 
TYR CE2 CZ   sing Y N 334 
TYR CE2 HE2  sing N N 335 
TYR CZ  OH   sing N N 336 
TYR OH  HH   sing N N 337 
TYR OXT HXT  sing N N 338 
VAL N   CA   sing N N 339 
VAL N   H    sing N N 340 
VAL N   H2   sing N N 341 
VAL CA  C    sing N N 342 
VAL CA  CB   sing N N 343 
VAL CA  HA   sing N N 344 
VAL C   O    doub N N 345 
VAL C   OXT  sing N N 346 
VAL CB  CG1  sing N N 347 
VAL CB  CG2  sing N N 348 
VAL CB  HB   sing N N 349 
VAL CG1 HG11 sing N N 350 
VAL CG1 HG12 sing N N 351 
VAL CG1 HG13 sing N N 352 
VAL CG2 HG21 sing N N 353 
VAL CG2 HG22 sing N N 354 
VAL CG2 HG23 sing N N 355 
VAL OXT HXT  sing N N 356 
# 
_pdbx_initial_refinement_model.id               1 
_pdbx_initial_refinement_model.entity_id_list   ? 
_pdbx_initial_refinement_model.type             'experimental model' 
_pdbx_initial_refinement_model.source_name      PDB 
_pdbx_initial_refinement_model.accession_code   1PCY 
_pdbx_initial_refinement_model.details          'PDB ENTRY 1PCY' 
# 
_atom_sites.entry_id                    1PCS 
_atom_sites.fract_transf_matrix[1][1]   -0.00602647 
_atom_sites.fract_transf_matrix[1][2]   -0.01926012 
_atom_sites.fract_transf_matrix[1][3]   0.02694550 
_atom_sites.fract_transf_matrix[2][1]   0.00051713 
_atom_sites.fract_transf_matrix[2][2]   0.01353523 
_atom_sites.fract_transf_matrix[2][3]   0.03081984 
_atom_sites.fract_transf_matrix[3][1]   -0.00873360 
_atom_sites.fract_transf_matrix[3][2]   0.00181970 
_atom_sites.fract_transf_matrix[3][3]   -0.00065262 
_atom_sites.fract_transf_vector[1]      0.749625 
_atom_sites.fract_transf_vector[2]      0.527773 
_atom_sites.fract_transf_vector[3]      0.417545 
# 
loop_
_atom_type.symbol 
C  
CU 
H  
N  
O  
S  
# 
loop_
_atom_site.group_PDB 
_atom_site.id 
_atom_site.type_symbol 
_atom_site.label_atom_id 
_atom_site.label_alt_id 
_atom_site.label_comp_id 
_atom_site.label_asym_id 
_atom_site.label_entity_id 
_atom_site.label_seq_id 
_atom_site.pdbx_PDB_ins_code 
_atom_site.Cartn_x 
_atom_site.Cartn_y 
_atom_site.Cartn_z 
_atom_site.occupancy 
_atom_site.B_iso_or_equiv 
_atom_site.pdbx_formal_charge 
_atom_site.auth_seq_id 
_atom_site.auth_comp_id 
_atom_site.auth_asym_id 
_atom_site.auth_atom_id 
_atom_site.pdbx_PDB_model_num 
ATOM   1    N  N    . ALA A 1 1  ? 4.086   6.008   -14.004 1.00 19.58 ? -2  ALA A N    1 
ATOM   2    C  CA   . ALA A 1 1  ? 2.627   6.123   -14.277 1.00 20.93 ? -2  ALA A CA   1 
ATOM   3    C  C    . ALA A 1 1  ? 1.896   5.780   -12.989 1.00 21.42 ? -2  ALA A C    1 
ATOM   4    O  O    . ALA A 1 1  ? 2.520   5.315   -12.034 1.00 20.85 ? -2  ALA A O    1 
ATOM   5    C  CB   . ALA A 1 1  ? 2.229   5.157   -15.378 1.00 21.51 ? -2  ALA A CB   1 
ATOM   6    H  H1   . ALA A 1 1  ? 4.174   5.033   -13.633 1.00 15.00 ? -2  ALA A H1   1 
ATOM   7    H  H2   . ALA A 1 1  ? 4.645   6.169   -14.858 1.00 15.00 ? -2  ALA A H2   1 
ATOM   8    H  H3   . ALA A 1 1  ? 4.290   6.656   -13.226 1.00 15.00 ? -2  ALA A H3   1 
ATOM   9    N  N    . ASN A 1 2  ? 0.598   6.062   -12.940 1.00 21.57 ? -1  ASN A N    1 
ATOM   10   C  CA   . ASN A 1 2  ? -0.202  5.744   -11.763 1.00 21.74 ? -1  ASN A CA   1 
ATOM   11   C  C    . ASN A 1 2  ? -0.165  4.230   -11.621 1.00 19.62 ? -1  ASN A C    1 
ATOM   12   O  O    . ASN A 1 2  ? -0.131  3.511   -12.617 1.00 20.65 ? -1  ASN A O    1 
ATOM   13   C  CB   . ASN A 1 2  ? -1.642  6.240   -11.921 1.00 23.15 ? -1  ASN A CB   1 
ATOM   14   C  CG   . ASN A 1 2  ? -1.749  7.758   -11.852 1.00 26.97 ? -1  ASN A CG   1 
ATOM   15   O  OD1  . ASN A 1 2  ? -0.935  8.423   -11.211 1.00 25.94 ? -1  ASN A OD1  1 
ATOM   16   N  ND2  . ASN A 1 2  ? -2.760  8.311   -12.510 1.00 29.91 ? -1  ASN A ND2  1 
ATOM   17   H  H    . ASN A 1 2  ? 0.171   6.486   -13.714 1.00 15.00 ? -1  ASN A H    1 
ATOM   18   H  HD21 . ASN A 1 2  ? -2.838  9.289   -12.479 1.00 15.00 ? -1  ASN A HD21 1 
ATOM   19   H  HD22 . ASN A 1 2  ? -3.377  7.726   -12.994 1.00 15.00 ? -1  ASN A HD22 1 
ATOM   20   N  N    . ALA A 1 3  ? -0.126  3.748   -10.388 1.00 17.70 ? 1   ALA A N    1 
ATOM   21   C  CA   . ALA A 1 3  ? -0.048  2.318   -10.154 1.00 14.71 ? 1   ALA A CA   1 
ATOM   22   C  C    . ALA A 1 3  ? -1.246  1.757   -9.411  1.00 13.38 ? 1   ALA A C    1 
ATOM   23   O  O    . ALA A 1 3  ? -1.897  2.453   -8.631  1.00 12.47 ? 1   ALA A O    1 
ATOM   24   C  CB   . ALA A 1 3  ? 1.232   1.993   -9.398  1.00 14.40 ? 1   ALA A CB   1 
ATOM   25   H  H    . ALA A 1 3  ? -0.179  4.369   -9.627  1.00 15.00 ? 1   ALA A H    1 
ATOM   26   N  N    . THR A 1 4  ? -1.547  0.496   -9.684  1.00 11.60 ? 2   THR A N    1 
ATOM   27   C  CA   . THR A 1 4  ? -2.637  -0.195  -9.018  1.00 11.23 ? 2   THR A CA   1 
ATOM   28   C  C    . THR A 1 4  ? -1.997  -1.398  -8.354  1.00 9.81  ? 2   THR A C    1 
ATOM   29   O  O    . THR A 1 4  ? -1.171  -2.074  -8.967  1.00 10.79 ? 2   THR A O    1 
ATOM   30   C  CB   . THR A 1 4  ? -3.715  -0.650  -10.006 1.00 12.44 ? 2   THR A CB   1 
ATOM   31   O  OG1  . THR A 1 4  ? -4.281  0.501   -10.638 1.00 12.56 ? 2   THR A OG1  1 
ATOM   32   C  CG2  . THR A 1 4  ? -4.823  -1.410  -9.277  1.00 12.55 ? 2   THR A CG2  1 
ATOM   33   H  H    . THR A 1 4  ? -1.033  -0.018  -10.340 1.00 15.00 ? 2   THR A H    1 
ATOM   34   H  HG1  . THR A 1 4  ? -4.601  1.097   -9.954  1.00 15.00 ? 2   THR A HG1  1 
ATOM   35   N  N    . VAL A 1 5  ? -2.288  -1.586  -7.073  1.00 7.06  ? 3   VAL A N    1 
ATOM   36   C  CA   . VAL A 1 5  ? -1.740  -2.699  -6.311  1.00 4.99  ? 3   VAL A CA   1 
ATOM   37   C  C    . VAL A 1 5  ? -2.884  -3.529  -5.747  1.00 4.55  ? 3   VAL A C    1 
ATOM   38   O  O    . VAL A 1 5  ? -3.823  -2.986  -5.149  1.00 2.27  ? 3   VAL A O    1 
ATOM   39   C  CB   . VAL A 1 5  ? -0.854  -2.202  -5.141  1.00 5.02  ? 3   VAL A CB   1 
ATOM   40   C  CG1  . VAL A 1 5  ? -0.207  -3.386  -4.425  1.00 2.69  ? 3   VAL A CG1  1 
ATOM   41   C  CG2  . VAL A 1 5  ? 0.210   -1.251  -5.652  1.00 2.00  ? 3   VAL A CG2  1 
ATOM   42   H  H    . VAL A 1 5  ? -2.913  -0.987  -6.615  1.00 15.00 ? 3   VAL A H    1 
ATOM   43   N  N    . LYS A 1 6  ? -2.837  -4.835  -5.997  1.00 4.15  ? 4   LYS A N    1 
ATOM   44   C  CA   . LYS A 1 6  ? -3.861  -5.747  -5.495  1.00 5.42  ? 4   LYS A CA   1 
ATOM   45   C  C    . LYS A 1 6  ? -3.503  -6.133  -4.069  1.00 3.47  ? 4   LYS A C    1 
ATOM   46   O  O    . LYS A 1 6  ? -2.342  -6.434  -3.773  1.00 2.22  ? 4   LYS A O    1 
ATOM   47   C  CB   . LYS A 1 6  ? -3.904  -7.052  -6.293  1.00 3.52  ? 4   LYS A CB   1 
ATOM   48   C  CG   . LYS A 1 6  ? -3.928  -6.950  -7.793  1.00 7.71  ? 4   LYS A CG   1 
ATOM   49   C  CD   . LYS A 1 6  ? -3.785  -8.357  -8.349  1.00 10.57 ? 4   LYS A CD   1 
ATOM   50   C  CE   . LYS A 1 6  ? -3.270  -8.364  -9.762  1.00 16.15 ? 4   LYS A CE   1 
ATOM   51   N  NZ   . LYS A 1 6  ? -2.833  -9.736  -10.135 1.00 15.19 ? 4   LYS A NZ   1 
ATOM   52   H  H    . LYS A 1 6  ? -2.105  -5.192  -6.534  1.00 15.00 ? 4   LYS A H    1 
ATOM   53   H  HZ1  . LYS A 1 6  ? -3.630  -10.387 -10.007 1.00 15.00 ? 4   LYS A HZ1  1 
ATOM   54   H  HZ2  . LYS A 1 6  ? -2.519  -9.748  -11.126 1.00 15.00 ? 4   LYS A HZ2  1 
ATOM   55   H  HZ3  . LYS A 1 6  ? -2.048  -10.017 -9.518  1.00 15.00 ? 4   LYS A HZ3  1 
ATOM   56   N  N    . MET A 1 7  ? -4.494  -6.121  -3.190  1.00 4.81  ? 5   MET A N    1 
ATOM   57   C  CA   . MET A 1 7  ? -4.275  -6.526  -1.811  1.00 5.21  ? 5   MET A CA   1 
ATOM   58   C  C    . MET A 1 7  ? -4.763  -7.967  -1.784  1.00 4.31  ? 5   MET A C    1 
ATOM   59   O  O    . MET A 1 7  ? -5.966  -8.227  -1.902  1.00 3.88  ? 5   MET A O    1 
ATOM   60   C  CB   . MET A 1 7  ? -5.062  -5.627  -0.858  1.00 6.71  ? 5   MET A CB   1 
ATOM   61   C  CG   . MET A 1 7  ? -4.561  -4.189  -0.872  1.00 8.96  ? 5   MET A CG   1 
ATOM   62   S  SD   . MET A 1 7  ? -5.201  -3.179  0.474   1.00 14.53 ? 5   MET A SD   1 
ATOM   63   C  CE   . MET A 1 7  ? -6.834  -2.928  -0.076  1.00 5.37  ? 5   MET A CE   1 
ATOM   64   H  H    . MET A 1 7  ? -5.390  -5.856  -3.481  1.00 15.00 ? 5   MET A H    1 
ATOM   65   N  N    . GLY A 1 8  ? -3.813  -8.896  -1.699  1.00 5.16  ? 6   GLY A N    1 
ATOM   66   C  CA   . GLY A 1 8  ? -4.130  -10.314 -1.733  1.00 4.60  ? 6   GLY A CA   1 
ATOM   67   C  C    . GLY A 1 8  ? -3.943  -10.695 -3.196  1.00 8.28  ? 6   GLY A C    1 
ATOM   68   O  O    . GLY A 1 8  ? -4.608  -10.129 -4.076  1.00 7.76  ? 6   GLY A O    1 
ATOM   69   H  H    . GLY A 1 8  ? -2.875  -8.622  -1.654  1.00 15.00 ? 6   GLY A H    1 
ATOM   70   N  N    . SER A 1 9  ? -3.019  -11.609 -3.478  1.00 8.33  ? 7   SER A N    1 
ATOM   71   C  CA   . SER A 1 9  ? -2.740  -12.009 -4.862  1.00 12.13 ? 7   SER A CA   1 
ATOM   72   C  C    . SER A 1 9  ? -3.801  -12.915 -5.488  1.00 12.74 ? 7   SER A C    1 
ATOM   73   O  O    . SER A 1 9  ? -4.590  -13.543 -4.778  1.00 13.47 ? 7   SER A O    1 
ATOM   74   C  CB   . SER A 1 9  ? -1.387  -12.715 -4.940  1.00 10.35 ? 7   SER A CB   1 
ATOM   75   O  OG   . SER A 1 9  ? -1.430  -13.939 -4.230  1.00 10.69 ? 7   SER A OG   1 
ATOM   76   H  H    . SER A 1 9  ? -2.532  -12.048 -2.751  1.00 15.00 ? 7   SER A H    1 
ATOM   77   H  HG   . SER A 1 9  ? -0.648  -14.454 -4.485  1.00 15.00 ? 7   SER A HG   1 
ATOM   78   N  N    . ASP A 1 10 ? -3.811  -12.974 -6.823  1.00 13.84 ? 8   ASP A N    1 
ATOM   79   C  CA   . ASP A 1 10 ? -4.743  -13.841 -7.551  1.00 14.56 ? 8   ASP A CA   1 
ATOM   80   C  C    . ASP A 1 10 ? -4.436  -15.295 -7.185  1.00 13.20 ? 8   ASP A C    1 
ATOM   81   O  O    . ASP A 1 10 ? -5.323  -16.138 -7.162  1.00 13.43 ? 8   ASP A O    1 
ATOM   82   C  CB   . ASP A 1 10 ? -4.598  -13.665 -9.070  1.00 13.50 ? 8   ASP A CB   1 
ATOM   83   C  CG   . ASP A 1 10 ? -5.165  -12.344 -9.577  1.00 14.61 ? 8   ASP A CG   1 
ATOM   84   O  OD1  . ASP A 1 10 ? -6.099  -11.800 -8.955  1.00 13.21 ? 8   ASP A OD1  1 
ATOM   85   O  OD2  . ASP A 1 10 ? -4.682  -11.856 -10.622 1.00 17.65 ? 8   ASP A OD2  1 
ATOM   86   H  H    . ASP A 1 10 ? -3.187  -12.415 -7.324  1.00 15.00 ? 8   ASP A H    1 
ATOM   87   N  N    . SER A 1 11 ? -3.167  -15.581 -6.909  1.00 15.94 ? 9   SER A N    1 
ATOM   88   C  CA   . SER A 1 11 ? -2.749  -16.924 -6.530  1.00 18.36 ? 9   SER A CA   1 
ATOM   89   C  C    . SER A 1 11 ? -3.154  -17.256 -5.089  1.00 18.75 ? 9   SER A C    1 
ATOM   90   O  O    . SER A 1 11 ? -2.841  -18.333 -4.584  1.00 23.16 ? 9   SER A O    1 
ATOM   91   C  CB   . SER A 1 11 ? -1.238  -17.090 -6.727  1.00 17.01 ? 9   SER A CB   1 
ATOM   92   O  OG   . SER A 1 11 ? -0.502  -16.071 -6.067  1.00 21.00 ? 9   SER A OG   1 
ATOM   93   H  H    . SER A 1 11 ? -2.466  -14.903 -6.935  1.00 15.00 ? 9   SER A H    1 
ATOM   94   H  HG   . SER A 1 11 ? 0.422   -16.296 -6.229  1.00 15.00 ? 9   SER A HG   1 
ATOM   95   N  N    . GLY A 1 12 ? -3.844  -16.329 -4.432  1.00 17.92 ? 10  GLY A N    1 
ATOM   96   C  CA   . GLY A 1 12 ? -4.295  -16.563 -3.071  1.00 16.58 ? 10  GLY A CA   1 
ATOM   97   C  C    . GLY A 1 12 ? -3.247  -16.498 -1.973  1.00 15.25 ? 10  GLY A C    1 
ATOM   98   O  O    . GLY A 1 12 ? -3.233  -17.343 -1.073  1.00 16.39 ? 10  GLY A O    1 
ATOM   99   H  H    . GLY A 1 12 ? -4.060  -15.465 -4.827  1.00 15.00 ? 10  GLY A H    1 
ATOM   100  N  N    . ALA A 1 13 ? -2.388  -15.486 -2.029  1.00 13.06 ? 11  ALA A N    1 
ATOM   101  C  CA   . ALA A 1 13 ? -1.349  -15.293 -1.023  1.00 12.04 ? 11  ALA A CA   1 
ATOM   102  C  C    . ALA A 1 13 ? -1.543  -13.937 -0.329  1.00 10.41 ? 11  ALA A C    1 
ATOM   103  O  O    . ALA A 1 13 ? -2.038  -12.980 -0.935  1.00 8.63  ? 11  ALA A O    1 
ATOM   104  C  CB   . ALA A 1 13 ? 0.036   -15.370 -1.671  1.00 10.97 ? 11  ALA A CB   1 
ATOM   105  H  H    . ALA A 1 13 ? -2.450  -14.837 -2.761  1.00 15.00 ? 11  ALA A H    1 
ATOM   106  N  N    . LEU A 1 14 ? -1.181  -13.868 0.949   1.00 9.90  ? 12  LEU A N    1 
ATOM   107  C  CA   . LEU A 1 14 ? -1.301  -12.632 1.718   1.00 9.63  ? 12  LEU A CA   1 
ATOM   108  C  C    . LEU A 1 14 ? -0.150  -11.704 1.339   1.00 9.03  ? 12  LEU A C    1 
ATOM   109  O  O    . LEU A 1 14 ? 0.816   -11.548 2.092   1.00 5.72  ? 12  LEU A O    1 
ATOM   110  C  CB   . LEU A 1 14 ? -1.275  -12.925 3.225   1.00 10.29 ? 12  LEU A CB   1 
ATOM   111  C  CG   . LEU A 1 14 ? -2.509  -13.606 3.815   1.00 9.72  ? 12  LEU A CG   1 
ATOM   112  C  CD1  . LEU A 1 14 ? -2.278  -13.921 5.281   1.00 11.87 ? 12  LEU A CD1  1 
ATOM   113  C  CD2  . LEU A 1 14 ? -3.728  -12.712 3.652   1.00 9.55  ? 12  LEU A CD2  1 
ATOM   114  H  H    . LEU A 1 14 ? -0.796  -14.661 1.378   1.00 15.00 ? 12  LEU A H    1 
ATOM   115  N  N    . VAL A 1 15 ? -0.258  -11.100 0.161   1.00 5.00  ? 13  VAL A N    1 
ATOM   116  C  CA   . VAL A 1 15 ? 0.775   -10.206 -0.332  1.00 8.39  ? 13  VAL A CA   1 
ATOM   117  C  C    . VAL A 1 15 ? 0.187   -9.045  -1.129  1.00 6.89  ? 13  VAL A C    1 
ATOM   118  O  O    . VAL A 1 15 ? -0.984  -9.063  -1.523  1.00 8.96  ? 13  VAL A O    1 
ATOM   119  C  CB   . VAL A 1 15 ? 1.789   -10.946 -1.279  1.00 7.14  ? 13  VAL A CB   1 
ATOM   120  C  CG1  . VAL A 1 15 ? 2.484   -12.097 -0.566  1.00 7.17  ? 13  VAL A CG1  1 
ATOM   121  C  CG2  . VAL A 1 15 ? 1.081   -11.447 -2.534  1.00 8.82  ? 13  VAL A CG2  1 
ATOM   122  H  H    . VAL A 1 15 ? -1.054  -11.243 -0.393  1.00 15.00 ? 13  VAL A H    1 
ATOM   123  N  N    . PHE A 1 16 ? 0.999   -8.012  -1.301  1.00 7.70  ? 14  PHE A N    1 
ATOM   124  C  CA   . PHE A 1 16 ? 0.625   -6.862  -2.099  1.00 6.46  ? 14  PHE A CA   1 
ATOM   125  C  C    . PHE A 1 16 ? 1.235   -7.212  -3.445  1.00 5.07  ? 14  PHE A C    1 
ATOM   126  O  O    . PHE A 1 16 ? 2.412   -7.574  -3.523  1.00 6.55  ? 14  PHE A O    1 
ATOM   127  C  CB   . PHE A 1 16 ? 1.251   -5.578  -1.541  1.00 5.23  ? 14  PHE A CB   1 
ATOM   128  C  CG   . PHE A 1 16 ? 0.561   -5.058  -0.314  1.00 4.89  ? 14  PHE A CG   1 
ATOM   129  C  CD1  . PHE A 1 16 ? -0.692  -4.465  -0.411  1.00 4.83  ? 14  PHE A CD1  1 
ATOM   130  C  CD2  . PHE A 1 16 ? 1.148   -5.185  0.936   1.00 2.18  ? 14  PHE A CD2  1 
ATOM   131  C  CE1  . PHE A 1 16 ? -1.352  -4.007  0.724   1.00 6.19  ? 14  PHE A CE1  1 
ATOM   132  C  CE2  . PHE A 1 16 ? 0.500   -4.732  2.075   1.00 3.40  ? 14  PHE A CE2  1 
ATOM   133  C  CZ   . PHE A 1 16 ? -0.754  -4.141  1.970   1.00 4.75  ? 14  PHE A CZ   1 
ATOM   134  H  H    . PHE A 1 16 ? 1.891   -8.034  -0.898  1.00 15.00 ? 14  PHE A H    1 
ATOM   135  N  N    . GLU A 1 17 ? 0.424   -7.170  -4.491  1.00 5.69  ? 15  GLU A N    1 
ATOM   136  C  CA   . GLU A 1 17 ? 0.900   -7.507  -5.824  1.00 5.49  ? 15  GLU A CA   1 
ATOM   137  C  C    . GLU A 1 17 ? 0.593   -6.374  -6.798  1.00 5.06  ? 15  GLU A C    1 
ATOM   138  O  O    . GLU A 1 17 ? -0.570  -6.085  -7.072  1.00 4.82  ? 15  GLU A O    1 
ATOM   139  C  CB   . GLU A 1 17 ? 0.236   -8.812  -6.289  1.00 8.78  ? 15  GLU A CB   1 
ATOM   140  C  CG   . GLU A 1 17 ? 0.608   -9.272  -7.699  1.00 13.68 ? 15  GLU A CG   1 
ATOM   141  C  CD   . GLU A 1 17 ? 2.091   -9.558  -7.870  1.00 16.79 ? 15  GLU A CD   1 
ATOM   142  O  OE1  . GLU A 1 17 ? 2.655   -10.352 -7.090  1.00 21.93 ? 15  GLU A OE1  1 
ATOM   143  O  OE2  . GLU A 1 17 ? 2.693   -8.993  -8.802  1.00 21.55 ? 15  GLU A OE2  1 
ATOM   144  H  H    . GLU A 1 17 ? -0.513  -6.899  -4.369  1.00 15.00 ? 15  GLU A H    1 
ATOM   145  N  N    . PRO A 1 18 ? 1.632   -5.718  -7.338  1.00 5.14  ? 16  PRO A N    1 
ATOM   146  C  CA   . PRO A 1 18 ? 3.053   -5.972  -7.089  1.00 5.04  ? 16  PRO A CA   1 
ATOM   147  C  C    . PRO A 1 18 ? 3.522   -5.383  -5.757  1.00 6.61  ? 16  PRO A C    1 
ATOM   148  O  O    . PRO A 1 18 ? 3.050   -4.328  -5.337  1.00 5.47  ? 16  PRO A O    1 
ATOM   149  C  CB   . PRO A 1 18 ? 3.722   -5.296  -8.282  1.00 6.91  ? 16  PRO A CB   1 
ATOM   150  C  CG   . PRO A 1 18 ? 2.842   -4.131  -8.535  1.00 6.03  ? 16  PRO A CG   1 
ATOM   151  C  CD   . PRO A 1 18 ? 1.454   -4.701  -8.391  1.00 6.43  ? 16  PRO A CD   1 
ATOM   152  N  N    . SER A 1 19 ? 4.444   -6.076  -5.094  1.00 7.00  ? 17  SER A N    1 
ATOM   153  C  CA   . SER A 1 19 ? 4.962   -5.644  -3.800  1.00 8.91  ? 17  SER A CA   1 
ATOM   154  C  C    . SER A 1 19 ? 5.722   -4.318  -3.855  1.00 10.83 ? 17  SER A C    1 
ATOM   155  O  O    . SER A 1 19 ? 5.692   -3.545  -2.900  1.00 14.18 ? 17  SER A O    1 
ATOM   156  C  CB   . SER A 1 19 ? 5.846   -6.737  -3.202  1.00 7.33  ? 17  SER A CB   1 
ATOM   157  O  OG   . SER A 1 19 ? 6.810   -7.167  -4.145  1.00 13.00 ? 17  SER A OG   1 
ATOM   158  H  H    . SER A 1 19 ? 4.783   -6.906  -5.497  1.00 15.00 ? 17  SER A H    1 
ATOM   159  H  HG   . SER A 1 19 ? 6.436   -7.862  -4.710  1.00 15.00 ? 17  SER A HG   1 
ATOM   160  N  N    . THR A 1 20 ? 6.408   -4.062  -4.964  1.00 9.64  ? 18  THR A N    1 
ATOM   161  C  CA   . THR A 1 20 ? 7.150   -2.822  -5.137  1.00 8.06  ? 18  THR A CA   1 
ATOM   162  C  C    . THR A 1 20 ? 6.683   -2.143  -6.418  1.00 9.46  ? 18  THR A C    1 
ATOM   163  O  O    . THR A 1 20 ? 6.571   -2.792  -7.460  1.00 7.67  ? 18  THR A O    1 
ATOM   164  C  CB   . THR A 1 20 ? 8.679   -3.065  -5.250  1.00 7.81  ? 18  THR A CB   1 
ATOM   165  O  OG1  . THR A 1 20 ? 9.162   -3.711  -4.065  1.00 11.70 ? 18  THR A OG1  1 
ATOM   166  C  CG2  . THR A 1 20 ? 9.417   -1.743  -5.431  1.00 8.05  ? 18  THR A CG2  1 
ATOM   167  H  H    . THR A 1 20 ? 6.430   -4.709  -5.696  1.00 15.00 ? 18  THR A H    1 
ATOM   168  H  HG1  . THR A 1 20 ? 10.063  -3.989  -4.235  1.00 15.00 ? 18  THR A HG1  1 
ATOM   169  N  N    . VAL A 1 21 ? 6.352   -0.857  -6.314  1.00 7.93  ? 19  VAL A N    1 
ATOM   170  C  CA   . VAL A 1 21 ? 5.933   -0.062  -7.463  1.00 8.15  ? 19  VAL A CA   1 
ATOM   171  C  C    . VAL A 1 21 ? 6.771   1.210   -7.482  1.00 8.78  ? 19  VAL A C    1 
ATOM   172  O  O    . VAL A 1 21 ? 7.232   1.683   -6.435  1.00 4.91  ? 19  VAL A O    1 
ATOM   173  C  CB   . VAL A 1 21 ? 4.434   0.342   -7.418  1.00 9.95  ? 19  VAL A CB   1 
ATOM   174  C  CG1  . VAL A 1 21 ? 3.544   -0.876  -7.581  1.00 14.19 ? 19  VAL A CG1  1 
ATOM   175  C  CG2  . VAL A 1 21 ? 4.113   1.071   -6.127  1.00 13.21 ? 19  VAL A CG2  1 
ATOM   176  H  H    . VAL A 1 21 ? 6.390   -0.411  -5.438  1.00 15.00 ? 19  VAL A H    1 
ATOM   177  N  N    . THR A 1 22 ? 7.000   1.738   -8.674  1.00 8.07  ? 20  THR A N    1 
ATOM   178  C  CA   . THR A 1 22 ? 7.769   2.960   -8.825  1.00 7.35  ? 20  THR A CA   1 
ATOM   179  C  C    . THR A 1 22 ? 6.939   3.970   -9.593  1.00 6.61  ? 20  THR A C    1 
ATOM   180  O  O    . THR A 1 22 ? 6.422   3.670   -10.670 1.00 6.63  ? 20  THR A O    1 
ATOM   181  C  CB   . THR A 1 22 ? 9.076   2.704   -9.567  1.00 8.73  ? 20  THR A CB   1 
ATOM   182  O  OG1  . THR A 1 22 ? 9.828   1.712   -8.858  1.00 12.12 ? 20  THR A OG1  1 
ATOM   183  C  CG2  . THR A 1 22 ? 9.900   3.988   -9.656  1.00 11.14 ? 20  THR A CG2  1 
ATOM   184  H  H    . THR A 1 22 ? 6.647   1.307   -9.482  1.00 15.00 ? 20  THR A H    1 
ATOM   185  H  HG1  . THR A 1 22 ? 9.873   2.022   -7.944  1.00 15.00 ? 20  THR A HG1  1 
ATOM   186  N  N    . ILE A 1 23 ? 6.760   5.143   -9.000  1.00 5.08  ? 21  ILE A N    1 
ATOM   187  C  CA   . ILE A 1 23 ? 5.994   6.204   -9.625  1.00 6.70  ? 21  ILE A CA   1 
ATOM   188  C  C    . ILE A 1 23 ? 6.781   7.516   -9.616  1.00 6.43  ? 21  ILE A C    1 
ATOM   189  O  O    . ILE A 1 23 ? 7.871   7.602   -9.049  1.00 7.35  ? 21  ILE A O    1 
ATOM   190  C  CB   . ILE A 1 23 ? 4.632   6.436   -8.915  1.00 6.49  ? 21  ILE A CB   1 
ATOM   191  C  CG1  . ILE A 1 23 ? 4.844   6.734   -7.427  1.00 8.63  ? 21  ILE A CG1  1 
ATOM   192  C  CG2  . ILE A 1 23 ? 3.714   5.238   -9.097  1.00 7.39  ? 21  ILE A CG2  1 
ATOM   193  C  CD1  . ILE A 1 23 ? 3.584   7.193   -6.725  1.00 2.83  ? 21  ILE A CD1  1 
ATOM   194  H  H    . ILE A 1 23 ? 7.187   5.330   -8.136  1.00 15.00 ? 21  ILE A H    1 
ATOM   195  N  N    . LYS A 1 24 ? 6.227   8.516   -10.287 1.00 7.86  ? 22  LYS A N    1 
ATOM   196  C  CA   . LYS A 1 24 ? 6.820   9.842   -10.353 1.00 9.97  ? 22  LYS A CA   1 
ATOM   197  C  C    . LYS A 1 24 ? 6.108   10.693  -9.308  1.00 7.96  ? 22  LYS A C    1 
ATOM   198  O  O    . LYS A 1 24 ? 4.909   10.504  -9.063  1.00 8.21  ? 22  LYS A O    1 
ATOM   199  C  CB   . LYS A 1 24 ? 6.610   10.460  -11.743 1.00 11.97 ? 22  LYS A CB   1 
ATOM   200  C  CG   . LYS A 1 24 ? 7.470   9.844   -12.838 1.00 17.77 ? 22  LYS A CG   1 
ATOM   201  C  CD   . LYS A 1 24 ? 7.521   10.746  -14.067 1.00 23.43 ? 22  LYS A CD   1 
ATOM   202  C  CE   . LYS A 1 24 ? 6.399   10.444  -15.039 1.00 28.19 ? 22  LYS A CE   1 
ATOM   203  N  NZ   . LYS A 1 24 ? 6.659   9.153   -15.741 1.00 31.47 ? 22  LYS A NZ   1 
ATOM   204  H  H    . LYS A 1 24 ? 5.360   8.390   -10.689 1.00 15.00 ? 22  LYS A H    1 
ATOM   205  H  HZ1  . LYS A 1 24 ? 7.559   9.218   -16.258 1.00 15.00 ? 22  LYS A HZ1  1 
ATOM   206  H  HZ2  . LYS A 1 24 ? 6.713   8.385   -15.043 1.00 15.00 ? 22  LYS A HZ2  1 
ATOM   207  H  HZ3  . LYS A 1 24 ? 5.889   8.961   -16.413 1.00 15.00 ? 22  LYS A HZ3  1 
ATOM   208  N  N    . ALA A 1 25 ? 6.837   11.621  -8.699  1.00 5.95  ? 23  ALA A N    1 
ATOM   209  C  CA   . ALA A 1 25 ? 6.271   12.511  -7.694  1.00 7.05  ? 23  ALA A CA   1 
ATOM   210  C  C    . ALA A 1 25 ? 5.045   13.173  -8.294  1.00 5.94  ? 23  ALA A C    1 
ATOM   211  O  O    . ALA A 1 25 ? 5.065   13.587  -9.450  1.00 7.93  ? 23  ALA A O    1 
ATOM   212  C  CB   . ALA A 1 25 ? 7.296   13.561  -7.276  1.00 5.27  ? 23  ALA A CB   1 
ATOM   213  H  H    . ALA A 1 25 ? 7.780   11.707  -8.927  1.00 15.00 ? 23  ALA A H    1 
ATOM   214  N  N    . GLY A 1 26 ? 3.971   13.236  -7.523  1.00 4.80  ? 24  GLY A N    1 
ATOM   215  C  CA   . GLY A 1 26 ? 2.747   13.834  -8.009  1.00 5.37  ? 24  GLY A CA   1 
ATOM   216  C  C    . GLY A 1 26 ? 1.726   12.786  -8.414  1.00 6.95  ? 24  GLY A C    1 
ATOM   217  O  O    . GLY A 1 26 ? 0.530   13.079  -8.458  1.00 7.44  ? 24  GLY A O    1 
ATOM   218  H  H    . GLY A 1 26 ? 4.016   12.867  -6.639  1.00 15.00 ? 24  GLY A H    1 
ATOM   219  N  N    . GLU A 1 27 ? 2.181   11.569  -8.704  1.00 8.75  ? 25  GLU A N    1 
ATOM   220  C  CA   . GLU A 1 27 ? 1.271   10.494  -9.101  1.00 9.76  ? 25  GLU A CA   1 
ATOM   221  C  C    . GLU A 1 27 ? 0.647   9.778   -7.908  1.00 9.94  ? 25  GLU A C    1 
ATOM   222  O  O    . GLU A 1 27 ? 1.038   9.992   -6.757  1.00 9.33  ? 25  GLU A O    1 
ATOM   223  C  CB   . GLU A 1 27 ? 1.976   9.498   -10.020 1.00 9.57  ? 25  GLU A CB   1 
ATOM   224  C  CG   . GLU A 1 27 ? 2.438   10.124  -11.322 1.00 11.97 ? 25  GLU A CG   1 
ATOM   225  C  CD   . GLU A 1 27 ? 3.012   9.123   -12.297 1.00 12.08 ? 25  GLU A CD   1 
ATOM   226  O  OE1  . GLU A 1 27 ? 3.766   8.220   -11.869 1.00 12.53 ? 25  GLU A OE1  1 
ATOM   227  O  OE2  . GLU A 1 27 ? 2.710   9.248   -13.501 1.00 14.47 ? 25  GLU A OE2  1 
ATOM   228  H  H    . GLU A 1 27 ? 3.136   11.368  -8.625  1.00 15.00 ? 25  GLU A H    1 
ATOM   229  N  N    . GLU A 1 28 ? -0.326  8.920   -8.183  1.00 9.80  ? 26  GLU A N    1 
ATOM   230  C  CA   . GLU A 1 28 ? -1.005  8.213   -7.115  1.00 12.44 ? 26  GLU A CA   1 
ATOM   231  C  C    . GLU A 1 28 ? -0.955  6.706   -7.263  1.00 11.89 ? 26  GLU A C    1 
ATOM   232  O  O    . GLU A 1 28 ? -0.600  6.174   -8.321  1.00 12.20 ? 26  GLU A O    1 
ATOM   233  C  CB   . GLU A 1 28 ? -2.453  8.686   -7.011  1.00 14.48 ? 26  GLU A CB   1 
ATOM   234  C  CG   . GLU A 1 28 ? -3.272  8.446   -8.255  1.00 23.10 ? 26  GLU A CG   1 
ATOM   235  C  CD   . GLU A 1 28 ? -4.578  9.205   -8.239  1.00 27.42 ? 26  GLU A CD   1 
ATOM   236  O  OE1  . GLU A 1 28 ? -4.535  10.453  -8.278  1.00 30.60 ? 26  GLU A OE1  1 
ATOM   237  O  OE2  . GLU A 1 28 ? -5.646  8.559   -8.194  1.00 26.67 ? 26  GLU A OE2  1 
ATOM   238  H  H    . GLU A 1 28 ? -0.570  8.729   -9.115  1.00 15.00 ? 26  GLU A H    1 
ATOM   239  N  N    . VAL A 1 29 ? -1.248  6.030   -6.162  1.00 8.47  ? 27  VAL A N    1 
ATOM   240  C  CA   . VAL A 1 29 ? -1.271  4.580   -6.122  1.00 6.65  ? 27  VAL A CA   1 
ATOM   241  C  C    . VAL A 1 29 ? -2.632  4.199   -5.567  1.00 6.57  ? 27  VAL A C    1 
ATOM   242  O  O    . VAL A 1 29 ? -3.111  4.796   -4.598  1.00 5.82  ? 27  VAL A O    1 
ATOM   243  C  CB   . VAL A 1 29 ? -0.175  4.012   -5.188  1.00 6.62  ? 27  VAL A CB   1 
ATOM   244  C  CG1  . VAL A 1 29 ? -0.274  2.498   -5.125  1.00 5.44  ? 27  VAL A CG1  1 
ATOM   245  C  CG2  . VAL A 1 29 ? 1.212   4.431   -5.671  1.00 6.11  ? 27  VAL A CG2  1 
ATOM   246  H  H    . VAL A 1 29 ? -1.474  6.518   -5.342  1.00 15.00 ? 27  VAL A H    1 
ATOM   247  N  N    . LYS A 1 30 ? -3.289  3.258   -6.226  1.00 5.81  ? 28  LYS A N    1 
ATOM   248  C  CA   . LYS A 1 30 ? -4.581  2.804   -5.765  1.00 5.27  ? 28  LYS A CA   1 
ATOM   249  C  C    . LYS A 1 30 ? -4.459  1.349   -5.350  1.00 7.03  ? 28  LYS A C    1 
ATOM   250  O  O    . LYS A 1 30 ? -3.952  0.525   -6.118  1.00 7.35  ? 28  LYS A O    1 
ATOM   251  C  CB   . LYS A 1 30 ? -5.642  2.943   -6.858  1.00 5.02  ? 28  LYS A CB   1 
ATOM   252  C  CG   . LYS A 1 30 ? -7.025  2.537   -6.384  1.00 7.45  ? 28  LYS A CG   1 
ATOM   253  C  CD   . LYS A 1 30 ? -8.142  3.021   -7.296  1.00 13.04 ? 28  LYS A CD   1 
ATOM   254  C  CE   . LYS A 1 30 ? -8.346  2.115   -8.494  1.00 15.10 ? 28  LYS A CE   1 
ATOM   255  N  NZ   . LYS A 1 30 ? -9.658  2.415   -9.153  1.00 16.32 ? 28  LYS A NZ   1 
ATOM   256  H  H    . LYS A 1 30 ? -2.898  2.850   -7.025  1.00 15.00 ? 28  LYS A H    1 
ATOM   257  H  HZ1  . LYS A 1 30 ? -10.423 2.289   -8.460  1.00 15.00 ? 28  LYS A HZ1  1 
ATOM   258  H  HZ2  . LYS A 1 30 ? -9.664  3.396   -9.499  1.00 15.00 ? 28  LYS A HZ2  1 
ATOM   259  H  HZ3  . LYS A 1 30 ? -9.804  1.762   -9.950  1.00 15.00 ? 28  LYS A HZ3  1 
ATOM   260  N  N    . TRP A 1 31 ? -4.851  1.057   -4.113  1.00 4.05  ? 29  TRP A N    1 
ATOM   261  C  CA   . TRP A 1 31 ? -4.836  -0.302  -3.596  1.00 4.66  ? 29  TRP A CA   1 
ATOM   262  C  C    . TRP A 1 31 ? -6.263  -0.814  -3.714  1.00 6.45  ? 29  TRP A C    1 
ATOM   263  O  O    . TRP A 1 31 ? -7.210  -0.150  -3.271  1.00 7.42  ? 29  TRP A O    1 
ATOM   264  C  CB   . TRP A 1 31 ? -4.400  -0.330  -2.130  1.00 4.29  ? 29  TRP A CB   1 
ATOM   265  C  CG   . TRP A 1 31 ? -2.948  -0.051  -1.932  1.00 5.04  ? 29  TRP A CG   1 
ATOM   266  C  CD1  . TRP A 1 31 ? -1.934  -0.955  -1.942  1.00 2.23  ? 29  TRP A CD1  1 
ATOM   267  C  CD2  . TRP A 1 31 ? -2.345  1.227   -1.706  1.00 4.97  ? 29  TRP A CD2  1 
ATOM   268  N  NE1  . TRP A 1 31 ? -0.732  -0.325  -1.738  1.00 4.03  ? 29  TRP A NE1  1 
ATOM   269  C  CE2  . TRP A 1 31 ? -0.954  1.017   -1.591  1.00 3.98  ? 29  TRP A CE2  1 
ATOM   270  C  CE3  . TRP A 1 31 ? -2.848  2.530   -1.592  1.00 5.87  ? 29  TRP A CE3  1 
ATOM   271  C  CZ2  . TRP A 1 31 ? -0.054  2.059   -1.370  1.00 4.54  ? 29  TRP A CZ2  1 
ATOM   272  C  CZ3  . TRP A 1 31 ? -1.953  3.570   -1.374  1.00 9.28  ? 29  TRP A CZ3  1 
ATOM   273  C  CH2  . TRP A 1 31 ? -0.568  3.326   -1.265  1.00 8.69  ? 29  TRP A CH2  1 
ATOM   274  H  H    . TRP A 1 31 ? -5.180  1.782   -3.543  1.00 15.00 ? 29  TRP A H    1 
ATOM   275  H  HE1  . TRP A 1 31 ? 0.140   -0.788  -1.723  1.00 15.00 ? 29  TRP A HE1  1 
ATOM   276  N  N    . VAL A 1 32 ? -6.420  -1.975  -4.337  1.00 7.64  ? 30  VAL A N    1 
ATOM   277  C  CA   . VAL A 1 32 ? -7.731  -2.572  -4.530  1.00 5.51  ? 30  VAL A CA   1 
ATOM   278  C  C    . VAL A 1 32 ? -7.793  -3.911  -3.794  1.00 8.37  ? 30  VAL A C    1 
ATOM   279  O  O    . VAL A 1 32 ? -6.922  -4.772  -3.965  1.00 5.04  ? 30  VAL A O    1 
ATOM   280  C  CB   . VAL A 1 32 ? -8.029  -2.798  -6.036  1.00 5.39  ? 30  VAL A CB   1 
ATOM   281  C  CG1  . VAL A 1 32 ? -9.461  -3.265  -6.228  1.00 4.53  ? 30  VAL A CG1  1 
ATOM   282  C  CG2  . VAL A 1 32 ? -7.782  -1.513  -6.831  1.00 3.34  ? 30  VAL A CG2  1 
ATOM   283  H  H    . VAL A 1 32 ? -5.629  -2.461  -4.654  1.00 15.00 ? 30  VAL A H    1 
ATOM   284  N  N    . ASN A 1 33 ? -8.805  -4.055  -2.944  1.00 7.56  ? 31  ASN A N    1 
ATOM   285  C  CA   . ASN A 1 33 ? -9.017  -5.273  -2.171  1.00 9.49  ? 31  ASN A CA   1 
ATOM   286  C  C    . ASN A 1 33 ? -9.335  -6.400  -3.149  1.00 10.11 ? 31  ASN A C    1 
ATOM   287  O  O    . ASN A 1 33 ? -10.310 -6.309  -3.899  1.00 10.31 ? 31  ASN A O    1 
ATOM   288  C  CB   . ASN A 1 33 ? -10.195 -5.073  -1.218  1.00 9.33  ? 31  ASN A CB   1 
ATOM   289  C  CG   . ASN A 1 33 ? -10.245 -6.118  -0.131  1.00 8.90  ? 31  ASN A CG   1 
ATOM   290  O  OD1  . ASN A 1 33 ? -9.226  -6.712  0.220   1.00 10.38 ? 31  ASN A OD1  1 
ATOM   291  N  ND2  . ASN A 1 33 ? -11.429 -6.339  0.421   1.00 7.53  ? 31  ASN A ND2  1 
ATOM   292  H  H    . ASN A 1 33 ? -9.426  -3.317  -2.843  1.00 15.00 ? 31  ASN A H    1 
ATOM   293  H  HD21 . ASN A 1 33 ? -11.523 -7.017  1.122   1.00 15.00 ? 31  ASN A HD21 1 
ATOM   294  H  HD22 . ASN A 1 33 ? -12.175 -5.806  0.079   1.00 15.00 ? 31  ASN A HD22 1 
ATOM   295  N  N    . ASN A 1 34 ? -8.528  -7.457  -3.135  1.00 9.80  ? 32  ASN A N    1 
ATOM   296  C  CA   . ASN A 1 34 ? -8.726  -8.572  -4.053  1.00 9.21  ? 32  ASN A CA   1 
ATOM   297  C  C    . ASN A 1 34 ? -9.155  -9.884  -3.386  1.00 8.54  ? 32  ASN A C    1 
ATOM   298  O  O    . ASN A 1 34 ? -10.297 -10.317 -3.539  1.00 10.03 ? 32  ASN A O    1 
ATOM   299  C  CB   . ASN A 1 34 ? -7.463  -8.784  -4.894  1.00 8.38  ? 32  ASN A CB   1 
ATOM   300  C  CG   . ASN A 1 34 ? -7.668  -9.787  -6.028  1.00 12.48 ? 32  ASN A CG   1 
ATOM   301  O  OD1  . ASN A 1 34 ? -8.739  -9.841  -6.650  1.00 9.58  ? 32  ASN A OD1  1 
ATOM   302  N  ND2  . ASN A 1 34 ? -6.642  -10.584 -6.300  1.00 6.29  ? 32  ASN A ND2  1 
ATOM   303  H  H    . ASN A 1 34 ? -7.792  -7.503  -2.483  1.00 15.00 ? 32  ASN A H    1 
ATOM   304  H  HD21 . ASN A 1 34 ? -6.756  -11.234 -7.017  1.00 15.00 ? 32  ASN A HD21 1 
ATOM   305  H  HD22 . ASN A 1 34 ? -5.831  -10.471 -5.753  1.00 15.00 ? 32  ASN A HD22 1 
ATOM   306  N  N    . LYS A 1 35 ? -8.246  -10.518 -2.654  1.00 9.76  ? 33  LYS A N    1 
ATOM   307  C  CA   . LYS A 1 35 ? -8.546  -11.781 -1.981  1.00 11.02 ? 33  LYS A CA   1 
ATOM   308  C  C    . LYS A 1 35 ? -8.013  -11.821 -0.556  1.00 10.97 ? 33  LYS A C    1 
ATOM   309  O  O    . LYS A 1 35 ? -7.117  -11.058 -0.203  1.00 10.66 ? 33  LYS A O    1 
ATOM   310  C  CB   . LYS A 1 35 ? -7.942  -12.966 -2.745  1.00 9.62  ? 33  LYS A CB   1 
ATOM   311  C  CG   . LYS A 1 35 ? -8.734  -13.425 -3.952  1.00 16.31 ? 33  LYS A CG   1 
ATOM   312  C  CD   . LYS A 1 35 ? -8.118  -14.680 -4.564  1.00 20.44 ? 33  LYS A CD   1 
ATOM   313  C  CE   . LYS A 1 35 ? -8.951  -15.182 -5.737  1.00 23.98 ? 33  LYS A CE   1 
ATOM   314  N  NZ   . LYS A 1 35 ? -8.419  -16.443 -6.323  1.00 27.05 ? 33  LYS A NZ   1 
ATOM   315  H  H    . LYS A 1 35 ? -7.356  -10.120 -2.515  1.00 15.00 ? 33  LYS A H    1 
ATOM   316  H  HZ1  . LYS A 1 35 ? -8.379  -17.186 -5.596  1.00 15.00 ? 33  LYS A HZ1  1 
ATOM   317  H  HZ2  . LYS A 1 35 ? -9.037  -16.755 -7.100  1.00 15.00 ? 33  LYS A HZ2  1 
ATOM   318  H  HZ3  . LYS A 1 35 ? -7.462  -16.273 -6.696  1.00 15.00 ? 33  LYS A HZ3  1 
ATOM   319  N  N    . LEU A 1 36 ? -8.574  -12.730 0.241   1.00 10.28 ? 34  LEU A N    1 
ATOM   320  C  CA   . LEU A 1 36 ? -8.174  -12.953 1.631   1.00 9.23  ? 34  LEU A CA   1 
ATOM   321  C  C    . LEU A 1 36 ? -8.286  -11.728 2.536   1.00 9.27  ? 34  LEU A C    1 
ATOM   322  O  O    . LEU A 1 36 ? -7.367  -11.401 3.289   1.00 8.57  ? 34  LEU A O    1 
ATOM   323  C  CB   . LEU A 1 36 ? -6.765  -13.559 1.680   1.00 10.25 ? 34  LEU A CB   1 
ATOM   324  C  CG   . LEU A 1 36 ? -6.619  -14.954 1.050   1.00 9.44  ? 34  LEU A CG   1 
ATOM   325  C  CD1  . LEU A 1 36 ? -5.169  -15.380 0.993   1.00 6.58  ? 34  LEU A CD1  1 
ATOM   326  C  CD2  . LEU A 1 36 ? -7.428  -15.960 1.843   1.00 9.08  ? 34  LEU A CD2  1 
ATOM   327  H  H    . LEU A 1 36 ? -9.316  -13.271 -0.107  1.00 15.00 ? 34  LEU A H    1 
ATOM   328  N  N    . SER A 1 37 ? -9.446  -11.084 2.484   1.00 11.56 ? 35  SER A N    1 
ATOM   329  C  CA   . SER A 1 37 ? -9.719  -9.899  3.287   1.00 13.59 ? 35  SER A CA   1 
ATOM   330  C  C    . SER A 1 37 ? -9.694  -10.252 4.775   1.00 14.08 ? 35  SER A C    1 
ATOM   331  O  O    . SER A 1 37 ? -9.816  -11.429 5.141   1.00 16.25 ? 35  SER A O    1 
ATOM   332  C  CB   . SER A 1 37 ? -11.084 -9.337  2.903   1.00 13.04 ? 35  SER A CB   1 
ATOM   333  O  OG   . SER A 1 37 ? -11.148 -9.128  1.504   1.00 20.14 ? 35  SER A OG   1 
ATOM   334  H  H    . SER A 1 37 ? -10.157 -11.416 1.903   1.00 15.00 ? 35  SER A H    1 
ATOM   335  H  HG   . SER A 1 37 ? -10.377 -8.609  1.219   1.00 15.00 ? 35  SER A HG   1 
ATOM   336  N  N    . PRO A 1 38 ? -9.591  -9.239  5.656   1.00 11.98 ? 36  PRO A N    1 
ATOM   337  C  CA   . PRO A 1 38 ? -9.500  -7.807  5.351   1.00 10.92 ? 36  PRO A CA   1 
ATOM   338  C  C    . PRO A 1 38 ? -8.058  -7.312  5.236   1.00 7.77  ? 36  PRO A C    1 
ATOM   339  O  O    . PRO A 1 38 ? -7.117  -7.989  5.663   1.00 7.61  ? 36  PRO A O    1 
ATOM   340  C  CB   . PRO A 1 38 ? -10.202 -7.178  6.549   1.00 11.79 ? 36  PRO A CB   1 
ATOM   341  C  CG   . PRO A 1 38 ? -9.696  -8.030  7.681   1.00 12.52 ? 36  PRO A CG   1 
ATOM   342  C  CD   . PRO A 1 38 ? -9.722  -9.454  7.111   1.00 12.80 ? 36  PRO A CD   1 
ATOM   343  N  N    . HIS A 1 39 ? -7.886  -6.129  4.652   1.00 6.05  ? 37  HIS A N    1 
ATOM   344  C  CA   . HIS A 1 39 ? -6.558  -5.539  4.495   1.00 5.27  ? 37  HIS A CA   1 
ATOM   345  C  C    . HIS A 1 39 ? -6.614  -4.039  4.735   1.00 4.44  ? 37  HIS A C    1 
ATOM   346  O  O    . HIS A 1 39 ? -7.678  -3.428  4.650   1.00 6.83  ? 37  HIS A O    1 
ATOM   347  C  CB   . HIS A 1 39 ? -6.022  -5.753  3.074   1.00 3.64  ? 37  HIS A CB   1 
ATOM   348  C  CG   . HIS A 1 39 ? -6.014  -7.180  2.619   1.00 6.19  ? 37  HIS A CG   1 
ATOM   349  N  ND1  . HIS A 1 39 ? -5.081  -8.097  3.052   1.00 5.83  ? 37  HIS A ND1  1 
ATOM   350  C  CD2  . HIS A 1 39 ? -6.780  -7.824  1.708   1.00 4.96  ? 37  HIS A CD2  1 
ATOM   351  C  CE1  . HIS A 1 39 ? -5.268  -9.243  2.421   1.00 7.75  ? 37  HIS A CE1  1 
ATOM   352  N  NE2  . HIS A 1 39 ? -6.292  -9.102  1.600   1.00 6.90  ? 37  HIS A NE2  1 
ATOM   353  H  H    . HIS A 1 39 ? -8.666  -5.621  4.327   1.00 15.00 ? 37  HIS A H    1 
ATOM   354  H  HE2  . HIS A 1 39 ? -6.633  -9.793  0.996   1.00 15.00 ? 37  HIS A HE2  1 
ATOM   355  N  N    . ASN A 1 40 ? -5.461  -3.458  5.041   1.00 6.68  ? 38  ASN A N    1 
ATOM   356  C  CA   . ASN A 1 40 ? -5.332  -2.020  5.240   1.00 6.65  ? 38  ASN A CA   1 
ATOM   357  C  C    . ASN A 1 40 ? -3.896  -1.639  4.879   1.00 8.14  ? 38  ASN A C    1 
ATOM   358  O  O    . ASN A 1 40 ? -3.071  -2.519  4.592   1.00 4.75  ? 38  ASN A O    1 
ATOM   359  C  CB   . ASN A 1 40 ? -5.722  -1.583  6.663   1.00 5.57  ? 38  ASN A CB   1 
ATOM   360  C  CG   . ASN A 1 40 ? -4.696  -1.961  7.721   1.00 6.82  ? 38  ASN A CG   1 
ATOM   361  O  OD1  . ASN A 1 40 ? -3.747  -2.704  7.469   1.00 6.01  ? 38  ASN A OD1  1 
ATOM   362  N  ND2  . ASN A 1 40 ? -4.902  -1.452  8.933   1.00 6.18  ? 38  ASN A ND2  1 
ATOM   363  H  H    . ASN A 1 40 ? -4.619  -3.956  5.144   1.00 15.00 ? 38  ASN A H    1 
ATOM   364  H  HD21 . ASN A 1 40 ? -4.253  -1.639  9.634   1.00 15.00 ? 38  ASN A HD21 1 
ATOM   365  H  HD22 . ASN A 1 40 ? -5.705  -0.895  9.059   1.00 15.00 ? 38  ASN A HD22 1 
ATOM   366  N  N    . ILE A 1 41 ? -3.618  -0.336  4.821   1.00 8.37  ? 39  ILE A N    1 
ATOM   367  C  CA   . ILE A 1 41 ? -2.289  0.149   4.452   1.00 9.70  ? 39  ILE A CA   1 
ATOM   368  C  C    . ILE A 1 41 ? -1.719  1.055   5.535   1.00 7.87  ? 39  ILE A C    1 
ATOM   369  O  O    . ILE A 1 41 ? -2.280  2.113   5.825   1.00 10.32 ? 39  ILE A O    1 
ATOM   370  C  CB   . ILE A 1 41 ? -2.310  0.972   3.108   1.00 11.23 ? 39  ILE A CB   1 
ATOM   371  C  CG1  . ILE A 1 41 ? -2.907  0.155   1.966   1.00 10.98 ? 39  ILE A CG1  1 
ATOM   372  C  CG2  . ILE A 1 41 ? -0.899  1.395   2.716   1.00 9.00  ? 39  ILE A CG2  1 
ATOM   373  C  CD1  . ILE A 1 41 ? -4.402  0.303   1.822   1.00 16.34 ? 39  ILE A CD1  1 
ATOM   374  H  H    . ILE A 1 41 ? -4.315  0.311   5.063   1.00 15.00 ? 39  ILE A H    1 
ATOM   375  N  N    . VAL A 1 42 ? -0.604  0.650   6.125   1.00 5.71  ? 40  VAL A N    1 
ATOM   376  C  CA   . VAL A 1 42 ? 0.025   1.463   7.153   1.00 6.60  ? 40  VAL A CA   1 
ATOM   377  C  C    . VAL A 1 42 ? 1.486   1.678   6.776   1.00 5.16  ? 40  VAL A C    1 
ATOM   378  O  O    . VAL A 1 42 ? 2.240   0.721   6.630   1.00 4.74  ? 40  VAL A O    1 
ATOM   379  C  CB   . VAL A 1 42 ? -0.064  0.786   8.542   1.00 8.94  ? 40  VAL A CB   1 
ATOM   380  C  CG1  . VAL A 1 42 ? 0.726   1.593   9.578   1.00 7.05  ? 40  VAL A CG1  1 
ATOM   381  C  CG2  . VAL A 1 42 ? -1.531  0.649   8.967   1.00 7.08  ? 40  VAL A CG2  1 
ATOM   382  H  H    . VAL A 1 42 ? -0.209  -0.217  5.890   1.00 15.00 ? 40  VAL A H    1 
ATOM   383  N  N    . PHE A 1 43 ? 1.873   2.929   6.567   1.00 4.59  ? 41  PHE A N    1 
ATOM   384  C  CA   . PHE A 1 43 ? 3.256   3.228   6.210   1.00 6.25  ? 41  PHE A CA   1 
ATOM   385  C  C    . PHE A 1 43 ? 4.109   3.371   7.457   1.00 7.03  ? 41  PHE A C    1 
ATOM   386  O  O    . PHE A 1 43 ? 3.665   3.941   8.450   1.00 9.02  ? 41  PHE A O    1 
ATOM   387  C  CB   . PHE A 1 43 ? 3.330   4.508   5.380   1.00 4.19  ? 41  PHE A CB   1 
ATOM   388  C  CG   . PHE A 1 43 ? 2.910   4.328   3.952   1.00 5.31  ? 41  PHE A CG   1 
ATOM   389  C  CD1  . PHE A 1 43 ? 1.571   4.424   3.586   1.00 5.90  ? 41  PHE A CD1  1 
ATOM   390  C  CD2  . PHE A 1 43 ? 3.857   4.064   2.965   1.00 4.53  ? 41  PHE A CD2  1 
ATOM   391  C  CE1  . PHE A 1 43 ? 1.178   4.259   2.255   1.00 3.88  ? 41  PHE A CE1  1 
ATOM   392  C  CE2  . PHE A 1 43 ? 3.476   3.898   1.636   1.00 3.78  ? 41  PHE A CE2  1 
ATOM   393  C  CZ   . PHE A 1 43 ? 2.133   3.997   1.281   1.00 4.60  ? 41  PHE A CZ   1 
ATOM   394  H  H    . PHE A 1 43 ? 1.232   3.659   6.688   1.00 15.00 ? 41  PHE A H    1 
ATOM   395  N  N    . ASP A 1 44 ? 5.296   2.778   7.453   1.00 9.72  ? 42  ASP A N    1 
ATOM   396  C  CA   . ASP A 1 44 ? 6.168   2.924   8.606   1.00 14.57 ? 42  ASP A CA   1 
ATOM   397  C  C    . ASP A 1 44 ? 6.902   4.257   8.413   1.00 15.76 ? 42  ASP A C    1 
ATOM   398  O  O    . ASP A 1 44 ? 7.031   4.746   7.290   1.00 15.34 ? 42  ASP A O    1 
ATOM   399  C  CB   . ASP A 1 44 ? 7.113   1.727   8.767   1.00 17.00 ? 42  ASP A CB   1 
ATOM   400  C  CG   . ASP A 1 44 ? 7.809   1.349   7.490   1.00 20.70 ? 42  ASP A CG   1 
ATOM   401  O  OD1  . ASP A 1 44 ? 8.554   2.193   6.951   1.00 23.91 ? 42  ASP A OD1  1 
ATOM   402  O  OD2  . ASP A 1 44 ? 7.618   0.203   7.029   1.00 19.06 ? 42  ASP A OD2  1 
ATOM   403  H  H    . ASP A 1 44 ? 5.586   2.276   6.658   1.00 15.00 ? 42  ASP A H    1 
ATOM   404  N  N    . ALA A 1 45 ? 7.367   4.853   9.502   1.00 17.73 ? 43  ALA A N    1 
ATOM   405  C  CA   . ALA A 1 45 ? 8.012   6.156   9.411   1.00 19.27 ? 43  ALA A CA   1 
ATOM   406  C  C    . ALA A 1 45 ? 9.528   6.214   9.297   1.00 18.13 ? 43  ALA A C    1 
ATOM   407  O  O    . ALA A 1 45 ? 10.115  7.265   9.541   1.00 22.50 ? 43  ALA A O    1 
ATOM   408  C  CB   . ALA A 1 45 ? 7.541   7.038   10.560  1.00 17.33 ? 43  ALA A CB   1 
ATOM   409  H  H    . ALA A 1 45 ? 7.263   4.424   10.374  1.00 15.00 ? 43  ALA A H    1 
ATOM   410  N  N    . ASP A 1 46 ? 10.184  5.123   8.929   1.00 18.75 ? 44  ASP A N    1 
ATOM   411  C  CA   . ASP A 1 46 ? 11.636  5.196   8.824   1.00 21.27 ? 44  ASP A CA   1 
ATOM   412  C  C    . ASP A 1 46 ? 12.047  5.628   7.419   1.00 19.24 ? 44  ASP A C    1 
ATOM   413  O  O    . ASP A 1 46 ? 11.582  5.071   6.423   1.00 20.81 ? 44  ASP A O    1 
ATOM   414  C  CB   . ASP A 1 46 ? 12.310  3.881   9.253   1.00 24.88 ? 44  ASP A CB   1 
ATOM   415  C  CG   . ASP A 1 46 ? 12.244  2.801   8.193   1.00 28.39 ? 44  ASP A CG   1 
ATOM   416  O  OD1  . ASP A 1 46 ? 11.127  2.378   7.829   1.00 30.60 ? 44  ASP A OD1  1 
ATOM   417  O  OD2  . ASP A 1 46 ? 13.323  2.368   7.729   1.00 27.95 ? 44  ASP A OD2  1 
ATOM   418  H  H    . ASP A 1 46 ? 9.711   4.304   8.686   1.00 15.00 ? 44  ASP A H    1 
ATOM   419  N  N    . GLY A 1 47 ? 12.838  6.693   7.346   1.00 17.16 ? 45  GLY A N    1 
ATOM   420  C  CA   . GLY A 1 47 ? 13.289  7.191   6.055   1.00 15.05 ? 45  GLY A CA   1 
ATOM   421  C  C    . GLY A 1 47 ? 12.420  8.283   5.458   1.00 11.18 ? 45  GLY A C    1 
ATOM   422  O  O    . GLY A 1 47 ? 12.814  8.937   4.495   1.00 11.83 ? 45  GLY A O    1 
ATOM   423  H  H    . GLY A 1 47 ? 13.094  7.160   8.168   1.00 15.00 ? 45  GLY A H    1 
ATOM   424  N  N    . VAL A 1 48 ? 11.230  8.472   6.007   1.00 10.69 ? 46  VAL A N    1 
ATOM   425  C  CA   . VAL A 1 48 ? 10.319  9.503   5.526   1.00 9.36  ? 46  VAL A CA   1 
ATOM   426  C  C    . VAL A 1 48 ? 9.746   10.214  6.748   1.00 9.09  ? 46  VAL A C    1 
ATOM   427  O  O    . VAL A 1 48 ? 9.846   9.707   7.862   1.00 8.01  ? 46  VAL A O    1 
ATOM   428  C  CB   . VAL A 1 48 ? 9.160   8.911   4.666   1.00 8.35  ? 46  VAL A CB   1 
ATOM   429  C  CG1  . VAL A 1 48 ? 9.708   8.316   3.380   1.00 8.58  ? 46  VAL A CG1  1 
ATOM   430  C  CG2  . VAL A 1 48 ? 8.382   7.864   5.450   1.00 8.45  ? 46  VAL A CG2  1 
ATOM   431  H  H    . VAL A 1 48 ? 10.924  7.947   6.778   1.00 15.00 ? 46  VAL A H    1 
ATOM   432  N  N    . PRO A 1 49 ? 9.219   11.436  6.570   1.00 10.72 ? 47  PRO A N    1 
ATOM   433  C  CA   . PRO A 1 49 ? 8.652   12.168  7.701   1.00 11.13 ? 47  PRO A CA   1 
ATOM   434  C  C    . PRO A 1 49 ? 7.503   11.391  8.320   1.00 12.25 ? 47  PRO A C    1 
ATOM   435  O  O    . PRO A 1 49 ? 6.634   10.890  7.606   1.00 13.86 ? 47  PRO A O    1 
ATOM   436  C  CB   . PRO A 1 49 ? 8.167   13.456  7.050   1.00 10.86 ? 47  PRO A CB   1 
ATOM   437  C  CG   . PRO A 1 49 ? 9.179   13.667  5.977   1.00 11.98 ? 47  PRO A CG   1 
ATOM   438  C  CD   . PRO A 1 49 ? 9.281   12.294  5.376   1.00 11.28 ? 47  PRO A CD   1 
ATOM   439  N  N    . ALA A 1 50 ? 7.492   11.312  9.647   1.00 12.16 ? 48  ALA A N    1 
ATOM   440  C  CA   . ALA A 1 50 ? 6.451   10.588  10.369  1.00 11.67 ? 48  ALA A CA   1 
ATOM   441  C  C    . ALA A 1 50 ? 5.034   11.012  9.986   1.00 11.79 ? 48  ALA A C    1 
ATOM   442  O  O    . ALA A 1 50 ? 4.168   10.163  9.745   1.00 11.68 ? 48  ALA A O    1 
ATOM   443  C  CB   . ALA A 1 50 ? 6.661   10.724  11.869  1.00 10.29 ? 48  ALA A CB   1 
ATOM   444  H  H    . ALA A 1 50 ? 8.220   11.739  10.140  1.00 15.00 ? 48  ALA A H    1 
ATOM   445  N  N    . ASP A 1 51 ? 4.801   12.318  9.891   1.00 10.25 ? 50  ASP A N    1 
ATOM   446  C  CA   . ASP A 1 51 ? 3.470   12.805  9.538   1.00 12.55 ? 50  ASP A CA   1 
ATOM   447  C  C    . ASP A 1 51 ? 3.034   12.534  8.101   1.00 10.98 ? 50  ASP A C    1 
ATOM   448  O  O    . ASP A 1 51 ? 1.846   12.339  7.839   1.00 8.78  ? 50  ASP A O    1 
ATOM   449  C  CB   . ASP A 1 51 ? 3.302   14.276  9.921   1.00 13.40 ? 50  ASP A CB   1 
ATOM   450  C  CG   . ASP A 1 51 ? 2.993   14.457  11.401  1.00 18.87 ? 50  ASP A CG   1 
ATOM   451  O  OD1  . ASP A 1 51 ? 3.170   13.491  12.180  1.00 17.26 ? 50  ASP A OD1  1 
ATOM   452  O  OD2  . ASP A 1 51 ? 2.551   15.558  11.791  1.00 20.48 ? 50  ASP A OD2  1 
ATOM   453  H  H    . ASP A 1 51 ? 5.521   12.963  10.063  1.00 15.00 ? 50  ASP A H    1 
ATOM   454  N  N    . THR A 1 52 ? 3.988   12.489  7.178   1.00 11.35 ? 51  THR A N    1 
ATOM   455  C  CA   . THR A 1 52 ? 3.675   12.195  5.785   1.00 11.86 ? 51  THR A CA   1 
ATOM   456  C  C    . THR A 1 52 ? 3.206   10.740  5.724   1.00 10.08 ? 51  THR A C    1 
ATOM   457  O  O    . THR A 1 52 ? 2.174   10.436  5.126   1.00 11.16 ? 51  THR A O    1 
ATOM   458  C  CB   . THR A 1 52 ? 4.907   12.376  4.893   1.00 12.21 ? 51  THR A CB   1 
ATOM   459  O  OG1  . THR A 1 52 ? 5.445   13.687  5.096   1.00 16.85 ? 51  THR A OG1  1 
ATOM   460  C  CG2  . THR A 1 52 ? 4.537   12.207  3.426   1.00 14.22 ? 51  THR A CG2  1 
ATOM   461  H  H    . THR A 1 52 ? 4.916   12.683  7.416   1.00 15.00 ? 51  THR A H    1 
ATOM   462  H  HG1  . THR A 1 52 ? 4.725   14.312  4.948   1.00 15.00 ? 51  THR A HG1  1 
ATOM   463  N  N    . ALA A 1 53 ? 3.942   9.861   6.402   1.00 9.50  ? 52  ALA A N    1 
ATOM   464  C  CA   . ALA A 1 53 ? 3.619   8.438   6.460   1.00 9.03  ? 52  ALA A CA   1 
ATOM   465  C  C    . ALA A 1 53 ? 2.198   8.239   6.997   1.00 10.01 ? 52  ALA A C    1 
ATOM   466  O  O    . ALA A 1 53 ? 1.435   7.422   6.479   1.00 9.84  ? 52  ALA A O    1 
ATOM   467  C  CB   . ALA A 1 53 ? 4.632   7.707   7.341   1.00 8.63  ? 52  ALA A CB   1 
ATOM   468  H  H    . ALA A 1 53 ? 4.738   10.177  6.885   1.00 15.00 ? 52  ALA A H    1 
ATOM   469  N  N    . ALA A 1 54 ? 1.840   9.011   8.019   1.00 11.03 ? 53  ALA A N    1 
ATOM   470  C  CA   . ALA A 1 54 ? 0.507   8.942   8.606   1.00 10.75 ? 53  ALA A CA   1 
ATOM   471  C  C    . ALA A 1 54 ? -0.563  9.402   7.610   1.00 11.53 ? 53  ALA A C    1 
ATOM   472  O  O    . ALA A 1 54 ? -1.610  8.770   7.475   1.00 11.64 ? 53  ALA A O    1 
ATOM   473  C  CB   . ALA A 1 54 ? 0.448   9.789   9.874   1.00 12.35 ? 53  ALA A CB   1 
ATOM   474  H  H    . ALA A 1 54 ? 2.499   9.627   8.400   1.00 15.00 ? 53  ALA A H    1 
ATOM   475  N  N    . LYS A 1 55 ? -0.296  10.496  6.902   1.00 12.02 ? 54  LYS A N    1 
ATOM   476  C  CA   . LYS A 1 55 ? -1.250  11.019  5.929   1.00 10.72 ? 54  LYS A CA   1 
ATOM   477  C  C    . LYS A 1 55 ? -1.487  10.067  4.760   1.00 8.94  ? 54  LYS A C    1 
ATOM   478  O  O    . LYS A 1 55 ? -2.549  10.095  4.134   1.00 5.52  ? 54  LYS A O    1 
ATOM   479  C  CB   . LYS A 1 55 ? -0.787  12.377  5.397   1.00 14.97 ? 54  LYS A CB   1 
ATOM   480  C  CG   . LYS A 1 55 ? -0.978  13.533  6.363   1.00 20.59 ? 54  LYS A CG   1 
ATOM   481  C  CD   . LYS A 1 55 ? -0.578  14.847  5.701   1.00 24.89 ? 54  LYS A CD   1 
ATOM   482  C  CE   . LYS A 1 55 ? 0.938   15.007  5.600   1.00 27.07 ? 54  LYS A CE   1 
ATOM   483  N  NZ   . LYS A 1 55 ? 1.533   15.518  6.875   1.00 28.00 ? 54  LYS A NZ   1 
ATOM   484  H  H    . LYS A 1 55 ? 0.551   10.974  7.037   1.00 15.00 ? 54  LYS A H    1 
ATOM   485  H  HZ1  . LYS A 1 55 ? 1.324   14.857  7.650   1.00 15.00 ? 54  LYS A HZ1  1 
ATOM   486  H  HZ2  . LYS A 1 55 ? 2.563   15.617  6.770   1.00 15.00 ? 54  LYS A HZ2  1 
ATOM   487  H  HZ3  . LYS A 1 55 ? 1.116   16.446  7.094   1.00 15.00 ? 54  LYS A HZ3  1 
ATOM   488  N  N    . LEU A 1 56 ? -0.485  9.249   4.449   1.00 5.68  ? 55  LEU A N    1 
ATOM   489  C  CA   . LEU A 1 56 ? -0.580  8.287   3.353   1.00 5.49  ? 55  LEU A CA   1 
ATOM   490  C  C    . LEU A 1 56 ? -1.280  6.992   3.762   1.00 5.67  ? 55  LEU A C    1 
ATOM   491  O  O    . LEU A 1 56 ? -1.800  6.262   2.918   1.00 6.82  ? 55  LEU A O    1 
ATOM   492  C  CB   . LEU A 1 56 ? 0.821   7.958   2.823   1.00 6.00  ? 55  LEU A CB   1 
ATOM   493  C  CG   . LEU A 1 56 ? 1.598   9.075   2.122   1.00 7.46  ? 55  LEU A CG   1 
ATOM   494  C  CD1  . LEU A 1 56 ? 3.042   8.664   1.932   1.00 6.00  ? 55  LEU A CD1  1 
ATOM   495  C  CD2  . LEU A 1 56 ? 0.950   9.399   0.788   1.00 7.36  ? 55  LEU A CD2  1 
ATOM   496  H  H    . LEU A 1 56 ? 0.352   9.316   4.953   1.00 15.00 ? 55  LEU A H    1 
ATOM   497  N  N    . SER A 1 57 ? -1.295  6.709   5.058   1.00 5.85  ? 56  SER A N    1 
ATOM   498  C  CA   . SER A 1 57 ? -1.905  5.484   5.560   1.00 3.78  ? 56  SER A CA   1 
ATOM   499  C  C    . SER A 1 57 ? -3.422  5.503   5.494   1.00 5.57  ? 56  SER A C    1 
ATOM   500  O  O    . SER A 1 57 ? -4.054  6.567   5.468   1.00 3.49  ? 56  SER A O    1 
ATOM   501  C  CB   . SER A 1 57 ? -1.472  5.232   7.004   1.00 2.00  ? 56  SER A CB   1 
ATOM   502  O  OG   . SER A 1 57 ? -0.062  5.172   7.119   1.00 2.72  ? 56  SER A OG   1 
ATOM   503  H  H    . SER A 1 57 ? -0.911  7.339   5.695   1.00 15.00 ? 56  SER A H    1 
ATOM   504  H  HG   . SER A 1 57 ? 0.309   5.968   6.713   1.00 15.00 ? 56  SER A HG   1 
ATOM   505  N  N    . HIS A 1 58 ? -3.993  4.306   5.439   1.00 5.84  ? 57  HIS A N    1 
ATOM   506  C  CA   . HIS A 1 58 ? -5.435  4.104   5.413   1.00 6.01  ? 57  HIS A CA   1 
ATOM   507  C  C    . HIS A 1 58 ? -5.625  2.952   6.397   1.00 7.59  ? 57  HIS A C    1 
ATOM   508  O  O    . HIS A 1 58 ? -5.503  1.781   6.030   1.00 6.56  ? 57  HIS A O    1 
ATOM   509  C  CB   . HIS A 1 58 ? -5.905  3.711   4.006   1.00 8.13  ? 57  HIS A CB   1 
ATOM   510  C  CG   . HIS A 1 58 ? -5.732  4.793   2.982   1.00 8.42  ? 57  HIS A CG   1 
ATOM   511  N  ND1  . HIS A 1 58 ? -6.704  5.733   2.719   1.00 9.64  ? 57  HIS A ND1  1 
ATOM   512  C  CD2  . HIS A 1 58 ? -4.692  5.092   2.168   1.00 8.79  ? 57  HIS A CD2  1 
ATOM   513  C  CE1  . HIS A 1 58 ? -6.273  6.567   1.791   1.00 10.50 ? 57  HIS A CE1  1 
ATOM   514  N  NE2  . HIS A 1 58 ? -5.053  6.200   1.439   1.00 10.90 ? 57  HIS A NE2  1 
ATOM   515  H  H    . HIS A 1 58 ? -3.418  3.515   5.432   1.00 15.00 ? 57  HIS A H    1 
ATOM   516  H  HD1  . HIS A 1 58 ? -7.585  5.797   3.130   1.00 15.00 ? 57  HIS A HD1  1 
ATOM   517  H  HE2  . HIS A 1 58 ? -4.474  6.645   0.778   1.00 15.00 ? 57  HIS A HE2  1 
ATOM   518  N  N    . LYS A 1 59 ? -5.835  3.298   7.664   1.00 8.09  ? 58  LYS A N    1 
ATOM   519  C  CA   . LYS A 1 59 ? -5.993  2.314   8.732   1.00 10.03 ? 58  LYS A CA   1 
ATOM   520  C  C    . LYS A 1 59 ? -7.281  1.487   8.735   1.00 9.97  ? 58  LYS A C    1 
ATOM   521  O  O    . LYS A 1 59 ? -7.307  0.390   9.293   1.00 11.90 ? 58  LYS A O    1 
ATOM   522  C  CB   . LYS A 1 59 ? -5.782  2.974   10.096  1.00 12.79 ? 58  LYS A CB   1 
ATOM   523  C  CG   . LYS A 1 59 ? -4.328  3.330   10.404  1.00 17.24 ? 58  LYS A CG   1 
ATOM   524  C  CD   . LYS A 1 59 ? -4.185  3.827   11.841  1.00 22.92 ? 58  LYS A CD   1 
ATOM   525  C  CE   . LYS A 1 59 ? -2.739  4.165   12.216  1.00 26.76 ? 58  LYS A CE   1 
ATOM   526  N  NZ   . LYS A 1 59 ? -1.857  2.966   12.359  1.00 27.79 ? 58  LYS A NZ   1 
ATOM   527  H  H    . LYS A 1 59 ? -5.869  4.253   7.902   1.00 15.00 ? 58  LYS A H    1 
ATOM   528  H  HZ1  . LYS A 1 59 ? -2.234  2.344   13.103  1.00 15.00 ? 58  LYS A HZ1  1 
ATOM   529  H  HZ2  . LYS A 1 59 ? -1.824  2.447   11.458  1.00 15.00 ? 58  LYS A HZ2  1 
ATOM   530  H  HZ3  . LYS A 1 59 ? -0.899  3.274   12.618  1.00 15.00 ? 58  LYS A HZ3  1 
ATOM   531  N  N    . GLY A 1 60 ? -8.344  2.012   8.137   1.00 10.92 ? 61  GLY A N    1 
ATOM   532  C  CA   . GLY A 1 60 ? -9.603  1.280   8.083   1.00 11.00 ? 61  GLY A CA   1 
ATOM   533  C  C    . GLY A 1 60 ? -9.477  0.016   7.243   1.00 12.98 ? 61  GLY A C    1 
ATOM   534  O  O    . GLY A 1 60 ? -8.824  0.021   6.190   1.00 12.10 ? 61  GLY A O    1 
ATOM   535  H  H    . GLY A 1 60 ? -8.277  2.887   7.715   1.00 15.00 ? 61  GLY A H    1 
ATOM   536  N  N    . LEU A 1 61 ? -10.109 -1.062  7.698   1.00 11.19 ? 62  LEU A N    1 
ATOM   537  C  CA   . LEU A 1 61 ? -10.055 -2.342  7.000   1.00 9.92  ? 62  LEU A CA   1 
ATOM   538  C  C    . LEU A 1 61 ? -11.046 -2.454  5.845   1.00 9.22  ? 62  LEU A C    1 
ATOM   539  O  O    . LEU A 1 61 ? -12.198 -2.028  5.954   1.00 5.80  ? 62  LEU A O    1 
ATOM   540  C  CB   . LEU A 1 61 ? -10.280 -3.494  7.982   1.00 11.48 ? 62  LEU A CB   1 
ATOM   541  C  CG   . LEU A 1 61 ? -9.229  -3.694  9.079   1.00 15.36 ? 62  LEU A CG   1 
ATOM   542  C  CD1  . LEU A 1 61 ? -9.646  -4.846  9.972   1.00 17.35 ? 62  LEU A CD1  1 
ATOM   543  C  CD2  . LEU A 1 61 ? -7.853  -3.958  8.475   1.00 15.87 ? 62  LEU A CD2  1 
ATOM   544  H  H    . LEU A 1 61 ? -10.662 -0.983  8.503   1.00 15.00 ? 62  LEU A H    1 
ATOM   545  N  N    . LEU A 1 62 ? -10.580 -3.020  4.736   1.00 8.32  ? 63  LEU A N    1 
ATOM   546  C  CA   . LEU A 1 62 ? -11.412 -3.222  3.555   1.00 10.63 ? 63  LEU A CA   1 
ATOM   547  C  C    . LEU A 1 62 ? -11.811 -4.694  3.511   1.00 10.24 ? 63  LEU A C    1 
ATOM   548  O  O    . LEU A 1 62 ? -10.961 -5.583  3.662   1.00 9.75  ? 63  LEU A O    1 
ATOM   549  C  CB   . LEU A 1 62 ? -10.656 -2.841  2.275   1.00 11.61 ? 63  LEU A CB   1 
ATOM   550  C  CG   . LEU A 1 62 ? -10.356 -1.360  2.009   1.00 13.93 ? 63  LEU A CG   1 
ATOM   551  C  CD1  . LEU A 1 62 ? -9.706  -1.219  0.643   1.00 12.38 ? 63  LEU A CD1  1 
ATOM   552  C  CD2  . LEU A 1 62 ? -11.639 -0.530  2.061   1.00 16.62 ? 63  LEU A CD2  1 
ATOM   553  H  H    . LEU A 1 62 ? -9.640  -3.296  4.704   1.00 15.00 ? 63  LEU A H    1 
ATOM   554  N  N    . PHE A 1 63 ? -13.103 -4.947  3.318   1.00 10.74 ? 64  PHE A N    1 
ATOM   555  C  CA   . PHE A 1 63 ? -13.617 -6.313  3.278   1.00 11.29 ? 64  PHE A CA   1 
ATOM   556  C  C    . PHE A 1 63 ? -14.079 -6.806  1.904   1.00 11.57 ? 64  PHE A C    1 
ATOM   557  O  O    . PHE A 1 63 ? -13.678 -7.879  1.470   1.00 14.56 ? 64  PHE A O    1 
ATOM   558  C  CB   . PHE A 1 63 ? -14.746 -6.477  4.297   1.00 9.72  ? 64  PHE A CB   1 
ATOM   559  C  CG   . PHE A 1 63 ? -14.306 -6.317  5.729   1.00 10.94 ? 64  PHE A CG   1 
ATOM   560  C  CD1  . PHE A 1 63 ? -14.154 -5.049  6.291   1.00 10.20 ? 64  PHE A CD1  1 
ATOM   561  C  CD2  . PHE A 1 63 ? -14.063 -7.435  6.524   1.00 9.62  ? 64  PHE A CD2  1 
ATOM   562  C  CE1  . PHE A 1 63 ? -13.766 -4.895  7.629   1.00 10.65 ? 64  PHE A CE1  1 
ATOM   563  C  CE2  . PHE A 1 63 ? -13.675 -7.292  7.860   1.00 9.43  ? 64  PHE A CE2  1 
ATOM   564  C  CZ   . PHE A 1 63 ? -13.526 -6.021  8.413   1.00 8.80  ? 64  PHE A CZ   1 
ATOM   565  H  H    . PHE A 1 63 ? -13.716 -4.192  3.234   1.00 15.00 ? 64  PHE A H    1 
ATOM   566  N  N    . ALA A 1 64 ? -14.911 -6.029  1.221   1.00 10.82 ? 65  ALA A N    1 
ATOM   567  C  CA   . ALA A 1 64 ? -15.423 -6.431  -0.088  1.00 10.73 ? 65  ALA A CA   1 
ATOM   568  C  C    . ALA A 1 64 ? -14.392 -6.320  -1.207  1.00 10.67 ? 65  ALA A C    1 
ATOM   569  O  O    . ALA A 1 64 ? -13.548 -5.419  -1.202  1.00 9.46  ? 65  ALA A O    1 
ATOM   570  C  CB   . ALA A 1 64 ? -16.649 -5.620  -0.437  1.00 7.84  ? 65  ALA A CB   1 
ATOM   571  H  H    . ALA A 1 64 ? -15.188 -5.172  1.590   1.00 15.00 ? 65  ALA A H    1 
ATOM   572  N  N    . ALA A 1 65 ? -14.445 -7.261  -2.145  1.00 11.58 ? 66  ALA A N    1 
ATOM   573  C  CA   . ALA A 1 65 ? -13.540 -7.261  -3.293  1.00 11.20 ? 66  ALA A CA   1 
ATOM   574  C  C    . ALA A 1 65 ? -13.906 -6.071  -4.180  1.00 10.74 ? 66  ALA A C    1 
ATOM   575  O  O    . ALA A 1 65 ? -15.089 -5.813  -4.441  1.00 9.35  ? 66  ALA A O    1 
ATOM   576  C  CB   . ALA A 1 65 ? -13.672 -8.567  -4.069  1.00 9.33  ? 66  ALA A CB   1 
ATOM   577  H  H    . ALA A 1 65 ? -15.108 -7.975  -2.045  1.00 15.00 ? 66  ALA A H    1 
ATOM   578  N  N    . GLY A 1 66 ? -12.902 -5.329  -4.628  1.00 12.05 ? 67  GLY A N    1 
ATOM   579  C  CA   . GLY A 1 66 ? -13.179 -4.171  -5.459  1.00 14.12 ? 67  GLY A CA   1 
ATOM   580  C  C    . GLY A 1 66 ? -13.077 -2.852  -4.711  1.00 15.38 ? 67  GLY A C    1 
ATOM   581  O  O    . GLY A 1 66 ? -13.025 -1.793  -5.341  1.00 17.78 ? 67  GLY A O    1 
ATOM   582  H  H    . GLY A 1 66 ? -11.976 -5.561  -4.403  1.00 15.00 ? 67  GLY A H    1 
ATOM   583  N  N    . GLU A 1 67 ? -13.111 -2.890  -3.378  1.00 14.48 ? 68  GLU A N    1 
ATOM   584  C  CA   . GLU A 1 67 ? -12.979 -1.666  -2.585  1.00 12.85 ? 68  GLU A CA   1 
ATOM   585  C  C    . GLU A 1 67 ? -11.548 -1.169  -2.764  1.00 9.94  ? 68  GLU A C    1 
ATOM   586  O  O    . GLU A 1 67 ? -10.635 -1.971  -2.974  1.00 7.87  ? 68  GLU A O    1 
ATOM   587  C  CB   . GLU A 1 67 ? -13.236 -1.937  -1.098  1.00 14.35 ? 68  GLU A CB   1 
ATOM   588  C  CG   . GLU A 1 67 ? -14.681 -2.236  -0.752  1.00 19.70 ? 68  GLU A CG   1 
ATOM   589  C  CD   . GLU A 1 67 ? -14.909 -2.418  0.743   1.00 21.96 ? 68  GLU A CD   1 
ATOM   590  O  OE1  . GLU A 1 67 ? -14.112 -3.110  1.409   1.00 20.89 ? 68  GLU A OE1  1 
ATOM   591  O  OE2  . GLU A 1 67 ? -15.905 -1.873  1.253   1.00 25.35 ? 68  GLU A OE2  1 
ATOM   592  H  H    . GLU A 1 67 ? -13.215 -3.750  -2.922  1.00 15.00 ? 68  GLU A H    1 
ATOM   593  N  N    . SER A 1 68 ? -11.338 0.137   -2.653  1.00 8.80  ? 69  SER A N    1 
ATOM   594  C  CA   . SER A 1 68 ? -9.994  0.675   -2.828  1.00 9.52  ? 69  SER A CA   1 
ATOM   595  C  C    . SER A 1 68 ? -9.679  1.892   -1.965  1.00 6.95  ? 69  SER A C    1 
ATOM   596  O  O    . SER A 1 68 ? -10.556 2.462   -1.316  1.00 6.85  ? 69  SER A O    1 
ATOM   597  C  CB   . SER A 1 68 ? -9.754  1.018   -4.304  1.00 8.04  ? 69  SER A CB   1 
ATOM   598  O  OG   . SER A 1 68 ? -10.611 2.068   -4.731  1.00 9.45  ? 69  SER A OG   1 
ATOM   599  H  H    . SER A 1 68 ? -12.062 0.767   -2.460  1.00 15.00 ? 69  SER A H    1 
ATOM   600  H  HG   . SER A 1 68 ? -11.542 1.788   -4.659  1.00 15.00 ? 69  SER A HG   1 
ATOM   601  N  N    . PHE A 1 69 ? -8.400  2.242   -1.944  1.00 7.59  ? 70  PHE A N    1 
ATOM   602  C  CA   . PHE A 1 69 ? -7.878  3.388   -1.219  1.00 6.66  ? 70  PHE A CA   1 
ATOM   603  C  C    . PHE A 1 69 ? -6.876  4.011   -2.176  1.00 8.55  ? 70  PHE A C    1 
ATOM   604  O  O    . PHE A 1 69 ? -6.195  3.292   -2.916  1.00 6.87  ? 70  PHE A O    1 
ATOM   605  C  CB   . PHE A 1 69 ? -7.125  2.944   0.040   1.00 10.41 ? 70  PHE A CB   1 
ATOM   606  C  CG   . PHE A 1 69 ? -8.012  2.694   1.236   1.00 15.22 ? 70  PHE A CG   1 
ATOM   607  C  CD1  . PHE A 1 69 ? -9.026  3.590   1.572   1.00 15.64 ? 70  PHE A CD1  1 
ATOM   608  C  CD2  . PHE A 1 69 ? -7.808  1.579   2.047   1.00 16.11 ? 70  PHE A CD2  1 
ATOM   609  C  CE1  . PHE A 1 69 ? -9.823  3.381   2.701   1.00 19.20 ? 70  PHE A CE1  1 
ATOM   610  C  CE2  . PHE A 1 69 ? -8.597  1.361   3.176   1.00 17.49 ? 70  PHE A CE2  1 
ATOM   611  C  CZ   . PHE A 1 69 ? -9.608  2.264   3.504   1.00 18.25 ? 70  PHE A CZ   1 
ATOM   612  H  H    . PHE A 1 69 ? -7.754  1.710   -2.462  1.00 15.00 ? 70  PHE A H    1 
ATOM   613  N  N    . THR A 1 70 ? -6.780  5.337   -2.164  1.00 7.36  ? 71  THR A N    1 
ATOM   614  C  CA   . THR A 1 70 ? -5.841  6.043   -3.027  1.00 8.01  ? 71  THR A CA   1 
ATOM   615  C  C    . THR A 1 70 ? -5.020  7.024   -2.203  1.00 6.56  ? 71  THR A C    1 
ATOM   616  O  O    . THR A 1 70 ? -5.536  7.643   -1.271  1.00 5.70  ? 71  THR A O    1 
ATOM   617  C  CB   . THR A 1 70 ? -6.570  6.868   -4.130  1.00 9.27  ? 71  THR A CB   1 
ATOM   618  O  OG1  . THR A 1 70 ? -7.427  6.013   -4.895  1.00 10.07 ? 71  THR A OG1  1 
ATOM   619  C  CG2  . THR A 1 70 ? -5.557  7.529   -5.067  1.00 8.69  ? 71  THR A CG2  1 
ATOM   620  H  H    . THR A 1 70 ? -7.359  5.869   -1.577  1.00 15.00 ? 71  THR A H    1 
ATOM   621  H  HG1  . THR A 1 70 ? -7.535  6.382   -5.791  1.00 15.00 ? 71  THR A HG1  1 
ATOM   622  N  N    . SER A 1 71 ? -3.736  7.120   -2.532  1.00 6.66  ? 72  SER A N    1 
ATOM   623  C  CA   . SER A 1 71 ? -2.823  8.053   -1.888  1.00 7.47  ? 72  SER A CA   1 
ATOM   624  C  C    . SER A 1 71 ? -1.994  8.693   -2.995  1.00 8.28  ? 72  SER A C    1 
ATOM   625  O  O    . SER A 1 71 ? -1.597  8.013   -3.954  1.00 5.45  ? 72  SER A O    1 
ATOM   626  C  CB   . SER A 1 71 ? -1.905  7.340   -0.890  1.00 5.93  ? 72  SER A CB   1 
ATOM   627  O  OG   . SER A 1 71 ? -2.617  6.996   0.286   1.00 12.01 ? 72  SER A OG   1 
ATOM   628  H  H    . SER A 1 71 ? -3.368  6.539   -3.237  1.00 15.00 ? 72  SER A H    1 
ATOM   629  H  HG   . SER A 1 71 ? -2.694  7.810   0.803   1.00 15.00 ? 72  SER A HG   1 
ATOM   630  N  N    . THR A 1 72 ? -1.814  10.010  -2.898  1.00 7.32  ? 73  THR A N    1 
ATOM   631  C  CA   . THR A 1 72 ? -1.033  10.780  -3.858  1.00 4.70  ? 73  THR A CA   1 
ATOM   632  C  C    . THR A 1 72 ? 0.325   11.028  -3.206  1.00 5.25  ? 73  THR A C    1 
ATOM   633  O  O    . THR A 1 72 ? 0.389   11.488  -2.071  1.00 4.53  ? 73  THR A O    1 
ATOM   634  C  CB   . THR A 1 72 ? -1.701  12.146  -4.153  1.00 8.43  ? 73  THR A CB   1 
ATOM   635  O  OG1  . THR A 1 72 ? -3.030  11.940  -4.649  1.00 6.49  ? 73  THR A OG1  1 
ATOM   636  C  CG2  . THR A 1 72 ? -0.892  12.940  -5.180  1.00 5.18  ? 73  THR A CG2  1 
ATOM   637  H  H    . THR A 1 72 ? -2.196  10.506  -2.141  1.00 15.00 ? 73  THR A H    1 
ATOM   638  H  HG1  . THR A 1 72 ? -3.585  11.668  -3.901  1.00 15.00 ? 73  THR A HG1  1 
ATOM   639  N  N    . PHE A 1 73 ? 1.406   10.698  -3.908  1.00 7.80  ? 74  PHE A N    1 
ATOM   640  C  CA   . PHE A 1 73 ? 2.754   10.889  -3.374  1.00 10.21 ? 74  PHE A CA   1 
ATOM   641  C  C    . PHE A 1 73 ? 3.426   12.062  -4.082  1.00 13.09 ? 74  PHE A C    1 
ATOM   642  O  O    . PHE A 1 73 ? 3.923   11.907  -5.198  1.00 14.08 ? 74  PHE A O    1 
ATOM   643  C  CB   . PHE A 1 73 ? 3.595   9.618   -3.572  1.00 9.14  ? 74  PHE A CB   1 
ATOM   644  C  CG   . PHE A 1 73 ? 3.076   8.416   -2.831  1.00 7.83  ? 74  PHE A CG   1 
ATOM   645  C  CD1  . PHE A 1 73 ? 1.883   7.805   -3.214  1.00 7.50  ? 74  PHE A CD1  1 
ATOM   646  C  CD2  . PHE A 1 73 ? 3.779   7.895   -1.753  1.00 6.37  ? 74  PHE A CD2  1 
ATOM   647  C  CE1  . PHE A 1 73 ? 1.400   6.691   -2.530  1.00 9.64  ? 74  PHE A CE1  1 
ATOM   648  C  CE2  . PHE A 1 73 ? 3.306   6.779   -1.059  1.00 6.39  ? 74  PHE A CE2  1 
ATOM   649  C  CZ   . PHE A 1 73 ? 2.114   6.177   -1.450  1.00 6.54  ? 74  PHE A CZ   1 
ATOM   650  H  H    . PHE A 1 73 ? 1.316   10.325  -4.814  1.00 15.00 ? 74  PHE A H    1 
ATOM   651  N  N    . THR A 1 74 ? 3.455   13.225  -3.439  1.00 13.23 ? 75  THR A N    1 
ATOM   652  C  CA   . THR A 1 74 ? 4.061   14.408  -4.049  1.00 14.05 ? 75  THR A CA   1 
ATOM   653  C  C    . THR A 1 74 ? 5.529   14.602  -3.710  1.00 13.86 ? 75  THR A C    1 
ATOM   654  O  O    . THR A 1 74 ? 6.216   15.393  -4.360  1.00 16.03 ? 75  THR A O    1 
ATOM   655  C  CB   . THR A 1 74 ? 3.305   15.701  -3.666  1.00 15.70 ? 75  THR A CB   1 
ATOM   656  O  OG1  . THR A 1 74 ? 3.398   15.913  -2.253  1.00 15.92 ? 75  THR A OG1  1 
ATOM   657  C  CG2  . THR A 1 74 ? 1.839   15.602  -4.063  1.00 14.60 ? 75  THR A CG2  1 
ATOM   658  H  H    . THR A 1 74 ? 3.097   13.303  -2.528  1.00 15.00 ? 75  THR A H    1 
ATOM   659  H  HG1  . THR A 1 74 ? 2.921   16.724  -2.024  1.00 15.00 ? 75  THR A HG1  1 
ATOM   660  N  N    . GLU A 1 75 ? 6.014   13.878  -2.708  1.00 13.52 ? 76  GLU A N    1 
ATOM   661  C  CA   . GLU A 1 75 ? 7.399   14.009  -2.280  1.00 13.44 ? 76  GLU A CA   1 
ATOM   662  C  C    . GLU A 1 75 ? 8.190   12.745  -2.591  1.00 13.75 ? 76  GLU A C    1 
ATOM   663  O  O    . GLU A 1 75 ? 7.751   11.641  -2.268  1.00 15.09 ? 76  GLU A O    1 
ATOM   664  C  CB   . GLU A 1 75 ? 7.440   14.296  -0.775  1.00 14.27 ? 76  GLU A CB   1 
ATOM   665  C  CG   . GLU A 1 75 ? 8.787   14.762  -0.241  1.00 19.34 ? 76  GLU A CG   1 
ATOM   666  C  CD   . GLU A 1 75 ? 9.133   16.192  -0.636  1.00 19.72 ? 76  GLU A CD   1 
ATOM   667  O  OE1  . GLU A 1 75 ? 8.213   17.027  -0.738  1.00 22.03 ? 76  GLU A OE1  1 
ATOM   668  O  OE2  . GLU A 1 75 ? 10.333  16.484  -0.833  1.00 22.07 ? 76  GLU A OE2  1 
ATOM   669  H  H    . GLU A 1 75 ? 5.431   13.241  -2.238  1.00 15.00 ? 76  GLU A H    1 
ATOM   670  N  N    . PRO A 1 76 ? 9.356   12.888  -3.248  1.00 13.74 ? 77  PRO A N    1 
ATOM   671  C  CA   . PRO A 1 76 ? 10.237  11.773  -3.620  1.00 11.91 ? 77  PRO A CA   1 
ATOM   672  C  C    . PRO A 1 76 ? 10.745  10.991  -2.407  1.00 12.84 ? 77  PRO A C    1 
ATOM   673  O  O    . PRO A 1 76 ? 10.994  11.572  -1.353  1.00 14.22 ? 77  PRO A O    1 
ATOM   674  C  CB   . PRO A 1 76 ? 11.397  12.480  -4.321  1.00 11.38 ? 77  PRO A CB   1 
ATOM   675  C  CG   . PRO A 1 76 ? 10.735  13.675  -4.937  1.00 13.83 ? 77  PRO A CG   1 
ATOM   676  C  CD   . PRO A 1 76 ? 9.859   14.154  -3.811  1.00 11.71 ? 77  PRO A CD   1 
ATOM   677  N  N    . GLY A 1 77 ? 10.899  9.680   -2.559  1.00 11.27 ? 78  GLY A N    1 
ATOM   678  C  CA   . GLY A 1 77 ? 11.391  8.871   -1.461  1.00 10.68 ? 78  GLY A CA   1 
ATOM   679  C  C    . GLY A 1 77 ? 11.005  7.410   -1.577  1.00 10.96 ? 78  GLY A C    1 
ATOM   680  O  O    . GLY A 1 77 ? 10.397  6.995   -2.566  1.00 9.07  ? 78  GLY A O    1 
ATOM   681  H  H    . GLY A 1 77 ? 10.667  9.243   -3.406  1.00 15.00 ? 78  GLY A H    1 
ATOM   682  N  N    . THR A 1 78 ? 11.404  6.626   -0.582  1.00 10.43 ? 79  THR A N    1 
ATOM   683  C  CA   . THR A 1 78 ? 11.100  5.199   -0.523  1.00 10.93 ? 79  THR A CA   1 
ATOM   684  C  C    . THR A 1 78 ? 10.165  5.002   0.665   1.00 8.15  ? 79  THR A C    1 
ATOM   685  O  O    . THR A 1 78 ? 10.558  5.219   1.809   1.00 7.23  ? 79  THR A O    1 
ATOM   686  C  CB   . THR A 1 78 ? 12.380  4.374   -0.307  1.00 12.23 ? 79  THR A CB   1 
ATOM   687  O  OG1  . THR A 1 78 ? 13.273  4.595   -1.404  1.00 16.01 ? 79  THR A OG1  1 
ATOM   688  C  CG2  . THR A 1 78 ? 12.056  2.889   -0.200  1.00 13.11 ? 79  THR A CG2  1 
ATOM   689  H  H    . THR A 1 78 ? 11.933  7.017   0.144   1.00 15.00 ? 79  THR A H    1 
ATOM   690  H  HG1  . THR A 1 78 ? 12.851  4.321   -2.226  1.00 15.00 ? 79  THR A HG1  1 
ATOM   691  N  N    . TYR A 1 79 ? 8.926   4.624   0.381   1.00 5.88  ? 80  TYR A N    1 
ATOM   692  C  CA   . TYR A 1 79 ? 7.909   4.433   1.404   1.00 6.49  ? 80  TYR A CA   1 
ATOM   693  C  C    . TYR A 1 79 ? 7.529   2.967   1.581   1.00 6.54  ? 80  TYR A C    1 
ATOM   694  O  O    . TYR A 1 79 ? 6.872   2.381   0.719   1.00 7.02  ? 80  TYR A O    1 
ATOM   695  C  CB   . TYR A 1 79 ? 6.645   5.216   1.035   1.00 7.77  ? 80  TYR A CB   1 
ATOM   696  C  CG   . TYR A 1 79 ? 6.840   6.698   0.796   1.00 9.96  ? 80  TYR A CG   1 
ATOM   697  C  CD1  . TYR A 1 79 ? 7.496   7.167   -0.344  1.00 8.23  ? 80  TYR A CD1  1 
ATOM   698  C  CD2  . TYR A 1 79 ? 6.338   7.633   1.697   1.00 11.20 ? 80  TYR A CD2  1 
ATOM   699  C  CE1  . TYR A 1 79 ? 7.645   8.532   -0.578  1.00 12.97 ? 80  TYR A CE1  1 
ATOM   700  C  CE2  . TYR A 1 79 ? 6.478   8.999   1.472   1.00 13.77 ? 80  TYR A CE2  1 
ATOM   701  C  CZ   . TYR A 1 79 ? 7.131   9.445   0.335   1.00 12.97 ? 80  TYR A CZ   1 
ATOM   702  O  OH   . TYR A 1 79 ? 7.244   10.798  0.110   1.00 12.65 ? 80  TYR A OH   1 
ATOM   703  H  H    . TYR A 1 79 ? 8.671   4.473   -0.550  1.00 15.00 ? 80  TYR A H    1 
ATOM   704  H  HH   . TYR A 1 79 ? 7.928   10.927  -0.559  1.00 15.00 ? 80  TYR A HH   1 
ATOM   705  N  N    . THR A 1 80 ? 7.942   2.377   2.693   1.00 4.44  ? 81  THR A N    1 
ATOM   706  C  CA   . THR A 1 80 ? 7.612   0.990   2.977   1.00 4.54  ? 81  THR A CA   1 
ATOM   707  C  C    . THR A 1 80 ? 6.348   0.983   3.834   1.00 5.49  ? 81  THR A C    1 
ATOM   708  O  O    . THR A 1 80 ? 6.141   1.883   4.658   1.00 3.91  ? 81  THR A O    1 
ATOM   709  C  CB   . THR A 1 80 ? 8.784   0.266   3.679   1.00 4.23  ? 81  THR A CB   1 
ATOM   710  O  OG1  . THR A 1 80 ? 9.220   1.026   4.809   1.00 7.30  ? 81  THR A OG1  1 
ATOM   711  C  CG2  . THR A 1 80 ? 9.954   0.129   2.732   1.00 4.44  ? 81  THR A CG2  1 
ATOM   712  H  H    . THR A 1 80 ? 8.412   2.916   3.365   1.00 15.00 ? 81  THR A H    1 
ATOM   713  H  HG1  . THR A 1 80 ? 9.414   1.946   4.580   1.00 15.00 ? 81  THR A HG1  1 
ATOM   714  N  N    . TYR A 1 81 ? 5.493   -0.013  3.619   1.00 4.41  ? 82  TYR A N    1 
ATOM   715  C  CA   . TYR A 1 81 ? 4.238   -0.111  4.347   1.00 3.37  ? 82  TYR A CA   1 
ATOM   716  C  C    . TYR A 1 81 ? 3.858   -1.565  4.599   1.00 4.31  ? 82  TYR A C    1 
ATOM   717  O  O    . TYR A 1 81 ? 4.543   -2.481  4.139   1.00 4.00  ? 82  TYR A O    1 
ATOM   718  C  CB   . TYR A 1 81 ? 3.120   0.594   3.566   1.00 4.98  ? 82  TYR A CB   1 
ATOM   719  C  CG   . TYR A 1 81 ? 2.799   -0.022  2.217   1.00 5.59  ? 82  TYR A CG   1 
ATOM   720  C  CD1  . TYR A 1 81 ? 3.542   0.304   1.086   1.00 5.59  ? 82  TYR A CD1  1 
ATOM   721  C  CD2  . TYR A 1 81 ? 1.745   -0.920  2.072   1.00 7.40  ? 82  TYR A CD2  1 
ATOM   722  C  CE1  . TYR A 1 81 ? 3.245   -0.249  -0.153  1.00 3.96  ? 82  TYR A CE1  1 
ATOM   723  C  CE2  . TYR A 1 81 ? 1.440   -1.478  0.838   1.00 5.45  ? 82  TYR A CE2  1 
ATOM   724  C  CZ   . TYR A 1 81 ? 2.195   -1.137  -0.270  1.00 6.73  ? 82  TYR A CZ   1 
ATOM   725  O  OH   . TYR A 1 81 ? 1.894   -1.684  -1.494  1.00 5.41  ? 82  TYR A OH   1 
ATOM   726  H  H    . TYR A 1 81 ? 5.723   -0.720  2.979   1.00 15.00 ? 82  TYR A H    1 
ATOM   727  H  HH   . TYR A 1 81 ? 2.498   -1.341  -2.170  1.00 15.00 ? 82  TYR A HH   1 
ATOM   728  N  N    . TYR A 1 82 ? 2.760   -1.780  5.311   1.00 3.05  ? 83  TYR A N    1 
ATOM   729  C  CA   . TYR A 1 82 ? 2.316   -3.134  5.609   1.00 5.58  ? 83  TYR A CA   1 
ATOM   730  C  C    . TYR A 1 82 ? 0.835   -3.199  5.909   1.00 5.12  ? 83  TYR A C    1 
ATOM   731  O  O    . TYR A 1 82 ? 0.177   -2.174  6.119   1.00 3.63  ? 83  TYR A O    1 
ATOM   732  C  CB   . TYR A 1 82 ? 3.097   -3.706  6.806   1.00 5.83  ? 83  TYR A CB   1 
ATOM   733  C  CG   . TYR A 1 82 ? 2.944   -2.905  8.087   1.00 11.69 ? 83  TYR A CG   1 
ATOM   734  C  CD1  . TYR A 1 82 ? 1.861   -3.114  8.944   1.00 12.89 ? 83  TYR A CD1  1 
ATOM   735  C  CD2  . TYR A 1 82 ? 3.868   -1.923  8.430   1.00 9.89  ? 83  TYR A CD2  1 
ATOM   736  C  CE1  . TYR A 1 82 ? 1.699   -2.362  10.106  1.00 12.26 ? 83  TYR A CE1  1 
ATOM   737  C  CE2  . TYR A 1 82 ? 3.717   -1.167  9.590   1.00 14.04 ? 83  TYR A CE2  1 
ATOM   738  C  CZ   . TYR A 1 82 ? 2.631   -1.391  10.423  1.00 13.56 ? 83  TYR A CZ   1 
ATOM   739  O  OH   . TYR A 1 82 ? 2.473   -0.638  11.564  1.00 14.56 ? 83  TYR A OH   1 
ATOM   740  H  H    . TYR A 1 82 ? 2.234   -1.031  5.666   1.00 15.00 ? 83  TYR A H    1 
ATOM   741  H  HH   . TYR A 1 82 ? 1.683   -0.915  12.032  1.00 15.00 ? 83  TYR A HH   1 
ATOM   742  N  N    . CYS A 1 83 ? 0.322   -4.423  5.904   1.00 4.80  ? 84  CYS A N    1 
ATOM   743  C  CA   . CYS A 1 83 ? -1.064  -4.695  6.221   1.00 5.50  ? 84  CYS A CA   1 
ATOM   744  C  C    . CYS A 1 83 ? -1.057  -5.164  7.684   1.00 7.59  ? 84  CYS A C    1 
ATOM   745  O  O    . CYS A 1 83 ? -0.581  -6.265  7.980   1.00 4.91  ? 84  CYS A O    1 
ATOM   746  C  CB   . CYS A 1 83 ? -1.581  -5.806  5.318   1.00 3.83  ? 84  CYS A CB   1 
ATOM   747  S  SG   . CYS A 1 83 ? -3.226  -6.163  5.857   1.00 7.32  ? 84  CYS A SG   1 
ATOM   748  H  H    . CYS A 1 83 ? 0.904   -5.185  5.690   1.00 15.00 ? 84  CYS A H    1 
ATOM   749  N  N    . GLU A 1 84 ? -1.590  -4.344  8.586   1.00 7.56  ? 85  GLU A N    1 
ATOM   750  C  CA   . GLU A 1 84 ? -1.602  -4.668  10.016  1.00 9.80  ? 85  GLU A CA   1 
ATOM   751  C  C    . GLU A 1 84 ? -2.035  -6.082  10.397  1.00 8.25  ? 85  GLU A C    1 
ATOM   752  O  O    . GLU A 1 84 ? -1.260  -6.825  10.998  1.00 9.33  ? 85  GLU A O    1 
ATOM   753  C  CB   . GLU A 1 84 ? -2.432  -3.648  10.814  1.00 14.95 ? 85  GLU A CB   1 
ATOM   754  C  CG   . GLU A 1 84 ? -1.777  -2.281  10.966  1.00 22.07 ? 85  GLU A CG   1 
ATOM   755  C  CD   . GLU A 1 84 ? -2.551  -1.344  11.887  1.00 23.22 ? 85  GLU A CD   1 
ATOM   756  O  OE1  . GLU A 1 84 ? -3.803  -1.377  11.884  1.00 25.25 ? 85  GLU A OE1  1 
ATOM   757  O  OE2  . GLU A 1 84 ? -1.898  -0.565  12.613  1.00 26.48 ? 85  GLU A OE2  1 
ATOM   758  H  H    . GLU A 1 84 ? -1.998  -3.519  8.244   1.00 15.00 ? 85  GLU A H    1 
ATOM   759  N  N    . PRO A 1 85 ? -3.257  -6.494  10.023  1.00 6.85  ? 86  PRO A N    1 
ATOM   760  C  CA   . PRO A 1 85 ? -3.676  -7.850  10.396  1.00 8.52  ? 86  PRO A CA   1 
ATOM   761  C  C    . PRO A 1 85 ? -2.870  -8.980  9.775   1.00 8.51  ? 86  PRO A C    1 
ATOM   762  O  O    . PRO A 1 85 ? -2.930  -10.113 10.248  1.00 12.03 ? 86  PRO A O    1 
ATOM   763  C  CB   . PRO A 1 85 ? -5.140  -7.893  9.958   1.00 8.42  ? 86  PRO A CB   1 
ATOM   764  C  CG   . PRO A 1 85 ? -5.169  -6.968  8.789   1.00 10.54 ? 86  PRO A CG   1 
ATOM   765  C  CD   . PRO A 1 85 ? -4.314  -5.813  9.253   1.00 7.99  ? 86  PRO A CD   1 
ATOM   766  N  N    . HIS A 1 86 ? -2.082  -8.676  8.749   1.00 9.62  ? 87  HIS A N    1 
ATOM   767  C  CA   . HIS A 1 86 ? -1.301  -9.705  8.085   1.00 7.84  ? 87  HIS A CA   1 
ATOM   768  C  C    . HIS A 1 86 ? 0.200   -9.473  8.110   1.00 7.25  ? 87  HIS A C    1 
ATOM   769  O  O    . HIS A 1 86 ? 0.936   -10.043 7.301   1.00 8.60  ? 87  HIS A O    1 
ATOM   770  C  CB   . HIS A 1 86 ? -1.804  -9.876  6.655   1.00 5.60  ? 87  HIS A CB   1 
ATOM   771  C  CG   . HIS A 1 86 ? -3.237  -10.299 6.580   1.00 6.33  ? 87  HIS A CG   1 
ATOM   772  N  ND1  . HIS A 1 86 ? -4.148  -9.701  5.741   1.00 7.73  ? 87  HIS A ND1  1 
ATOM   773  C  CD2  . HIS A 1 86 ? -3.918  -11.254 7.255   1.00 7.23  ? 87  HIS A CD2  1 
ATOM   774  C  CE1  . HIS A 1 86 ? -5.330  -10.269 5.900   1.00 7.36  ? 87  HIS A CE1  1 
ATOM   775  N  NE2  . HIS A 1 86 ? -5.217  -11.215 6.814   1.00 4.40  ? 87  HIS A NE2  1 
ATOM   776  H  H    . HIS A 1 86 ? -1.970  -7.746  8.458   1.00 15.00 ? 87  HIS A H    1 
ATOM   777  H  HE2  . HIS A 1 86 ? -5.947  -11.807 7.109   1.00 15.00 ? 87  HIS A HE2  1 
ATOM   778  N  N    . ARG A 1 87 ? 0.661   -8.674  9.066   1.00 7.92  ? 88  ARG A N    1 
ATOM   779  C  CA   . ARG A 1 87 ? 2.080   -8.375  9.181   1.00 9.95  ? 88  ARG A CA   1 
ATOM   780  C  C    . ARG A 1 87 ? 2.888   -9.652  9.412   1.00 10.12 ? 88  ARG A C    1 
ATOM   781  O  O    . ARG A 1 87 ? 3.927   -9.858  8.782   1.00 10.68 ? 88  ARG A O    1 
ATOM   782  C  CB   . ARG A 1 87 ? 2.331   -7.369  10.308  1.00 11.90 ? 88  ARG A CB   1 
ATOM   783  C  CG   . ARG A 1 87 ? 3.739   -6.807  10.304  1.00 13.75 ? 88  ARG A CG   1 
ATOM   784  C  CD   . ARG A 1 87 ? 3.941   -5.780  11.396  1.00 19.09 ? 88  ARG A CD   1 
ATOM   785  N  NE   . ARG A 1 87 ? 5.180   -5.031  11.200  1.00 19.67 ? 88  ARG A NE   1 
ATOM   786  C  CZ   . ARG A 1 87 ? 5.463   -3.879  11.800  1.00 23.65 ? 88  ARG A CZ   1 
ATOM   787  N  NH1  . ARG A 1 87 ? 4.595   -3.330  12.642  1.00 24.94 ? 88  ARG A NH1  1 
ATOM   788  N  NH2  . ARG A 1 87 ? 6.621   -3.279  11.564  1.00 24.83 ? 88  ARG A NH2  1 
ATOM   789  H  H    . ARG A 1 87 ? 0.034   -8.253  9.689   1.00 15.00 ? 88  ARG A H    1 
ATOM   790  H  HE   . ARG A 1 87 ? 5.848   -5.399  10.584  1.00 15.00 ? 88  ARG A HE   1 
ATOM   791  H  HH11 . ARG A 1 87 ? 3.721   -3.776  12.835  1.00 15.00 ? 88  ARG A HH11 1 
ATOM   792  H  HH12 . ARG A 1 87 ? 4.820   -2.463  13.087  1.00 15.00 ? 88  ARG A HH12 1 
ATOM   793  H  HH21 . ARG A 1 87 ? 7.278   -3.695  10.934  1.00 15.00 ? 88  ARG A HH21 1 
ATOM   794  H  HH22 . ARG A 1 87 ? 6.836   -2.412  12.013  1.00 15.00 ? 88  ARG A HH22 1 
ATOM   795  N  N    . GLY A 1 88 ? 2.380   -10.526 10.277  1.00 12.20 ? 89  GLY A N    1 
ATOM   796  C  CA   . GLY A 1 88 ? 3.062   -11.777 10.566  1.00 10.24 ? 89  GLY A CA   1 
ATOM   797  C  C    . GLY A 1 88 ? 3.234   -12.643 9.331   1.00 8.97  ? 89  GLY A C    1 
ATOM   798  O  O    . GLY A 1 88 ? 4.246   -13.318 9.172   1.00 6.58  ? 89  GLY A O    1 
ATOM   799  H  H    . GLY A 1 88 ? 1.528   -10.334 10.718  1.00 15.00 ? 89  GLY A H    1 
ATOM   800  N  N    . ALA A 1 89 ? 2.243   -12.623 8.448   1.00 8.37  ? 90  ALA A N    1 
ATOM   801  C  CA   . ALA A 1 89 ? 2.301   -13.402 7.218   1.00 7.23  ? 90  ALA A CA   1 
ATOM   802  C  C    . ALA A 1 89 ? 3.248   -12.748 6.210   1.00 9.13  ? 90  ALA A C    1 
ATOM   803  O  O    . ALA A 1 89 ? 3.470   -13.276 5.119   1.00 6.77  ? 90  ALA A O    1 
ATOM   804  C  CB   . ALA A 1 89 ? 0.906   -13.553 6.622   1.00 7.15  ? 90  ALA A CB   1 
ATOM   805  H  H    . ALA A 1 89 ? 1.449   -12.076 8.636   1.00 15.00 ? 90  ALA A H    1 
ATOM   806  N  N    . GLY A 1 90 ? 3.781   -11.582 6.566   1.00 9.18  ? 91  GLY A N    1 
ATOM   807  C  CA   . GLY A 1 90 ? 4.706   -10.891 5.686   1.00 7.44  ? 91  GLY A CA   1 
ATOM   808  C  C    . GLY A 1 90 ? 4.072   -10.069 4.581   1.00 4.86  ? 91  GLY A C    1 
ATOM   809  O  O    . GLY A 1 90 ? 4.682   -9.878  3.532   1.00 4.94  ? 91  GLY A O    1 
ATOM   810  H  H    . GLY A 1 90 ? 3.561   -11.171 7.423   1.00 15.00 ? 91  GLY A H    1 
ATOM   811  N  N    . MET A 1 91 ? 2.853   -9.588  4.801   1.00 5.98  ? 92  MET A N    1 
ATOM   812  C  CA   . MET A 1 91 ? 2.182   -8.773  3.797   1.00 3.49  ? 92  MET A CA   1 
ATOM   813  C  C    . MET A 1 91 ? 2.705   -7.340  3.912   1.00 6.65  ? 92  MET A C    1 
ATOM   814  O  O    . MET A 1 91 ? 2.153   -6.513  4.648   1.00 5.05  ? 92  MET A O    1 
ATOM   815  C  CB   . MET A 1 91 ? 0.665   -8.816  3.984   1.00 3.61  ? 92  MET A CB   1 
ATOM   816  C  CG   . MET A 1 91 ? -0.115  -8.237  2.804   1.00 3.82  ? 92  MET A CG   1 
ATOM   817  S  SD   . MET A 1 91 ? -1.907  -8.533  2.915   1.00 6.33  ? 92  MET A SD   1 
ATOM   818  C  CE   . MET A 1 91 ? -2.408  -7.707  1.414   1.00 4.74  ? 92  MET A CE   1 
ATOM   819  H  H    . MET A 1 91 ? 2.394   -9.772  5.648   1.00 15.00 ? 92  MET A H    1 
ATOM   820  N  N    . VAL A 1 92 ? 3.815   -7.081  3.229   1.00 4.99  ? 93  VAL A N    1 
ATOM   821  C  CA   . VAL A 1 92 ? 4.451   -5.776  3.233   1.00 5.76  ? 93  VAL A CA   1 
ATOM   822  C  C    . VAL A 1 92 ? 4.655   -5.290  1.796   1.00 6.51  ? 93  VAL A C    1 
ATOM   823  O  O    . VAL A 1 92 ? 4.647   -6.084  0.850   1.00 4.56  ? 93  VAL A O    1 
ATOM   824  C  CB   . VAL A 1 92 ? 5.808   -5.825  3.958   1.00 6.69  ? 93  VAL A CB   1 
ATOM   825  C  CG1  . VAL A 1 92 ? 5.600   -6.183  5.430   1.00 7.96  ? 93  VAL A CG1  1 
ATOM   826  C  CG2  . VAL A 1 92 ? 6.728   -6.835  3.289   1.00 6.66  ? 93  VAL A CG2  1 
ATOM   827  H  H    . VAL A 1 92 ? 4.211   -7.797  2.683   1.00 15.00 ? 93  VAL A H    1 
ATOM   828  N  N    . GLY A 1 93 ? 4.840   -3.984  1.640   1.00 4.41  ? 94  GLY A N    1 
ATOM   829  C  CA   . GLY A 1 93 ? 5.031   -3.412  0.323   1.00 3.75  ? 94  GLY A CA   1 
ATOM   830  C  C    . GLY A 1 93 ? 5.990   -2.242  0.348   1.00 4.75  ? 94  GLY A C    1 
ATOM   831  O  O    . GLY A 1 93 ? 6.481   -1.843  1.414   1.00 3.41  ? 94  GLY A O    1 
ATOM   832  H  H    . GLY A 1 93 ? 4.891   -3.395  2.420   1.00 15.00 ? 94  GLY A H    1 
ATOM   833  N  N    . LYS A 1 94 ? 6.184   -1.638  -0.819  1.00 5.18  ? 95  LYS A N    1 
ATOM   834  C  CA   . LYS A 1 94 ? 7.094   -0.515  -0.969  1.00 4.27  ? 95  LYS A CA   1 
ATOM   835  C  C    . LYS A 1 94 ? 6.711   0.316   -2.185  1.00 3.35  ? 95  LYS A C    1 
ATOM   836  O  O    . LYS A 1 94 ? 6.311   -0.226  -3.216  1.00 2.35  ? 95  LYS A O    1 
ATOM   837  C  CB   . LYS A 1 94 ? 8.507   -1.080  -1.117  1.00 5.47  ? 95  LYS A CB   1 
ATOM   838  C  CG   . LYS A 1 94 ? 9.628   -0.132  -1.483  1.00 6.43  ? 95  LYS A CG   1 
ATOM   839  C  CD   . LYS A 1 94 ? 10.924  -0.932  -1.404  1.00 8.12  ? 95  LYS A CD   1 
ATOM   840  C  CE   . LYS A 1 94 ? 12.119  -0.216  -1.972  1.00 9.99  ? 95  LYS A CE   1 
ATOM   841  N  NZ   . LYS A 1 94 ? 13.348  -1.018  -1.714  1.00 12.58 ? 95  LYS A NZ   1 
ATOM   842  H  H    . LYS A 1 94 ? 5.726   -1.974  -1.619  1.00 15.00 ? 95  LYS A H    1 
ATOM   843  H  HZ1  . LYS A 1 94 ? 13.240  -1.962  -2.132  1.00 15.00 ? 95  LYS A HZ1  1 
ATOM   844  H  HZ2  . LYS A 1 94 ? 14.173  -0.544  -2.133  1.00 15.00 ? 95  LYS A HZ2  1 
ATOM   845  H  HZ3  . LYS A 1 94 ? 13.488  -1.112  -0.687  1.00 15.00 ? 95  LYS A HZ3  1 
ATOM   846  N  N    . VAL A 1 95 ? 6.754   1.636   -2.028  1.00 5.64  ? 96  VAL A N    1 
ATOM   847  C  CA   . VAL A 1 95 ? 6.462   2.571   -3.113  1.00 4.99  ? 96  VAL A CA   1 
ATOM   848  C  C    . VAL A 1 95 ? 7.686   3.469   -3.255  1.00 6.72  ? 96  VAL A C    1 
ATOM   849  O  O    . VAL A 1 95 ? 8.140   4.065   -2.276  1.00 6.34  ? 96  VAL A O    1 
ATOM   850  C  CB   . VAL A 1 95 ? 5.228   3.466   -2.817  1.00 4.13  ? 96  VAL A CB   1 
ATOM   851  C  CG1  . VAL A 1 95 ? 4.968   4.414   -3.992  1.00 2.00  ? 96  VAL A CG1  1 
ATOM   852  C  CG2  . VAL A 1 95 ? 3.995   2.614   -2.559  1.00 3.27  ? 96  VAL A CG2  1 
ATOM   853  H  H    . VAL A 1 95 ? 6.992   2.010   -1.156  1.00 15.00 ? 96  VAL A H    1 
ATOM   854  N  N    . VAL A 1 96 ? 8.274   3.496   -4.446  1.00 5.53  ? 97  VAL A N    1 
ATOM   855  C  CA   . VAL A 1 96 ? 9.440   4.341   -4.693  1.00 5.95  ? 97  VAL A CA   1 
ATOM   856  C  C    . VAL A 1 96 ? 8.936   5.500   -5.540  1.00 6.66  ? 97  VAL A C    1 
ATOM   857  O  O    . VAL A 1 96 ? 8.375   5.289   -6.616  1.00 7.90  ? 97  VAL A O    1 
ATOM   858  C  CB   . VAL A 1 96 ? 10.571  3.583   -5.447  1.00 5.68  ? 97  VAL A CB   1 
ATOM   859  C  CG1  . VAL A 1 96 ? 11.720  4.537   -5.787  1.00 3.91  ? 97  VAL A CG1  1 
ATOM   860  C  CG2  . VAL A 1 96 ? 11.097  2.427   -4.598  1.00 2.63  ? 97  VAL A CG2  1 
ATOM   861  H  H    . VAL A 1 96 ? 7.906   2.968   -5.179  1.00 15.00 ? 97  VAL A H    1 
ATOM   862  N  N    . VAL A 1 97 ? 9.070   6.715   -5.019  1.00 7.12  ? 98  VAL A N    1 
ATOM   863  C  CA   . VAL A 1 97 ? 8.620   7.912   -5.729  1.00 5.94  ? 98  VAL A CA   1 
ATOM   864  C  C    . VAL A 1 97 ? 9.859   8.675   -6.184  1.00 6.15  ? 98  VAL A C    1 
ATOM   865  O  O    . VAL A 1 97 ? 10.731  8.986   -5.371  1.00 4.66  ? 98  VAL A O    1 
ATOM   866  C  CB   . VAL A 1 97 ? 7.747   8.796   -4.811  1.00 5.01  ? 98  VAL A CB   1 
ATOM   867  C  CG1  . VAL A 1 97 ? 7.129   9.932   -5.598  1.00 3.32  ? 98  VAL A CG1  1 
ATOM   868  C  CG2  . VAL A 1 97 ? 6.652   7.952   -4.156  1.00 2.00  ? 98  VAL A CG2  1 
ATOM   869  H  H    . VAL A 1 97 ? 9.488   6.813   -4.148  1.00 15.00 ? 98  VAL A H    1 
ATOM   870  N  N    . GLU A 1 98 ? 9.958   8.930   -7.485  1.00 9.18  ? 99  GLU A N    1 
ATOM   871  C  CA   . GLU A 1 98 ? 11.114  9.634   -8.040  1.00 14.59 ? 99  GLU A CA   1 
ATOM   872  C  C    . GLU A 1 98 ? 10.774  10.952  -8.733  1.00 14.37 ? 99  GLU A C    1 
ATOM   873  O  O    . GLU A 1 98 ? 9.589   11.194  -9.028  1.00 13.96 ? 99  GLU A O    1 
ATOM   874  C  CB   . GLU A 1 98 ? 11.871  8.733   -9.019  1.00 16.04 ? 99  GLU A CB   1 
ATOM   875  C  CG   . GLU A 1 98 ? 12.316  7.407   -8.433  1.00 19.23 ? 99  GLU A CG   1 
ATOM   876  C  CD   . GLU A 1 98 ? 13.414  6.747   -9.242  1.00 20.71 ? 99  GLU A CD   1 
ATOM   877  O  OE1  . GLU A 1 98 ? 13.261  6.615   -10.475 1.00 19.87 ? 99  GLU A OE1  1 
ATOM   878  O  OE2  . GLU A 1 98 ? 14.434  6.357   -8.636  1.00 23.36 ? 99  GLU A OE2  1 
ATOM   879  O  OXT  . GLU A 1 98 ? 11.717  11.727  -8.984  1.00 18.20 ? 99  GLU A OXT  1 
ATOM   880  H  H    . GLU A 1 98 ? 9.248   8.670   -8.108  1.00 15.00 ? 99  GLU A H    1 
HETATM 881  CU CU   . CU  B 2 .  ? -3.830  -7.968  4.649   1.00 9.23  ? 275 CU  A CU   1 
HETATM 882  O  O    . HOH C 3 .  ? 3.617   -1.759  -3.504  1.00 2.89  ? 200 HOH A O    1 
HETATM 883  H  H1   . HOH C 3 .  ? 4.555   -1.977  -3.432  1.00 15.00 ? 200 HOH A H1   1 
HETATM 884  H  H2   . HOH C 3 .  ? 3.267   -2.516  -3.995  1.00 15.00 ? 200 HOH A H2   1 
HETATM 885  O  O    . HOH C 3 .  ? 6.254   0.289   -11.058 1.00 10.82 ? 201 HOH A O    1 
HETATM 886  H  H1   . HOH C 3 .  ? 6.837   -0.013  -11.757 1.00 15.00 ? 201 HOH A H1   1 
HETATM 887  H  H2   . HOH C 3 .  ? 5.642   0.894   -11.499 1.00 15.00 ? 201 HOH A H2   1 
HETATM 888  O  O    . HOH C 3 .  ? -2.947  -3.160  -12.563 1.00 42.18 ? 202 HOH A O    1 
HETATM 889  H  H1   . HOH C 3 .  ? -2.421  -2.678  -13.210 1.00 15.00 ? 202 HOH A H1   1 
HETATM 890  H  H2   . HOH C 3 .  ? -3.785  -2.647  -12.607 1.00 15.00 ? 202 HOH A H2   1 
HETATM 891  O  O    . HOH C 3 .  ? -6.162  -23.136 -3.508  1.00 39.68 ? 203 HOH A O    1 
HETATM 892  H  H1   . HOH C 3 .  ? -6.049  -22.236 -3.879  1.00 15.00 ? 203 HOH A H1   1 
HETATM 893  H  H2   . HOH C 3 .  ? -7.118  -23.228 -3.545  1.00 15.00 ? 203 HOH A H2   1 
HETATM 894  O  O    . HOH C 3 .  ? 6.722   -8.529  -9.531  1.00 20.86 ? 204 HOH A O    1 
HETATM 895  H  H1   . HOH C 3 .  ? 6.584   -7.710  -10.052 1.00 15.00 ? 204 HOH A H1   1 
HETATM 896  H  H2   . HOH C 3 .  ? 7.676   -8.691  -9.598  1.00 15.00 ? 204 HOH A H2   1 
HETATM 897  O  O    . HOH C 3 .  ? -6.478  -20.433 -4.293  1.00 40.73 ? 205 HOH A O    1 
HETATM 898  H  H1   . HOH C 3 .  ? -7.292  -20.098 -3.879  1.00 15.00 ? 205 HOH A H1   1 
HETATM 899  H  H2   . HOH C 3 .  ? -6.504  -20.050 -5.176  1.00 15.00 ? 205 HOH A H2   1 
HETATM 900  O  O    . HOH C 3 .  ? 12.654  11.114  2.875   1.00 8.04  ? 206 HOH A O    1 
HETATM 901  H  H1   . HOH C 3 .  ? 13.153  10.468  3.393   1.00 15.00 ? 206 HOH A H1   1 
HETATM 902  H  H2   . HOH C 3 .  ? 12.255  11.624  3.592   1.00 15.00 ? 206 HOH A H2   1 
HETATM 903  O  O    . HOH C 3 .  ? -7.183  -20.020 -10.237 1.00 33.06 ? 207 HOH A O    1 
HETATM 904  H  H1   . HOH C 3 .  ? -6.719  -19.752 -9.421  1.00 15.00 ? 207 HOH A H1   1 
HETATM 905  H  H2   . HOH C 3 .  ? -6.703  -19.525 -10.908 1.00 15.00 ? 207 HOH A H2   1 
HETATM 906  O  O    . HOH C 3 .  ? -5.719  -18.963 -7.952  1.00 38.66 ? 208 HOH A O    1 
HETATM 907  H  H1   . HOH C 3 .  ? -4.832  -19.263 -7.718  1.00 15.00 ? 208 HOH A H1   1 
HETATM 908  H  H2   . HOH C 3 .  ? -5.710  -18.036 -7.661  1.00 15.00 ? 208 HOH A H2   1 
HETATM 909  O  O    . HOH C 3 .  ? -0.368  -16.283 2.258   1.00 11.73 ? 209 HOH A O    1 
HETATM 910  H  H1   . HOH C 3 .  ? -1.227  -16.548 2.623   1.00 15.00 ? 209 HOH A H1   1 
HETATM 911  H  H2   . HOH C 3 .  ? 0.226   -16.882 2.724   1.00 15.00 ? 209 HOH A H2   1 
HETATM 912  O  O    . HOH C 3 .  ? 3.492   -8.397  0.014   1.00 8.81  ? 210 HOH A O    1 
HETATM 913  H  H1   . HOH C 3 .  ? 4.049   -7.618  0.104   1.00 15.00 ? 210 HOH A H1   1 
HETATM 914  H  H2   . HOH C 3 .  ? 4.149   -9.025  -0.344  1.00 15.00 ? 210 HOH A H2   1 
HETATM 915  O  O    . HOH C 3 .  ? 5.669   -10.172 -0.803  1.00 23.45 ? 211 HOH A O    1 
HETATM 916  H  H1   . HOH C 3 .  ? 5.534   -10.663 0.014   1.00 15.00 ? 211 HOH A H1   1 
HETATM 917  H  H2   . HOH C 3 .  ? 6.256   -10.787 -1.289  1.00 15.00 ? 211 HOH A H2   1 
HETATM 918  O  O    . HOH C 3 .  ? 3.708   -9.908  -4.495  1.00 15.23 ? 212 HOH A O    1 
HETATM 919  H  H1   . HOH C 3 .  ? 3.548   -9.200  -3.857  1.00 15.00 ? 212 HOH A H1   1 
HETATM 920  H  H2   . HOH C 3 .  ? 4.674   -9.936  -4.573  1.00 15.00 ? 212 HOH A H2   1 
HETATM 921  O  O    . HOH C 3 .  ? -3.695  12.853  -7.462  1.00 29.34 ? 213 HOH A O    1 
HETATM 922  H  H1   . HOH C 3 .  ? -3.512  12.554  -6.552  1.00 15.00 ? 213 HOH A H1   1 
HETATM 923  H  H2   . HOH C 3 .  ? -2.897  13.366  -7.649  1.00 15.00 ? 213 HOH A H2   1 
HETATM 924  O  O    . HOH C 3 .  ? -9.812  -12.105 -8.156  1.00 18.11 ? 214 HOH A O    1 
HETATM 925  H  H1   . HOH C 3 .  ? -9.303  -11.306 -7.962  1.00 15.00 ? 214 HOH A H1   1 
HETATM 926  H  H2   . HOH C 3 .  ? -10.408 -12.122 -7.379  1.00 15.00 ? 214 HOH A H2   1 
HETATM 927  O  O    . HOH C 3 .  ? -11.659 -13.930 0.319   1.00 25.00 ? 215 HOH A O    1 
HETATM 928  H  H1   . HOH C 3 .  ? -11.606 -14.212 1.243   1.00 15.00 ? 215 HOH A H1   1 
HETATM 929  H  H2   . HOH C 3 .  ? -12.320 -14.531 -0.040  1.00 15.00 ? 215 HOH A H2   1 
HETATM 930  O  O    . HOH C 3 .  ? -10.376 -14.041 3.854   1.00 33.38 ? 216 HOH A O    1 
HETATM 931  H  H1   . HOH C 3 .  ? -10.352 -13.280 4.450   1.00 15.00 ? 216 HOH A H1   1 
HETATM 932  H  H2   . HOH C 3 .  ? -9.655  -14.575 4.259   1.00 15.00 ? 216 HOH A H2   1 
HETATM 933  O  O    . HOH C 3 .  ? 9.630   4.254   4.403   1.00 22.70 ? 217 HOH A O    1 
HETATM 934  H  H1   . HOH C 3 .  ? 10.008  4.775   3.676   1.00 15.00 ? 217 HOH A H1   1 
HETATM 935  H  H2   . HOH C 3 .  ? 10.244  4.453   5.128   1.00 15.00 ? 217 HOH A H2   1 
HETATM 936  O  O    . HOH C 3 .  ? 12.952  7.714   1.622   1.00 4.73  ? 218 HOH A O    1 
HETATM 937  H  H1   . HOH C 3 .  ? 12.630  7.069   2.262   1.00 15.00 ? 218 HOH A H1   1 
HETATM 938  H  H2   . HOH C 3 .  ? 12.702  8.551   2.052   1.00 15.00 ? 218 HOH A H2   1 
HETATM 939  O  O    . HOH C 3 .  ? -8.354  -15.137 5.209   1.00 28.29 ? 219 HOH A O    1 
HETATM 940  H  H1   . HOH C 3 .  ? -7.919  -14.402 5.694   1.00 15.00 ? 219 HOH A H1   1 
HETATM 941  H  H2   . HOH C 3 .  ? -7.695  -15.840 5.268   1.00 15.00 ? 219 HOH A H2   1 
HETATM 942  O  O    . HOH C 3 .  ? 3.173   2.837   -12.002 1.00 40.08 ? 220 HOH A O    1 
HETATM 943  H  H1   . HOH C 3 .  ? 2.835   3.476   -11.363 1.00 15.00 ? 220 HOH A H1   1 
HETATM 944  H  H2   . HOH C 3 .  ? 2.534   2.123   -11.947 1.00 15.00 ? 220 HOH A H2   1 
HETATM 945  O  O    . HOH C 3 .  ? 1.828   -4.750  -12.444 1.00 30.75 ? 221 HOH A O    1 
HETATM 946  H  H1   . HOH C 3 .  ? 1.204   -4.241  -11.909 1.00 15.00 ? 221 HOH A H1   1 
HETATM 947  H  H2   . HOH C 3 .  ? 2.407   -4.053  -12.769 1.00 15.00 ? 221 HOH A H2   1 
HETATM 948  O  O    . HOH C 3 .  ? -1.949  -4.697  -10.206 1.00 20.98 ? 222 HOH A O    1 
HETATM 949  H  H1   . HOH C 3 .  ? -2.317  -4.172  -10.938 1.00 15.00 ? 222 HOH A H1   1 
HETATM 950  H  H2   . HOH C 3 .  ? -1.646  -5.497  -10.637 1.00 15.00 ? 222 HOH A H2   1 
HETATM 951  O  O    . HOH C 3 .  ? -8.545  -19.037 0.263   1.00 35.73 ? 223 HOH A O    1 
HETATM 952  H  H1   . HOH C 3 .  ? -7.600  -18.989 0.004   1.00 15.00 ? 223 HOH A H1   1 
HETATM 953  H  H2   . HOH C 3 .  ? -8.544  -18.561 1.101   1.00 15.00 ? 223 HOH A H2   1 
HETATM 954  O  O    . HOH C 3 .  ? 3.084   -15.490 1.126   1.00 34.87 ? 224 HOH A O    1 
HETATM 955  H  H1   . HOH C 3 .  ? 2.395   -15.880 1.667   1.00 15.00 ? 224 HOH A H1   1 
HETATM 956  H  H2   . HOH C 3 .  ? 3.116   -14.578 1.488   1.00 15.00 ? 224 HOH A H2   1 
HETATM 957  O  O    . HOH C 3 .  ? 4.538   -9.889  -10.649 1.00 26.93 ? 225 HOH A O    1 
HETATM 958  H  H1   . HOH C 3 .  ? 5.297   -9.478  -10.195 1.00 15.00 ? 225 HOH A H1   1 
HETATM 959  H  H2   . HOH C 3 .  ? 4.126   -9.113  -11.067 1.00 15.00 ? 225 HOH A H2   1 
HETATM 960  O  O    . HOH C 3 .  ? 2.274   -12.830 -9.340  1.00 30.76 ? 226 HOH A O    1 
HETATM 961  H  H1   . HOH C 3 .  ? 2.744   -12.013 -9.575  1.00 15.00 ? 226 HOH A H1   1 
HETATM 962  H  H2   . HOH C 3 .  ? 1.672   -12.522 -8.641  1.00 15.00 ? 226 HOH A H2   1 
HETATM 963  O  O    . HOH C 3 .  ? 5.506   -8.534  -6.981  1.00 17.14 ? 227 HOH A O    1 
HETATM 964  H  H1   . HOH C 3 .  ? 5.910   -8.645  -7.865  1.00 15.00 ? 227 HOH A H1   1 
HETATM 965  H  H2   . HOH C 3 .  ? 5.946   -9.237  -6.462  1.00 15.00 ? 227 HOH A H2   1 
HETATM 966  O  O    . HOH C 3 .  ? 7.389   -12.198 -2.018  1.00 57.00 ? 228 HOH A O    1 
HETATM 967  H  H1   . HOH C 3 .  ? 8.256   -12.502 -1.710  1.00 15.00 ? 228 HOH A H1   1 
HETATM 968  H  H2   . HOH C 3 .  ? 7.419   -12.530 -2.930  1.00 15.00 ? 228 HOH A H2   1 
HETATM 969  O  O    . HOH C 3 .  ? 6.193   -3.600  -10.229 1.00 18.75 ? 229 HOH A O    1 
HETATM 970  H  H1   . HOH C 3 .  ? 6.387   -3.138  -9.399  1.00 15.00 ? 229 HOH A H1   1 
HETATM 971  H  H2   . HOH C 3 .  ? 6.855   -3.225  -10.841 1.00 15.00 ? 229 HOH A H2   1 
HETATM 972  O  O    . HOH C 3 .  ? 8.275   -4.728  -0.704  1.00 21.46 ? 230 HOH A O    1 
HETATM 973  H  H1   . HOH C 3 .  ? 8.698   -5.580  -0.859  1.00 15.00 ? 230 HOH A H1   1 
HETATM 974  H  H2   . HOH C 3 .  ? 8.356   -4.317  -1.570  1.00 15.00 ? 230 HOH A H2   1 
HETATM 975  O  O    . HOH C 3 .  ? 10.743  9.821   10.497  1.00 20.55 ? 231 HOH A O    1 
HETATM 976  H  H1   . HOH C 3 .  ? 10.835  9.026   11.024  1.00 15.00 ? 231 HOH A H1   1 
HETATM 977  H  H2   . HOH C 3 .  ? 10.427  9.446   9.661   1.00 15.00 ? 231 HOH A H2   1 
HETATM 978  O  O    . HOH C 3 .  ? 3.283   7.872   11.109  1.00 13.40 ? 232 HOH A O    1 
HETATM 979  H  H1   . HOH C 3 .  ? 3.663   8.382   10.389  1.00 15.00 ? 232 HOH A H1   1 
HETATM 980  H  H2   . HOH C 3 .  ? 2.790   7.176   10.629  1.00 15.00 ? 232 HOH A H2   1 
HETATM 981  O  O    . HOH C 3 .  ? -5.345  6.091   8.329   1.00 29.18 ? 233 HOH A O    1 
HETATM 982  H  H1   . HOH C 3 .  ? -4.914  6.353   9.167   1.00 15.00 ? 233 HOH A H1   1 
HETATM 983  H  H2   . HOH C 3 .  ? -4.889  6.677   7.712   1.00 15.00 ? 233 HOH A H2   1 
HETATM 984  O  O    . HOH C 3 .  ? -16.460 -9.299  -1.978  1.00 29.46 ? 234 HOH A O    1 
HETATM 985  H  H1   . HOH C 3 .  ? -15.816 -9.991  -2.161  1.00 15.00 ? 234 HOH A H1   1 
HETATM 986  H  H2   . HOH C 3 .  ? -16.985 -9.231  -2.786  1.00 15.00 ? 234 HOH A H2   1 
HETATM 987  O  O    . HOH C 3 .  ? -16.211 -9.853  -6.376  1.00 33.50 ? 235 HOH A O    1 
HETATM 988  H  H1   . HOH C 3 .  ? -16.146 -9.653  -7.311  1.00 15.00 ? 235 HOH A H1   1 
HETATM 989  H  H2   . HOH C 3 .  ? -15.461 -10.474 -6.284  1.00 15.00 ? 235 HOH A H2   1 
HETATM 990  O  O    . HOH C 3 .  ? -16.838 -1.805  -5.997  1.00 40.95 ? 236 HOH A O    1 
HETATM 991  H  H1   . HOH C 3 .  ? -17.501 -1.999  -6.675  1.00 15.00 ? 236 HOH A H1   1 
HETATM 992  H  H2   . HOH C 3 .  ? -16.988 -2.517  -5.366  1.00 15.00 ? 236 HOH A H2   1 
HETATM 993  O  O    . HOH C 3 .  ? -13.494 1.770   -4.448  1.00 22.93 ? 237 HOH A O    1 
HETATM 994  H  H1   . HOH C 3 .  ? -14.117 2.370   -4.013  1.00 15.00 ? 237 HOH A H1   1 
HETATM 995  H  H2   . HOH C 3 .  ? -14.086 1.185   -4.934  1.00 15.00 ? 237 HOH A H2   1 
HETATM 996  O  O    . HOH C 3 .  ? -9.804  4.823   -4.132  1.00 12.27 ? 238 HOH A O    1 
HETATM 997  H  H1   . HOH C 3 .  ? -9.984  3.960   -4.544  1.00 15.00 ? 238 HOH A H1   1 
HETATM 998  H  H2   . HOH C 3 .  ? -8.874  4.961   -4.372  1.00 15.00 ? 238 HOH A H2   1 
HETATM 999  O  O    . HOH C 3 .  ? -11.800 5.589   -2.225  1.00 11.09 ? 239 HOH A O    1 
HETATM 1000 H  H1   . HOH C 3 .  ? -11.051 5.171   -2.694  1.00 15.00 ? 239 HOH A H1   1 
HETATM 1001 H  H2   . HOH C 3 .  ? -11.471 5.651   -1.319  1.00 15.00 ? 239 HOH A H2   1 
HETATM 1002 O  O    . HOH C 3 .  ? -8.834  6.425   4.166   1.00 16.20 ? 240 HOH A O    1 
HETATM 1003 H  H1   . HOH C 3 .  ? -9.714  6.671   3.789   1.00 15.00 ? 240 HOH A H1   1 
HETATM 1004 H  H2   . HOH C 3 .  ? -9.006  6.622   5.093   1.00 15.00 ? 240 HOH A H2   1 
HETATM 1005 O  O    . HOH C 3 .  ? -8.943  6.713   -0.259  1.00 15.31 ? 241 HOH A O    1 
HETATM 1006 H  H1   . HOH C 3 .  ? -9.052  7.501   -0.808  1.00 15.00 ? 241 HOH A H1   1 
HETATM 1007 H  H2   . HOH C 3 .  ? -9.865  6.586   0.048   1.00 15.00 ? 241 HOH A H2   1 
HETATM 1008 O  O    . HOH C 3 .  ? -12.580 3.014   0.433   1.00 27.81 ? 242 HOH A O    1 
HETATM 1009 H  H1   . HOH C 3 .  ? -12.379 3.137   -0.502  1.00 15.00 ? 242 HOH A H1   1 
HETATM 1010 H  H2   . HOH C 3 .  ? -11.734 2.702   0.760   1.00 15.00 ? 242 HOH A H2   1 
HETATM 1011 O  O    . HOH C 3 .  ? -4.047  9.781   1.586   1.00 19.94 ? 243 HOH A O    1 
HETATM 1012 H  H1   . HOH C 3 .  ? -3.355  10.362  1.947   1.00 15.00 ? 243 HOH A H1   1 
HETATM 1013 H  H2   . HOH C 3 .  ? -4.375  9.412   2.432   1.00 15.00 ? 243 HOH A H2   1 
HETATM 1014 O  O    . HOH C 3 .  ? 4.887   12.057  -0.744  1.00 12.75 ? 244 HOH A O    1 
HETATM 1015 H  H1   . HOH C 3 .  ? 5.672   11.496  -0.874  1.00 15.00 ? 244 HOH A H1   1 
HETATM 1016 H  H2   . HOH C 3 .  ? 5.030   12.314  0.172   1.00 15.00 ? 244 HOH A H2   1 
HETATM 1017 O  O    . HOH C 3 .  ? 1.411   13.408  0.265   1.00 45.64 ? 245 HOH A O    1 
HETATM 1018 H  H1   . HOH C 3 .  ? 1.863   12.604  -0.004  1.00 15.00 ? 245 HOH A H1   1 
HETATM 1019 H  H2   . HOH C 3 .  ? 0.616   13.067  0.687   1.00 15.00 ? 245 HOH A H2   1 
HETATM 1020 O  O    . HOH C 3 .  ? 7.173   18.230  -4.002  1.00 11.15 ? 246 HOH A O    1 
HETATM 1021 H  H1   . HOH C 3 .  ? 6.734   18.259  -3.147  1.00 15.00 ? 246 HOH A H1   1 
HETATM 1022 H  H2   . HOH C 3 .  ? 6.856   17.380  -4.351  1.00 15.00 ? 246 HOH A H2   1 
HETATM 1023 O  O    . HOH C 3 .  ? 7.607   20.545  -1.534  1.00 32.44 ? 247 HOH A O    1 
HETATM 1024 H  H1   . HOH C 3 .  ? 6.695   20.430  -1.827  1.00 15.00 ? 247 HOH A H1   1 
HETATM 1025 H  H2   . HOH C 3 .  ? 7.526   21.259  -0.892  1.00 15.00 ? 247 HOH A H2   1 
HETATM 1026 O  O    . HOH C 3 .  ? 10.451  11.527  1.308   1.00 15.78 ? 248 HOH A O    1 
HETATM 1027 H  H1   . HOH C 3 .  ? 10.770  11.806  0.451   1.00 15.00 ? 248 HOH A H1   1 
HETATM 1028 H  H2   . HOH C 3 .  ? 11.283  11.333  1.778   1.00 15.00 ? 248 HOH A H2   1 
HETATM 1029 O  O    . HOH C 3 .  ? 14.524  7.228   -2.013  1.00 15.81 ? 249 HOH A O    1 
HETATM 1030 H  H1   . HOH C 3 .  ? 14.273  6.408   -1.564  1.00 15.00 ? 249 HOH A H1   1 
HETATM 1031 H  H2   . HOH C 3 .  ? 14.778  7.815   -1.261  1.00 15.00 ? 249 HOH A H2   1 
HETATM 1032 O  O    . HOH C 3 .  ? 16.772  5.777   -3.257  1.00 36.98 ? 250 HOH A O    1 
HETATM 1033 H  H1   . HOH C 3 .  ? 16.081  6.265   -2.778  1.00 15.00 ? 250 HOH A H1   1 
HETATM 1034 H  H2   . HOH C 3 .  ? 17.422  5.602   -2.552  1.00 15.00 ? 250 HOH A H2   1 
HETATM 1035 O  O    . HOH C 3 .  ? 6.841   -2.565  6.442   1.00 14.36 ? 251 HOH A O    1 
HETATM 1036 H  H1   . HOH C 3 .  ? 7.486   -3.213  6.119   1.00 15.00 ? 251 HOH A H1   1 
HETATM 1037 H  H2   . HOH C 3 .  ? 6.241   -2.484  5.696   1.00 15.00 ? 251 HOH A H2   1 
HETATM 1038 O  O    . HOH C 3 .  ? 0.147   8.310   -14.231 1.00 23.22 ? 252 HOH A O    1 
HETATM 1039 H  H1   . HOH C 3 .  ? 0.059   8.908   -14.988 1.00 15.00 ? 252 HOH A H1   1 
HETATM 1040 H  H2   . HOH C 3 .  ? -0.064  8.906   -13.498 1.00 15.00 ? 252 HOH A H2   1 
HETATM 1041 O  O    . HOH C 3 .  ? -1.581  10.595  -16.050 1.00 41.53 ? 253 HOH A O    1 
HETATM 1042 H  H1   . HOH C 3 .  ? -1.579  10.926  -15.131 1.00 15.00 ? 253 HOH A H1   1 
HETATM 1043 H  H2   . HOH C 3 .  ? -2.370  11.016  -16.413 1.00 15.00 ? 253 HOH A H2   1 
HETATM 1044 O  O    . HOH C 3 .  ? 1.620   11.614  -14.389 1.00 22.60 ? 254 HOH A O    1 
HETATM 1045 H  H1   . HOH C 3 .  ? 1.876   11.280  -15.258 1.00 15.00 ? 254 HOH A H1   1 
HETATM 1046 H  H2   . HOH C 3 .  ? 2.452   12.025  -14.102 1.00 15.00 ? 254 HOH A H2   1 
HETATM 1047 O  O    . HOH C 3 .  ? -5.215  -1.612  -13.127 1.00 30.23 ? 255 HOH A O    1 
HETATM 1048 H  H1   . HOH C 3 .  ? -5.851  -1.939  -13.779 1.00 15.00 ? 255 HOH A H1   1 
HETATM 1049 H  H2   . HOH C 3 .  ? -5.182  -0.673  -13.338 1.00 15.00 ? 255 HOH A H2   1 
HETATM 1050 O  O    . HOH C 3 .  ? 0.792   -2.071  -10.736 1.00 34.61 ? 256 HOH A O    1 
HETATM 1051 H  H1   . HOH C 3 .  ? 1.221   -1.957  -9.883  1.00 15.00 ? 256 HOH A H1   1 
HETATM 1052 H  H2   . HOH C 3 .  ? -0.041  -2.489  -10.458 1.00 15.00 ? 256 HOH A H2   1 
HETATM 1053 O  O    . HOH C 3 .  ? 2.940   -13.113 2.561   1.00 14.17 ? 257 HOH A O    1 
HETATM 1054 H  H1   . HOH C 3 .  ? 3.518   -13.005 3.320   1.00 15.00 ? 257 HOH A H1   1 
HETATM 1055 H  H2   . HOH C 3 .  ? 2.312   -12.396 2.697   1.00 15.00 ? 257 HOH A H2   1 
HETATM 1056 O  O    . HOH C 3 .  ? -0.091  17.816  -7.071  1.00 14.43 ? 258 HOH A O    1 
HETATM 1057 H  H1   . HOH C 3 .  ? -0.587  18.371  -7.694  1.00 15.00 ? 258 HOH A H1   1 
HETATM 1058 H  H2   . HOH C 3 .  ? -0.297  18.249  -6.216  1.00 15.00 ? 258 HOH A H2   1 
HETATM 1059 O  O    . HOH C 3 .  ? -11.195 -18.200 -5.268  1.00 40.84 ? 259 HOH A O    1 
HETATM 1060 H  H1   . HOH C 3 .  ? -12.076 -18.363 -5.614  1.00 15.00 ? 259 HOH A H1   1 
HETATM 1061 H  H2   . HOH C 3 .  ? -10.833 -17.568 -5.897  1.00 15.00 ? 259 HOH A H2   1 
HETATM 1062 O  O    . HOH C 3 .  ? 2.047   5.940   9.471   1.00 26.53 ? 260 HOH A O    1 
HETATM 1063 H  H1   . HOH C 3 .  ? 1.363   5.586   8.890   1.00 15.00 ? 260 HOH A H1   1 
HETATM 1064 H  H2   . HOH C 3 .  ? 2.701   5.226   9.449   1.00 15.00 ? 260 HOH A H2   1 
HETATM 1065 O  O    . HOH C 3 .  ? -4.864  8.969   4.151   1.00 29.98 ? 261 HOH A O    1 
HETATM 1066 H  H1   . HOH C 3 .  ? -4.361  9.762   4.399   1.00 15.00 ? 261 HOH A H1   1 
HETATM 1067 H  H2   . HOH C 3 .  ? -4.366  8.288   4.634   1.00 15.00 ? 261 HOH A H2   1 
HETATM 1068 O  O    . HOH C 3 .  ? -7.538  6.260   -7.662  1.00 20.14 ? 262 HOH A O    1 
HETATM 1069 H  H1   . HOH C 3 .  ? -8.359  5.852   -7.993  1.00 15.00 ? 262 HOH A H1   1 
HETATM 1070 H  H2   . HOH C 3 .  ? -7.076  6.438   -8.486  1.00 15.00 ? 262 HOH A H2   1 
HETATM 1071 O  O    . HOH C 3 .  ? 8.906   -3.758  4.544   1.00 26.76 ? 263 HOH A O    1 
HETATM 1072 H  H1   . HOH C 3 .  ? 9.585   -3.138  4.815   1.00 15.00 ? 263 HOH A H1   1 
HETATM 1073 H  H2   . HOH C 3 .  ? 8.985   -3.784  3.583   1.00 15.00 ? 263 HOH A H2   1 
HETATM 1074 O  O    . HOH C 3 .  ? 1.372   -12.921 -6.693  1.00 43.34 ? 264 HOH A O    1 
HETATM 1075 H  H1   . HOH C 3 .  ? 1.745   -12.315 -6.036  1.00 15.00 ? 264 HOH A H1   1 
HETATM 1076 H  H2   . HOH C 3 .  ? 2.151   -13.415 -6.968  1.00 15.00 ? 264 HOH A H2   1 
HETATM 1077 O  O    . HOH C 3 .  ? 6.701   -9.940  -5.010  1.00 27.30 ? 265 HOH A O    1 
HETATM 1078 H  H1   . HOH C 3 .  ? 7.376   -9.845  -4.324  1.00 15.00 ? 265 HOH A H1   1 
HETATM 1079 H  H2   . HOH C 3 .  ? 7.062   -10.760 -5.406  1.00 15.00 ? 265 HOH A H2   1 
HETATM 1080 O  O    . HOH C 3 .  ? -11.396 -11.680 -5.989  1.00 22.01 ? 266 HOH A O    1 
HETATM 1081 H  H1   . HOH C 3 .  ? -10.987 -10.802 -5.898  1.00 15.00 ? 266 HOH A H1   1 
HETATM 1082 H  H2   . HOH C 3 .  ? -11.484 -11.911 -5.054  1.00 15.00 ? 266 HOH A H2   1 
HETATM 1083 O  O    . HOH C 3 .  ? -12.738 -16.888 3.641   1.00 41.26 ? 267 HOH A O    1 
HETATM 1084 H  H1   . HOH C 3 .  ? -12.118 -17.314 4.253   1.00 15.00 ? 267 HOH A H1   1 
HETATM 1085 H  H2   . HOH C 3 .  ? -12.459 -15.968 3.696   1.00 15.00 ? 267 HOH A H2   1 
HETATM 1086 O  O    . HOH C 3 .  ? 5.166   15.378  7.398   1.00 39.45 ? 268 HOH A O    1 
HETATM 1087 H  H1   . HOH C 3 .  ? 5.833   15.189  6.727   1.00 15.00 ? 268 HOH A H1   1 
HETATM 1088 H  H2   . HOH C 3 .  ? 5.459   16.222  7.757   1.00 15.00 ? 268 HOH A H2   1 
HETATM 1089 O  O    . HOH C 3 .  ? -17.439 -7.484  -5.064  1.00 31.84 ? 269 HOH A O    1 
HETATM 1090 H  H1   . HOH C 3 .  ? -17.045 -8.305  -5.406  1.00 15.00 ? 269 HOH A H1   1 
HETATM 1091 H  H2   . HOH C 3 .  ? -16.673 -6.956  -4.811  1.00 15.00 ? 269 HOH A H2   1 
HETATM 1092 O  O    . HOH C 3 .  ? -14.050 -1.219  -7.835  1.00 30.82 ? 270 HOH A O    1 
HETATM 1093 H  H1   . HOH C 3 .  ? -13.401 -1.229  -7.116  1.00 15.00 ? 270 HOH A H1   1 
HETATM 1094 H  H2   . HOH C 3 .  ? -14.848 -1.493  -7.361  1.00 15.00 ? 270 HOH A H2   1 
HETATM 1095 O  O    . HOH C 3 .  ? -13.732 -9.739  -0.717  1.00 45.56 ? 271 HOH A O    1 
HETATM 1096 H  H1   . HOH C 3 .  ? -12.923 -10.253 -0.777  1.00 15.00 ? 271 HOH A H1   1 
HETATM 1097 H  H2   . HOH C 3 .  ? -13.498 -9.098  -0.030  1.00 15.00 ? 271 HOH A H2   1 
HETATM 1098 O  O    . HOH C 3 .  ? -10.809 -16.398 -8.590  1.00 34.13 ? 272 HOH A O    1 
HETATM 1099 H  H1   . HOH C 3 .  ? -10.529 -15.501 -8.386  1.00 15.00 ? 272 HOH A H1   1 
HETATM 1100 H  H2   . HOH C 3 .  ? -9.974  -16.863 -8.712  1.00 15.00 ? 272 HOH A H2   1 
HETATM 1101 O  O    . HOH C 3 .  ? -13.920 -11.449 -6.965  1.00 34.11 ? 273 HOH A O    1 
HETATM 1102 H  H1   . HOH C 3 .  ? -13.906 -11.996 -7.763  1.00 15.00 ? 273 HOH A H1   1 
HETATM 1103 H  H2   . HOH C 3 .  ? -13.003 -11.589 -6.643  1.00 15.00 ? 273 HOH A H2   1 
HETATM 1104 O  O    . HOH C 3 .  ? 6.932   4.550   4.746   1.00 13.62 ? 274 HOH A O    1 
HETATM 1105 H  H1   . HOH C 3 .  ? 7.897   4.544   4.844   1.00 15.00 ? 274 HOH A H1   1 
HETATM 1106 H  H2   . HOH C 3 .  ? 6.661   3.964   5.455   1.00 15.00 ? 274 HOH A H2   1 
# 
